data_4CAT
#
_entry.id   4CAT
#
_cell.length_a   144.400
_cell.length_b   144.400
_cell.length_c   133.800
_cell.angle_alpha   90.00
_cell.angle_beta   90.00
_cell.angle_gamma   120.00
#
_symmetry.space_group_name_H-M   'P 31 2 1'
#
loop_
_entity.id
_entity.type
_entity.pdbx_description
1 polymer CATALASE
2 non-polymer 'PROTOPORPHYRIN IX CONTAINING FE'
#
_entity_poly.entity_id   1
_entity_poly.type   'polypeptide(L)'
_entity_poly.pdbx_seq_one_letter_code
;(UNK)(UNK)(UNK)(UNK)(UNK)(UNK)(UNK)(UNK)(UNK)(UNK)(UNK)(UNK)(UNK)(UNK)(UNK)(UNK)
(UNK)(UNK)(UNK)(UNK)(UNK)(UNK)(UNK)(UNK)(UNK)(UNK)(UNK)(UNK)(UNK)(UNK)(UNK)(UNK)
(UNK)(UNK)(UNK)(UNK)(UNK)(UNK)(UNK)(UNK)(UNK)(UNK)(UNK)(UNK)(UNK)(UNK)(UNK)(UNK)
(UNK)(UNK)(UNK)(UNK)(UNK)(UNK)(UNK)(UNK)(UNK)(UNK)(UNK)(UNK)(UNK)(UNK)(UNK)(UNK)
(UNK)(UNK)(UNK)(UNK)(UNK)(UNK)(UNK)(UNK)(UNK)(UNK)(UNK)(UNK)(UNK)(UNK)(UNK)(UNK)
(UNK)(UNK)(UNK)(UNK)(UNK)(UNK)(UNK)(UNK)(UNK)(UNK)(UNK)(UNK)(UNK)(UNK)(UNK)(UNK)
(UNK)(UNK)(UNK)(UNK)(UNK)(UNK)(UNK)(UNK)(UNK)(UNK)(UNK)(UNK)(UNK)(UNK)(UNK)(UNK)
(UNK)(UNK)(UNK)(UNK)(UNK)(UNK)(UNK)(UNK)(UNK)(UNK)(UNK)(UNK)(UNK)(UNK)(UNK)(UNK)
(UNK)(UNK)(UNK)(UNK)(UNK)(UNK)(UNK)(UNK)(UNK)(UNK)(UNK)(UNK)(UNK)(UNK)(UNK)(UNK)
(UNK)(UNK)(UNK)(UNK)(UNK)(UNK)(UNK)(UNK)(UNK)(UNK)(UNK)(UNK)(UNK)(UNK)(UNK)(UNK)
(UNK)(UNK)(UNK)(UNK)(UNK)(UNK)(UNK)(UNK)(UNK)(UNK)(UNK)(UNK)(UNK)(UNK)(UNK)(UNK)
(UNK)(UNK)(UNK)(UNK)(UNK)(UNK)(UNK)(UNK)(UNK)(UNK)(UNK)(UNK)(UNK)(UNK)(UNK)(UNK)
(UNK)(UNK)(UNK)(UNK)(UNK)(UNK)(UNK)(UNK)(UNK)(UNK)(UNK)(UNK)(UNK)(UNK)(UNK)(UNK)
(UNK)(UNK)(UNK)(UNK)(UNK)(UNK)(UNK)(UNK)(UNK)(UNK)(UNK)(UNK)(UNK)(UNK)(UNK)(UNK)
(UNK)(UNK)(UNK)(UNK)(UNK)(UNK)(UNK)(UNK)(UNK)(UNK)(UNK)(UNK)(UNK)(UNK)(UNK)(UNK)
(UNK)(UNK)(UNK)(UNK)(UNK)(UNK)(UNK)(UNK)(UNK)(UNK)(UNK)(UNK)(UNK)(UNK)(UNK)(UNK)
(UNK)(UNK)(UNK)(UNK)(UNK)(UNK)(UNK)(UNK)(UNK)(UNK)(UNK)(UNK)(UNK)(UNK)(UNK)(UNK)
(UNK)(UNK)(UNK)(UNK)(UNK)(UNK)(UNK)(UNK)(UNK)(UNK)(UNK)(UNK)(UNK)(UNK)(UNK)(UNK)
(UNK)(UNK)(UNK)(UNK)(UNK)(UNK)(UNK)(UNK)(UNK)(UNK)(UNK)(UNK)(UNK)(UNK)(UNK)(UNK)
(UNK)(UNK)(UNK)(UNK)(UNK)(UNK)(UNK)(UNK)(UNK)(UNK)(UNK)(UNK)(UNK)(UNK)(UNK)(UNK)
(UNK)(UNK)(UNK)(UNK)(UNK)(UNK)(UNK)(UNK)(UNK)(UNK)(UNK)(UNK)(UNK)(UNK)(UNK)(UNK)
(UNK)(UNK)(UNK)(UNK)(UNK)(UNK)(UNK)(UNK)(UNK)(UNK)(UNK)(UNK)(UNK)(UNK)(UNK)(UNK)
(UNK)(UNK)(UNK)(UNK)(UNK)(UNK)(UNK)(UNK)(UNK)(UNK)(UNK)(UNK)(UNK)(UNK)(UNK)(UNK)
(UNK)(UNK)(UNK)(UNK)(UNK)(UNK)(UNK)(UNK)(UNK)(UNK)(UNK)(UNK)(UNK)(UNK)(UNK)(UNK)
(UNK)(UNK)(UNK)(UNK)(UNK)(UNK)(UNK)(UNK)(UNK)(UNK)(UNK)(UNK)(UNK)(UNK)(UNK)(UNK)
(UNK)(UNK)(UNK)(UNK)(UNK)(UNK)(UNK)(UNK)(UNK)(UNK)(UNK)(UNK)(UNK)(UNK)(UNK)(UNK)
(UNK)(UNK)(UNK)(UNK)(UNK)(UNK)(UNK)(UNK)(UNK)(UNK)(UNK)(UNK)(UNK)(UNK)(UNK)(UNK)
(UNK)(UNK)(UNK)(UNK)(UNK)(UNK)(UNK)(UNK)(UNK)(UNK)(UNK)(UNK)(UNK)(UNK)(UNK)(UNK)
(UNK)(UNK)(UNK)(UNK)(UNK)(UNK)(UNK)(UNK)(UNK)(UNK)(UNK)(UNK)(UNK)(UNK)(UNK)(UNK)
(UNK)(UNK)(UNK)(UNK)(UNK)(UNK)(UNK)(UNK)(UNK)(UNK)(UNK)(UNK)(UNK)(UNK)(UNK)(UNK)
(UNK)(UNK)(UNK)(UNK)(UNK)(UNK)(UNK)(UNK)(UNK)(UNK)(UNK)(UNK)(UNK)(UNK)(UNK)(UNK)
(UNK)(UNK)(UNK)(UNK)(UNK)(UNK)(UNK)(UNK)(UNK)(UNK)(UNK)(UNK)(UNK)(UNK)(UNK)(UNK)
(UNK)(UNK)(UNK)(UNK)(UNK)(UNK)(UNK)(UNK)(UNK)(UNK)(UNK)(UNK)(UNK)(UNK)(UNK)(UNK)
(UNK)(UNK)(UNK)(UNK)(UNK)(UNK)(UNK)(UNK)(UNK)(UNK)(UNK)(UNK)(UNK)(UNK)(UNK)(UNK)
(UNK)(UNK)(UNK)(UNK)(UNK)(UNK)(UNK)(UNK)(UNK)(UNK)(UNK)(UNK)(UNK)(UNK)(UNK)(UNK)
(UNK)(UNK)(UNK)(UNK)(UNK)(UNK)(UNK)(UNK)(UNK)(UNK)(UNK)(UNK)(UNK)(UNK)(UNK)(UNK)
(UNK)(UNK)(UNK)(UNK)(UNK)(UNK)(UNK)(UNK)(UNK)(UNK)(UNK)(UNK)(UNK)(UNK)(UNK)(UNK)
(UNK)(UNK)(UNK)(UNK)(UNK)(UNK)(UNK)(UNK)(UNK)(UNK)(UNK)(UNK)(UNK)(UNK)(UNK)(UNK)
(UNK)(UNK)(UNK)(UNK)(UNK)(UNK)(UNK)(UNK)(UNK)(UNK)(UNK)(UNK)(UNK)(UNK)(UNK)(UNK)
(UNK)(UNK)(UNK)(UNK)(UNK)(UNK)(UNK)(UNK)(UNK)(UNK)(UNK)(UNK)(UNK)(UNK)(UNK)(UNK)
(UNK)(UNK)(UNK)(UNK)(UNK)(UNK)(UNK)(UNK)(UNK)(UNK)(UNK)(UNK)(UNK)(UNK)(UNK)(UNK)
(UNK)(UNK)(UNK)
;
_entity_poly.pdbx_strand_id   A,B
#
# COMPACT_ATOMS: atom_id res chain seq x y z
N UNK A 1 21.35 5.82 -22.92
CA UNK A 1 22.20 6.70 -24.14
C UNK A 1 21.19 7.68 -24.81
N UNK A 2 20.30 7.09 -25.57
CA UNK A 2 19.01 7.72 -25.95
C UNK A 2 17.84 6.88 -25.39
N UNK A 3 16.79 6.74 -26.25
CA UNK A 3 15.57 5.93 -25.89
C UNK A 3 15.17 4.94 -27.01
N UNK A 4 16.14 4.45 -27.67
CA UNK A 4 15.94 3.51 -28.74
C UNK A 4 15.68 2.09 -28.18
N UNK A 5 14.71 2.02 -27.29
CA UNK A 5 14.14 0.75 -26.79
C UNK A 5 12.64 0.84 -26.88
N UNK A 6 12.23 1.66 -27.83
CA UNK A 6 10.91 2.24 -27.86
C UNK A 6 10.00 1.47 -28.81
N UNK A 7 9.05 0.81 -28.18
CA UNK A 7 7.99 0.11 -28.87
C UNK A 7 6.78 1.02 -28.99
N UNK A 8 6.72 1.68 -30.09
CA UNK A 8 5.51 2.28 -30.57
C UNK A 8 4.68 1.19 -31.17
N UNK A 9 3.61 0.90 -30.59
CA UNK A 9 2.87 -0.24 -30.99
C UNK A 9 1.74 0.23 -31.84
N UNK A 10 1.90 1.46 -32.27
CA UNK A 10 0.97 2.12 -33.14
C UNK A 10 0.65 1.19 -34.32
N UNK A 11 -0.53 1.37 -34.88
CA UNK A 11 -1.09 0.46 -35.93
C UNK A 11 -0.06 -0.64 -36.25
N UNK A 12 -0.13 -1.70 -35.46
CA UNK A 12 0.86 -2.78 -35.49
C UNK A 12 0.26 -4.10 -35.00
N UNK A 13 0.43 -5.11 -35.82
CA UNK A 13 -0.09 -6.47 -35.55
C UNK A 13 0.58 -7.03 -34.27
N UNK A 14 0.15 -8.24 -33.94
CA UNK A 14 0.58 -8.94 -32.74
C UNK A 14 1.61 -9.94 -33.08
N UNK A 15 2.78 -9.61 -32.66
CA UNK A 15 3.90 -10.47 -32.79
C UNK A 15 4.02 -11.35 -31.55
N UNK A 16 5.04 -12.14 -31.59
CA UNK A 16 5.64 -12.76 -30.44
C UNK A 16 7.14 -12.53 -30.50
N UNK A 17 7.76 -12.55 -29.36
CA UNK A 17 9.18 -12.18 -29.23
C UNK A 17 10.07 -13.09 -29.99
N UNK A 18 9.46 -13.91 -30.71
CA UNK A 18 9.98 -14.38 -31.94
C UNK A 18 9.12 -13.84 -33.03
N UNK A 19 9.48 -12.63 -33.44
CA UNK A 19 8.66 -11.84 -34.35
C UNK A 19 7.77 -12.76 -35.17
N UNK A 20 6.67 -13.15 -34.55
CA UNK A 20 5.81 -14.21 -35.08
C UNK A 20 4.35 -13.75 -35.17
N UNK A 21 3.92 -13.52 -36.38
CA UNK A 21 2.53 -13.08 -36.67
C UNK A 21 1.47 -14.01 -35.87
N UNK A 22 1.05 -13.57 -34.59
CA UNK A 22 0.28 -14.52 -33.59
C UNK A 22 -1.03 -13.85 -32.92
N UNK A 23 -1.98 -14.75 -32.49
CA UNK A 23 -3.30 -14.37 -31.84
C UNK A 23 -3.11 -14.18 -30.32
N UNK A 24 -4.07 -13.47 -29.73
CA UNK A 24 -4.01 -13.11 -28.32
C UNK A 24 -5.15 -13.80 -27.51
N UNK A 25 -6.22 -14.18 -28.19
CA UNK A 25 -7.51 -14.54 -27.50
C UNK A 25 -7.65 -16.13 -27.44
N UNK A 26 -8.93 -16.58 -27.47
CA UNK A 26 -9.33 -18.05 -27.27
C UNK A 26 -8.17 -19.03 -27.66
N UNK A 27 -7.83 -19.91 -26.70
CA UNK A 27 -6.69 -20.91 -26.82
C UNK A 27 -6.98 -21.96 -27.96
N UNK A 28 -6.31 -23.15 -27.80
CA UNK A 28 -6.29 -24.24 -28.87
C UNK A 28 -6.76 -25.60 -28.27
N UNK A 29 -8.07 -25.84 -28.36
CA UNK A 29 -8.74 -26.92 -27.56
C UNK A 29 -9.25 -28.00 -28.51
N UNK A 30 -9.61 -29.13 -27.93
CA UNK A 30 -10.21 -30.24 -28.69
C UNK A 30 -11.14 -29.68 -29.79
N UNK A 31 -12.23 -29.11 -29.29
CA UNK A 31 -13.22 -28.36 -30.10
C UNK A 31 -13.99 -27.40 -29.16
N UNK A 32 -15.15 -26.97 -29.63
CA UNK A 32 -16.04 -26.08 -28.82
C UNK A 32 -15.86 -26.38 -27.27
N UNK A 33 -16.35 -27.59 -26.85
CA UNK A 33 -16.26 -28.06 -25.42
C UNK A 33 -14.82 -28.50 -25.09
N UNK A 34 -13.97 -27.49 -24.95
CA UNK A 34 -12.52 -27.59 -25.22
C UNK A 34 -11.78 -28.41 -24.16
N UNK A 35 -10.83 -29.20 -24.68
CA UNK A 35 -9.59 -29.60 -23.95
C UNK A 35 -8.46 -28.64 -24.37
N UNK A 36 -7.45 -28.52 -23.51
CA UNK A 36 -6.36 -27.52 -23.70
C UNK A 36 -5.02 -28.21 -24.12
N UNK A 37 -4.52 -27.82 -25.30
CA UNK A 37 -3.33 -28.49 -25.97
C UNK A 37 -2.04 -27.67 -25.73
N UNK A 38 -0.92 -28.38 -25.86
CA UNK A 38 0.38 -27.93 -25.32
C UNK A 38 1.23 -27.23 -26.40
N UNK A 39 0.80 -27.33 -27.63
CA UNK A 39 1.44 -26.60 -28.74
C UNK A 39 0.85 -25.21 -28.86
N UNK A 40 0.09 -24.86 -27.82
CA UNK A 40 -0.45 -23.51 -27.64
C UNK A 40 0.65 -22.59 -27.17
N UNK A 41 1.71 -22.63 -27.96
CA UNK A 41 2.85 -21.75 -27.83
C UNK A 41 2.39 -20.34 -27.42
N UNK A 42 1.08 -20.17 -27.50
CA UNK A 42 0.42 -18.88 -27.27
C UNK A 42 0.00 -18.76 -25.80
N UNK A 43 -0.32 -19.90 -25.21
CA UNK A 43 -0.70 -19.99 -23.78
C UNK A 43 0.54 -19.76 -22.91
N UNK A 44 1.66 -20.26 -23.42
CA UNK A 44 2.97 -20.14 -22.77
C UNK A 44 3.51 -18.73 -22.94
N UNK A 45 3.72 -18.40 -24.20
CA UNK A 45 4.29 -17.11 -24.59
C UNK A 45 3.65 -15.98 -23.77
N UNK A 46 2.35 -16.16 -23.55
CA UNK A 46 1.51 -15.20 -22.83
C UNK A 46 1.55 -15.44 -21.30
N UNK A 47 1.21 -16.69 -20.92
CA UNK A 47 1.04 -17.09 -19.49
C UNK A 47 2.39 -16.95 -18.75
N UNK A 48 3.39 -17.39 -19.47
CA UNK A 48 4.80 -17.28 -19.07
C UNK A 48 5.14 -15.83 -18.65
N UNK A 49 4.81 -14.92 -19.57
CA UNK A 49 5.16 -13.50 -19.46
C UNK A 49 4.51 -12.87 -18.21
N UNK A 50 3.18 -12.96 -18.19
CA UNK A 50 2.39 -12.42 -17.06
C UNK A 50 2.77 -13.13 -15.77
N UNK A 51 2.94 -14.42 -15.89
CA UNK A 51 3.47 -15.26 -14.82
C UNK A 51 5.00 -14.83 -14.54
N UNK A 52 5.47 -13.61 -15.23
CA UNK A 52 7.06 -13.18 -15.35
C UNK A 52 7.28 -11.51 -15.52
N UNK A 53 6.22 -10.87 -15.24
CA UNK A 53 6.13 -9.45 -15.17
C UNK A 53 7.06 -8.90 -14.03
N UNK A 54 6.75 -9.29 -12.77
CA UNK A 54 7.19 -8.53 -11.53
C UNK A 54 8.62 -8.94 -11.04
N UNK A 55 9.42 -7.88 -10.75
CA UNK A 55 10.80 -8.00 -10.17
C UNK A 55 10.83 -7.36 -8.73
N UNK A 56 11.82 -7.82 -7.96
CA UNK A 56 11.84 -7.71 -6.46
C UNK A 56 11.63 -6.24 -5.98
N UNK A 57 10.99 -6.15 -4.78
CA UNK A 57 10.84 -4.88 -3.99
C UNK A 57 12.22 -4.22 -3.83
N UNK A 58 12.14 -3.03 -3.35
CA UNK A 58 13.27 -2.28 -2.86
C UNK A 58 13.67 -2.99 -1.50
N UNK A 59 14.78 -2.70 -1.01
CA UNK A 59 15.27 -3.36 0.17
C UNK A 59 14.86 -2.56 1.38
N UNK A 60 14.55 -1.30 1.10
CA UNK A 60 14.41 -0.31 2.12
C UNK A 60 13.36 0.75 1.70
N UNK A 61 13.40 1.11 0.43
CA UNK A 61 12.40 2.03 -0.19
C UNK A 61 11.98 1.50 -1.54
N UNK A 62 10.74 1.10 -1.60
CA UNK A 62 10.11 0.71 -2.86
C UNK A 62 9.28 1.86 -3.39
N UNK A 63 8.34 2.23 -2.58
CA UNK A 63 7.51 3.38 -2.84
C UNK A 63 8.22 4.31 -3.77
N UNK A 64 7.68 4.35 -4.97
CA UNK A 64 8.45 4.74 -6.16
C UNK A 64 7.78 5.92 -6.90
N UNK A 65 8.66 6.85 -7.35
CA UNK A 65 8.27 8.03 -8.20
C UNK A 65 9.43 8.40 -9.20
N UNK A 66 9.02 8.98 -10.37
CA UNK A 66 9.92 9.18 -11.57
C UNK A 66 9.86 10.64 -12.11
N UNK A 67 11.06 11.14 -12.48
CA UNK A 67 11.26 12.52 -12.98
C UNK A 67 12.49 12.56 -13.93
N UNK A 68 12.36 13.28 -15.04
CA UNK A 68 13.36 13.22 -16.15
C UNK A 68 13.80 14.63 -16.59
N UNK A 69 14.76 15.18 -15.86
CA UNK A 69 15.21 16.61 -16.04
C UNK A 69 16.65 16.70 -16.61
N UNK A 70 17.34 17.74 -16.14
CA UNK A 70 18.71 18.12 -16.56
C UNK A 70 19.32 19.11 -15.56
N UNK A 71 20.63 19.03 -15.46
CA UNK A 71 21.44 20.05 -14.76
C UNK A 71 22.05 20.99 -15.78
N UNK A 72 22.52 22.07 -15.27
CA UNK A 72 23.17 23.10 -16.05
C UNK A 72 23.99 23.98 -15.15
N UNK A 73 25.26 23.72 -15.18
CA UNK A 73 26.24 24.48 -14.43
C UNK A 73 26.33 25.89 -14.97
N UNK A 74 26.32 26.81 -14.04
CA UNK A 74 26.71 28.21 -14.27
C UNK A 74 28.12 28.39 -13.76
N UNK A 75 28.89 27.33 -13.97
CA UNK A 75 30.09 27.02 -13.18
C UNK A 75 31.31 26.76 -14.07
N UNK A 76 32.43 27.21 -13.57
CA UNK A 76 33.75 26.71 -13.96
C UNK A 76 34.46 26.16 -12.71
N UNK A 77 33.78 25.22 -12.09
CA UNK A 77 34.14 24.69 -10.77
C UNK A 77 35.60 24.21 -10.76
N UNK A 78 36.35 24.77 -11.69
CA UNK A 78 37.78 24.46 -11.85
C UNK A 78 38.40 24.14 -10.47
N UNK A 79 38.50 25.20 -9.68
CA UNK A 79 39.07 25.12 -8.32
C UNK A 79 37.97 24.82 -7.30
N UNK A 80 37.42 23.63 -7.43
CA UNK A 80 36.34 23.15 -6.55
C UNK A 80 36.11 21.65 -6.76
N UNK A 81 35.83 21.34 -8.02
CA UNK A 81 35.55 19.95 -8.44
C UNK A 81 36.13 19.70 -9.82
N UNK A 82 37.02 18.73 -9.86
CA UNK A 82 37.69 18.32 -11.08
C UNK A 82 36.78 17.42 -11.90
N UNK A 83 35.63 17.94 -12.22
CA UNK A 83 34.60 17.19 -12.91
C UNK A 83 34.22 17.85 -14.19
N UNK A 84 33.42 17.10 -14.89
CA UNK A 84 32.90 17.49 -16.15
C UNK A 84 31.66 18.31 -15.98
N UNK A 85 30.83 17.82 -15.11
CA UNK A 85 29.50 18.32 -14.93
C UNK A 85 29.55 19.72 -14.34
N UNK A 86 30.74 20.31 -14.40
CA UNK A 86 30.99 21.63 -13.79
C UNK A 86 32.24 22.28 -14.37
N UNK A 87 32.42 22.08 -15.65
CA UNK A 87 33.46 22.79 -16.41
C UNK A 87 33.12 24.27 -16.49
N UNK A 88 32.11 24.55 -17.29
CA UNK A 88 31.62 25.93 -17.53
C UNK A 88 30.08 25.92 -17.59
N UNK A 89 29.51 27.07 -17.83
CA UNK A 89 28.04 27.21 -17.92
C UNK A 89 27.46 26.20 -19.03
N UNK A 90 27.18 24.87 -18.61
CA UNK A 90 26.87 23.72 -19.63
C UNK A 90 25.92 22.58 -19.05
N UNK A 91 25.15 21.94 -20.01
CA UNK A 91 24.01 20.97 -19.69
C UNK A 91 24.48 19.45 -19.71
N UNK A 92 24.03 18.71 -18.66
CA UNK A 92 24.08 17.20 -18.58
C UNK A 92 22.63 16.63 -18.50
N UNK A 93 22.53 15.29 -18.47
CA UNK A 93 21.21 14.56 -18.39
C UNK A 93 20.89 14.20 -16.93
N UNK A 94 19.58 14.10 -16.64
CA UNK A 94 19.11 13.92 -15.25
C UNK A 94 17.92 12.95 -15.16
N UNK A 95 18.07 12.05 -14.18
CA UNK A 95 16.99 11.20 -13.63
C UNK A 95 17.19 11.09 -12.07
N UNK A 96 16.06 11.25 -11.32
CA UNK A 96 16.09 11.27 -9.79
C UNK A 96 14.68 10.85 -9.19
N UNK A 97 14.73 10.07 -8.07
CA UNK A 97 13.50 9.37 -7.48
C UNK A 97 13.20 9.86 -6.01
N UNK A 98 11.93 10.32 -5.80
CA UNK A 98 11.50 11.05 -4.53
C UNK A 98 10.42 10.24 -3.75
N UNK A 99 10.89 9.35 -2.86
CA UNK A 99 10.01 8.29 -2.24
C UNK A 99 10.17 8.25 -0.69
N UNK A 100 9.80 7.07 -0.15
CA UNK A 100 9.90 6.75 1.32
C UNK A 100 10.62 5.40 1.52
N UNK A 101 10.60 4.92 2.76
CA UNK A 101 11.23 3.63 3.14
C UNK A 101 10.29 2.82 4.04
N UNK A 102 9.43 2.07 3.37
CA UNK A 102 8.41 1.24 4.03
C UNK A 102 8.10 0.02 3.18
N UNK A 103 7.09 0.18 2.33
CA UNK A 103 6.55 -0.92 1.50
C UNK A 103 6.34 -0.46 0.06
N UNK A 104 5.92 -1.43 -0.75
CA UNK A 104 5.59 -1.22 -2.17
C UNK A 104 4.38 -0.28 -2.29
N UNK A 105 3.24 -0.90 -2.59
CA UNK A 105 1.96 -0.18 -2.85
C UNK A 105 1.56 0.66 -1.61
N UNK A 106 2.52 1.51 -1.20
CA UNK A 106 2.43 2.28 0.08
C UNK A 106 1.67 3.59 -0.14
N UNK A 107 2.24 4.70 0.39
CA UNK A 107 1.44 5.93 0.60
C UNK A 107 2.28 7.15 0.98
N UNK A 108 1.59 8.29 0.84
CA UNK A 108 1.97 9.55 1.49
C UNK A 108 1.85 9.40 3.01
N UNK A 109 2.89 8.82 3.59
CA UNK A 109 3.00 8.60 5.04
C UNK A 109 4.36 9.17 5.56
N UNK A 110 4.54 9.02 6.87
CA UNK A 110 5.58 9.77 7.66
C UNK A 110 7.05 9.52 7.06
N UNK A 111 7.52 8.29 7.23
CA UNK A 111 8.95 7.85 6.92
C UNK A 111 9.80 8.97 6.24
N UNK A 112 11.13 8.89 6.51
CA UNK A 112 12.16 9.71 5.82
C UNK A 112 11.92 9.66 4.29
N UNK A 113 11.54 10.82 3.75
CA UNK A 113 11.30 11.01 2.28
C UNK A 113 12.65 11.24 1.56
N UNK A 114 12.68 10.90 0.25
CA UNK A 114 13.98 10.71 -0.50
C UNK A 114 14.02 11.52 -1.84
N UNK A 115 15.09 12.36 -1.95
CA UNK A 115 15.51 13.04 -3.23
C UNK A 115 16.86 12.40 -3.74
N UNK A 116 16.72 11.54 -4.78
CA UNK A 116 17.89 10.88 -5.48
C UNK A 116 18.33 11.75 -6.69
N UNK A 117 19.58 11.54 -7.12
CA UNK A 117 20.23 12.40 -8.16
C UNK A 117 20.77 11.55 -9.32
N UNK A 118 20.74 12.16 -10.50
CA UNK A 118 21.19 11.52 -11.74
C UNK A 118 22.05 12.49 -12.56
N UNK A 119 23.28 12.58 -12.13
CA UNK A 119 24.36 13.24 -12.88
C UNK A 119 25.18 12.17 -13.68
N UNK A 120 25.00 12.16 -15.02
CA UNK A 120 25.44 11.01 -15.88
C UNK A 120 26.10 11.50 -17.21
N UNK A 121 27.24 12.12 -17.05
CA UNK A 121 28.02 12.66 -18.19
C UNK A 121 29.19 11.72 -18.52
N UNK A 122 30.24 12.33 -19.04
CA UNK A 122 31.47 11.60 -19.41
C UNK A 122 31.64 10.36 -18.50
N UNK A 123 31.59 10.64 -17.19
CA UNK A 123 31.42 9.60 -16.13
C UNK A 123 30.02 9.82 -15.45
N UNK A 124 29.54 8.81 -14.74
CA UNK A 124 28.14 8.80 -14.20
C UNK A 124 28.13 8.92 -12.65
N UNK A 125 27.25 9.84 -12.15
CA UNK A 125 27.07 10.07 -10.66
C UNK A 125 25.58 10.22 -10.30
N UNK A 126 25.32 10.36 -8.97
CA UNK A 126 23.95 10.17 -8.45
C UNK A 126 23.86 10.46 -6.95
N UNK A 127 24.11 11.69 -6.58
CA UNK A 127 23.85 12.14 -5.20
C UNK A 127 22.52 11.52 -4.70
N UNK A 128 22.58 10.22 -4.34
CA UNK A 128 21.36 9.49 -3.83
C UNK A 128 21.09 9.83 -2.36
N UNK A 129 20.29 10.88 -2.16
CA UNK A 129 20.15 11.53 -0.82
C UNK A 129 18.71 11.92 -0.50
N UNK A 130 18.54 12.27 0.79
CA UNK A 130 17.23 12.39 1.47
C UNK A 130 16.93 13.86 1.82
N UNK A 131 15.82 14.03 2.58
CA UNK A 131 15.29 15.38 2.97
C UNK A 131 15.54 15.67 4.42
N UNK A 132 15.46 14.63 5.18
CA UNK A 132 15.94 14.65 6.54
C UNK A 132 17.43 14.65 6.53
N UNK A 133 17.96 15.83 6.75
CA UNK A 133 19.41 16.03 6.75
C UNK A 133 20.09 14.78 7.28
N UNK A 134 19.93 14.60 8.58
CA UNK A 134 20.51 13.47 9.30
C UNK A 134 19.61 12.21 9.16
N UNK A 135 20.23 11.07 9.52
CA UNK A 135 19.58 9.71 9.51
C UNK A 135 19.92 8.97 10.82
N UNK A 136 18.88 8.57 11.55
CA UNK A 136 19.06 8.06 12.93
C UNK A 136 20.43 7.27 13.07
N UNK A 137 20.66 6.31 12.15
CA UNK A 137 21.71 5.24 12.32
C UNK A 137 23.08 5.75 11.83
N UNK A 138 24.03 5.71 12.75
CA UNK A 138 25.43 6.03 12.46
C UNK A 138 26.00 5.00 11.46
N UNK A 139 25.96 3.71 11.88
CA UNK A 139 26.66 2.62 11.15
C UNK A 139 25.71 1.39 10.89
N UNK A 140 26.38 0.27 10.55
CA UNK A 140 25.81 -0.88 9.77
C UNK A 140 24.41 -1.34 10.29
N UNK A 141 23.89 -0.59 11.22
CA UNK A 141 22.65 -0.97 11.94
C UNK A 141 21.46 -1.07 10.99
N UNK A 142 21.66 -0.60 9.82
CA UNK A 142 20.60 -0.49 8.87
C UNK A 142 19.73 -1.73 8.86
N UNK A 143 20.38 -2.83 9.12
CA UNK A 143 19.71 -4.12 9.23
C UNK A 143 18.81 -4.14 10.46
N UNK A 144 18.86 -3.02 11.20
CA UNK A 144 18.23 -2.92 12.54
C UNK A 144 17.09 -1.86 12.54
N UNK A 145 17.44 -0.66 12.15
CA UNK A 145 16.46 0.45 12.04
C UNK A 145 15.22 -0.04 11.28
N UNK A 146 15.49 -0.99 10.41
CA UNK A 146 14.49 -1.56 9.50
C UNK A 146 13.50 -2.45 10.27
N UNK A 147 14.08 -3.47 10.89
CA UNK A 147 13.31 -4.53 11.57
C UNK A 147 12.34 -3.90 12.59
N UNK A 148 12.74 -2.75 13.10
CA UNK A 148 11.91 -1.96 14.02
C UNK A 148 10.97 -1.04 13.21
N UNK A 149 11.55 -0.49 12.15
CA UNK A 149 10.85 0.42 11.23
C UNK A 149 9.83 -0.37 10.37
N UNK A 150 10.26 -1.56 9.96
CA UNK A 150 9.47 -2.44 9.05
C UNK A 150 8.18 -2.91 9.75
N UNK A 151 7.69 -4.05 9.28
CA UNK A 151 6.48 -4.69 9.84
C UNK A 151 6.89 -5.83 10.79
N UNK A 152 5.91 -6.23 11.56
CA UNK A 152 6.13 -7.13 12.68
C UNK A 152 6.01 -8.58 12.24
N UNK A 153 6.56 -9.35 13.11
CA UNK A 153 6.75 -10.76 12.98
C UNK A 153 5.47 -11.45 12.51
N UNK A 154 5.16 -12.49 13.27
CA UNK A 154 4.01 -13.37 13.06
C UNK A 154 3.05 -12.75 12.07
N UNK A 155 2.91 -11.46 12.20
CA UNK A 155 1.95 -10.69 11.42
C UNK A 155 2.66 -9.68 10.53
N UNK A 156 1.82 -8.94 9.83
CA UNK A 156 2.23 -7.73 9.12
C UNK A 156 1.91 -6.51 10.00
N UNK A 157 2.73 -6.36 11.03
CA UNK A 157 2.53 -5.36 12.09
C UNK A 157 1.81 -4.13 11.54
N UNK A 158 2.56 -3.05 11.54
CA UNK A 158 2.08 -1.76 11.03
C UNK A 158 2.93 -1.32 9.88
N UNK A 159 2.28 -1.03 8.78
CA UNK A 159 2.99 -0.60 7.58
C UNK A 159 3.89 0.56 7.91
N UNK A 160 3.63 1.67 7.24
CA UNK A 160 4.29 2.93 7.56
C UNK A 160 4.24 3.16 9.06
N UNK A 161 5.01 2.35 9.76
CA UNK A 161 4.88 2.19 11.22
C UNK A 161 6.10 2.75 11.93
N UNK A 162 6.06 4.03 12.14
CA UNK A 162 6.86 4.69 13.17
C UNK A 162 6.11 4.55 14.51
N UNK A 163 4.87 3.99 14.41
CA UNK A 163 3.89 3.96 15.53
C UNK A 163 3.52 2.54 15.93
N UNK A 164 4.48 1.77 16.16
CA UNK A 164 4.26 0.41 16.56
C UNK A 164 4.51 0.25 18.01
N UNK A 165 5.39 -0.66 18.25
CA UNK A 165 5.93 -0.94 19.52
C UNK A 165 7.46 -1.18 19.37
N UNK A 166 7.83 -1.57 18.16
CA UNK A 166 9.25 -1.85 17.81
C UNK A 166 10.02 -0.52 17.70
N UNK A 167 9.63 0.24 16.70
CA UNK A 167 10.22 1.56 16.41
C UNK A 167 10.85 2.12 17.68
N UNK A 168 10.09 2.04 18.75
CA UNK A 168 10.49 2.53 20.07
C UNK A 168 11.79 1.83 20.51
N UNK A 169 11.65 0.54 20.71
CA UNK A 169 12.74 -0.32 21.18
C UNK A 169 14.08 0.20 20.65
N UNK A 170 14.01 0.85 19.50
CA UNK A 170 15.19 1.44 18.85
C UNK A 170 15.36 2.89 19.27
N UNK A 171 14.49 3.71 18.74
CA UNK A 171 14.52 5.16 18.98
C UNK A 171 14.85 5.44 20.41
N UNK A 172 14.52 4.49 21.21
CA UNK A 172 14.98 4.44 22.57
C UNK A 172 16.41 3.86 22.60
N UNK A 173 16.48 2.55 22.37
CA UNK A 173 17.73 1.74 22.51
C UNK A 173 18.95 2.52 21.98
N UNK A 174 19.03 2.59 20.67
CA UNK A 174 19.98 3.50 19.98
C UNK A 174 19.41 4.93 20.02
N UNK A 175 20.24 5.85 20.49
CA UNK A 175 19.84 7.27 20.62
C UNK A 175 19.76 7.92 19.19
N UNK A 176 18.62 7.66 18.52
CA UNK A 176 18.41 7.99 17.06
C UNK A 176 17.46 9.20 16.90
N UNK A 177 17.77 10.25 17.63
CA UNK A 177 16.80 11.32 17.96
C UNK A 177 16.62 12.31 16.81
N UNK A 178 17.73 12.68 16.21
CA UNK A 178 17.75 13.80 15.24
C UNK A 178 16.83 13.50 14.06
N UNK A 179 16.97 12.30 13.56
CA UNK A 179 16.16 11.81 12.44
C UNK A 179 14.66 12.07 12.73
N UNK A 180 14.30 11.78 13.98
CA UNK A 180 12.90 11.77 14.43
C UNK A 180 12.28 13.17 14.34
N UNK A 181 12.80 14.05 15.18
CA UNK A 181 12.31 15.44 15.27
C UNK A 181 12.00 15.98 13.87
N UNK A 182 12.94 15.71 12.98
CA UNK A 182 12.85 16.15 11.59
C UNK A 182 11.63 15.53 10.90
N UNK A 183 11.31 14.33 11.34
CA UNK A 183 10.19 13.55 10.78
C UNK A 183 8.90 13.82 11.56
N UNK A 184 8.91 13.31 12.79
CA UNK A 184 7.74 13.34 13.68
C UNK A 184 7.29 14.78 13.88
N UNK A 185 8.05 15.66 13.29
CA UNK A 185 7.79 17.10 13.37
C UNK A 185 7.05 17.57 12.11
N UNK A 186 7.80 18.21 11.24
CA UNK A 186 7.23 18.99 10.13
C UNK A 186 7.25 18.20 8.81
N UNK A 187 8.43 17.70 8.49
CA UNK A 187 8.80 17.24 7.13
C UNK A 187 7.87 16.08 6.68
N UNK A 188 7.98 14.98 7.40
CA UNK A 188 7.27 13.73 7.05
C UNK A 188 5.98 14.02 6.23
N UNK A 189 5.04 14.66 6.91
CA UNK A 189 3.67 14.94 6.38
C UNK A 189 3.75 15.58 4.99
N UNK A 190 4.98 15.85 4.62
CA UNK A 190 5.33 16.54 3.37
C UNK A 190 4.13 16.57 2.42
N UNK A 191 3.85 17.76 1.97
CA UNK A 191 3.10 17.99 0.74
C UNK A 191 4.01 17.67 -0.45
N UNK A 192 3.39 17.50 -1.60
CA UNK A 192 4.10 17.12 -2.83
C UNK A 192 5.59 17.35 -2.67
N UNK A 193 6.34 16.53 -3.38
CA UNK A 193 7.80 16.54 -3.34
C UNK A 193 8.35 17.94 -3.65
N UNK A 194 7.69 18.59 -4.61
CA UNK A 194 8.05 19.96 -5.05
C UNK A 194 8.41 20.83 -3.83
N UNK A 195 8.07 20.27 -2.72
CA UNK A 195 8.23 20.89 -1.44
C UNK A 195 9.19 20.00 -0.58
N UNK A 196 10.33 19.62 -1.24
CA UNK A 196 11.36 18.66 -0.68
C UNK A 196 12.81 19.22 -0.96
N UNK A 197 13.68 19.20 0.09
CA UNK A 197 14.93 20.08 0.11
C UNK A 197 16.19 19.34 0.66
N UNK A 198 16.22 19.23 2.00
CA UNK A 198 17.42 18.75 2.75
C UNK A 198 18.19 17.73 1.89
N UNK A 199 19.50 17.90 1.90
CA UNK A 199 20.39 17.19 0.96
C UNK A 199 20.93 15.92 1.58
N UNK A 200 22.02 15.48 0.97
CA UNK A 200 22.67 14.23 1.29
C UNK A 200 23.22 14.27 2.70
N UNK A 201 23.17 13.11 3.30
CA UNK A 201 23.49 12.93 4.70
C UNK A 201 24.94 13.34 4.99
N UNK A 202 25.85 12.98 4.07
CA UNK A 202 27.27 12.88 4.42
C UNK A 202 28.16 13.95 3.83
N UNK A 203 29.45 13.73 4.17
CA UNK A 203 30.56 14.66 3.92
C UNK A 203 31.46 14.11 2.82
N UNK A 204 31.92 14.99 1.98
CA UNK A 204 32.54 14.63 0.71
C UNK A 204 33.80 15.49 0.45
N UNK A 205 34.79 14.80 -0.20
CA UNK A 205 36.19 15.31 -0.36
C UNK A 205 36.45 15.73 -1.81
N UNK A 206 36.16 16.97 -2.04
CA UNK A 206 36.38 17.64 -3.32
C UNK A 206 37.81 17.37 -3.81
N UNK A 207 37.89 16.64 -4.90
CA UNK A 207 39.16 16.35 -5.56
C UNK A 207 39.43 17.40 -6.61
N UNK A 208 40.65 17.77 -6.67
CA UNK A 208 41.12 18.70 -7.64
C UNK A 208 42.41 18.12 -8.16
N UNK A 209 42.47 18.03 -9.46
CA UNK A 209 43.51 17.30 -10.14
C UNK A 209 44.80 17.41 -9.47
N UNK A 210 45.10 18.58 -9.08
CA UNK A 210 46.19 18.83 -8.22
C UNK A 210 46.13 17.81 -7.10
N UNK A 211 45.48 18.24 -6.02
CA UNK A 211 45.19 17.37 -4.86
C UNK A 211 44.10 17.98 -3.95
N UNK A 212 44.31 19.27 -3.69
CA UNK A 212 43.45 20.10 -2.81
C UNK A 212 42.04 19.46 -2.64
N UNK A 213 41.73 19.09 -1.38
CA UNK A 213 40.58 18.17 -1.06
C UNK A 213 39.66 18.79 0.04
N UNK A 214 38.62 19.50 -0.42
CA UNK A 214 37.69 20.24 0.48
C UNK A 214 36.41 19.40 0.75
N UNK A 215 36.08 19.31 2.05
CA UNK A 215 34.88 18.57 2.52
C UNK A 215 33.59 19.41 2.26
N UNK A 216 32.83 18.93 1.27
CA UNK A 216 31.55 19.58 0.84
C UNK A 216 30.37 19.10 1.73
N UNK A 217 29.22 19.75 1.50
CA UNK A 217 27.93 19.42 2.19
C UNK A 217 26.80 19.49 1.15
N UNK A 218 26.85 18.48 0.26
CA UNK A 218 26.09 18.45 -1.00
C UNK A 218 24.62 18.51 -0.72
N UNK A 219 23.94 19.15 -1.62
CA UNK A 219 22.74 19.82 -1.27
C UNK A 219 21.81 19.98 -2.42
N UNK A 220 20.65 20.47 -2.04
CA UNK A 220 19.59 20.81 -2.96
C UNK A 220 18.62 21.80 -2.29
N UNK A 221 18.67 23.02 -2.79
CA UNK A 221 17.66 24.05 -2.49
C UNK A 221 16.73 24.20 -3.71
N UNK A 222 15.42 24.27 -3.41
CA UNK A 222 14.37 24.17 -4.46
C UNK A 222 13.29 25.27 -4.28
N UNK A 223 12.98 25.92 -5.41
CA UNK A 223 12.07 27.08 -5.46
C UNK A 223 10.63 26.62 -5.75
N UNK A 224 10.38 25.42 -5.29
CA UNK A 224 9.03 24.90 -5.12
C UNK A 224 8.65 24.99 -3.65
N UNK A 225 8.37 26.20 -3.26
CA UNK A 225 8.26 26.60 -1.86
C UNK A 225 7.92 25.41 -0.95
N UNK A 226 8.15 25.52 0.33
CA UNK A 226 8.16 24.28 1.24
C UNK A 226 6.68 23.88 1.74
N UNK A 227 6.25 22.60 1.53
CA UNK A 227 4.86 22.07 2.03
C UNK A 227 5.05 20.85 3.04
N UNK A 228 4.46 21.01 4.26
CA UNK A 228 4.38 19.91 5.31
C UNK A 228 2.88 19.76 5.82
N UNK A 229 2.42 18.46 5.90
CA UNK A 229 0.94 18.11 5.88
C UNK A 229 0.48 17.38 7.20
N UNK A 230 -0.45 18.05 7.87
CA UNK A 230 -1.05 17.59 9.16
C UNK A 230 -1.59 16.11 9.06
N UNK A 231 -0.95 15.25 9.89
CA UNK A 231 -1.44 13.85 10.23
C UNK A 231 -2.85 13.60 9.65
N UNK A 232 -3.80 14.31 10.22
CA UNK A 232 -5.24 14.18 9.88
C UNK A 232 -5.53 14.94 8.58
N UNK A 233 -4.51 15.05 7.80
CA UNK A 233 -4.56 15.66 6.48
C UNK A 233 -3.63 14.88 5.56
N UNK A 234 -2.81 14.08 6.22
CA UNK A 234 -1.85 13.18 5.58
C UNK A 234 -2.42 11.82 5.58
N UNK A 235 -3.19 11.61 6.61
CA UNK A 235 -4.00 10.44 6.75
C UNK A 235 -5.29 10.61 5.98
N UNK A 236 -5.26 11.51 5.03
CA UNK A 236 -6.44 11.75 4.19
C UNK A 236 -6.05 11.94 2.76
N UNK A 237 -4.89 12.45 2.57
CA UNK A 237 -4.18 12.25 1.34
C UNK A 237 -3.84 10.74 1.19
N UNK A 238 -4.48 9.94 2.13
CA UNK A 238 -4.27 8.41 2.26
C UNK A 238 -5.29 7.65 1.40
N UNK A 239 -6.54 7.88 1.71
CA UNK A 239 -7.66 7.20 1.05
C UNK A 239 -7.62 7.41 -0.45
N UNK A 240 -7.98 8.62 -0.81
CA UNK A 240 -8.14 9.02 -2.19
C UNK A 240 -6.91 8.75 -2.98
N UNK A 241 -6.15 9.79 -3.16
CA UNK A 241 -4.89 9.70 -3.83
C UNK A 241 -3.81 9.19 -2.93
N UNK A 242 -3.66 7.89 -2.97
CA UNK A 242 -2.43 7.25 -2.51
C UNK A 242 -1.30 7.57 -3.50
N UNK A 243 -1.37 6.93 -4.67
CA UNK A 243 -0.67 7.40 -5.88
C UNK A 243 -0.84 8.94 -5.94
N UNK A 244 -0.32 9.62 -4.87
CA UNK A 244 -0.69 11.02 -4.59
C UNK A 244 0.33 11.99 -4.80
N UNK A 245 1.25 11.87 -4.18
CA UNK A 245 2.32 12.61 -4.48
C UNK A 245 2.52 12.57 -6.08
N UNK A 246 2.17 11.35 -6.70
CA UNK A 246 2.38 11.03 -8.23
C UNK A 246 1.68 12.02 -9.07
N UNK A 247 0.50 11.77 -9.07
CA UNK A 247 -0.52 12.48 -9.68
C UNK A 247 -0.18 14.07 -9.62
N UNK A 248 0.75 14.49 -8.70
CA UNK A 248 1.37 15.91 -8.70
C UNK A 248 2.59 15.99 -9.65
N UNK A 249 3.52 15.06 -9.42
CA UNK A 249 4.82 15.06 -10.13
C UNK A 249 4.60 14.96 -11.65
N UNK A 250 3.97 13.87 -12.05
CA UNK A 250 3.56 13.65 -13.44
C UNK A 250 2.68 14.79 -13.85
N UNK A 251 1.80 15.10 -12.94
CA UNK A 251 0.92 16.24 -13.05
C UNK A 251 1.74 17.52 -12.99
N UNK A 252 2.99 17.31 -12.64
CA UNK A 252 4.02 18.36 -12.71
C UNK A 252 4.41 18.68 -14.24
N UNK A 253 4.67 17.60 -15.02
CA UNK A 253 5.30 17.72 -16.43
C UNK A 253 4.43 18.64 -17.37
N UNK A 254 3.33 18.06 -17.86
CA UNK A 254 2.42 18.68 -18.89
C UNK A 254 2.54 20.21 -18.87
N UNK A 255 1.77 20.81 -18.05
CA UNK A 255 1.83 22.25 -17.88
C UNK A 255 3.25 22.64 -17.46
N UNK A 256 3.76 23.61 -18.17
CA UNK A 256 5.18 24.01 -18.08
C UNK A 256 5.81 23.51 -16.76
N UNK A 257 5.13 23.85 -15.66
CA UNK A 257 5.70 23.70 -14.30
C UNK A 257 6.64 22.54 -14.26
N UNK A 258 7.87 22.92 -14.24
CA UNK A 258 8.95 22.02 -14.12
C UNK A 258 9.71 22.33 -12.87
N UNK A 259 9.71 21.43 -11.91
CA UNK A 259 10.36 21.70 -10.66
C UNK A 259 11.81 21.89 -10.89
N UNK A 260 12.30 22.96 -10.35
CA UNK A 260 13.70 23.28 -10.41
C UNK A 260 14.27 23.52 -8.98
N UNK A 261 15.02 22.49 -8.49
CA UNK A 261 15.78 22.56 -7.17
C UNK A 261 17.37 22.58 -7.44
N UNK A 262 18.14 23.41 -6.59
CA UNK A 262 19.70 23.67 -6.77
C UNK A 262 20.52 23.32 -5.40
N UNK A 263 21.95 23.38 -5.48
CA UNK A 263 22.92 22.40 -4.66
C UNK A 263 23.65 23.11 -3.38
N UNK A 264 25.02 22.72 -3.14
CA UNK A 264 25.62 22.52 -1.69
C UNK A 264 26.69 23.64 -1.20
N UNK A 265 27.60 23.10 -0.33
CA UNK A 265 28.36 23.84 0.74
C UNK A 265 29.90 23.45 0.70
N UNK A 266 30.72 24.21 1.53
CA UNK A 266 32.24 24.03 1.60
C UNK A 266 32.66 23.77 3.05
N UNK A 267 33.99 23.68 3.21
CA UNK A 267 34.68 23.37 4.53
C UNK A 267 36.22 23.56 4.27
N UNK A 268 37.00 23.39 5.30
CA UNK A 268 38.46 23.28 5.16
C UNK A 268 38.96 22.17 6.04
N UNK A 269 39.77 21.37 5.43
CA UNK A 269 39.99 20.00 5.82
C UNK A 269 39.88 19.84 7.33
N UNK A 270 40.80 20.47 8.01
CA UNK A 270 40.90 20.36 9.46
C UNK A 270 39.58 20.76 10.12
N UNK A 271 38.64 21.16 9.27
CA UNK A 271 37.32 21.63 9.71
C UNK A 271 36.41 20.45 10.04
N UNK A 272 37.05 19.41 10.53
CA UNK A 272 36.35 18.22 11.03
C UNK A 272 35.73 18.54 12.38
N UNK A 273 36.61 18.78 13.32
CA UNK A 273 36.29 18.86 14.73
C UNK A 273 35.88 20.29 15.12
N UNK A 274 36.68 21.26 14.62
CA UNK A 274 36.67 22.71 15.11
C UNK A 274 35.26 23.21 15.19
N UNK A 275 34.63 23.21 14.04
CA UNK A 275 33.20 23.08 13.97
C UNK A 275 32.79 21.90 14.81
N UNK A 276 32.50 22.20 16.06
CA UNK A 276 32.27 21.19 17.10
C UNK A 276 32.03 19.82 16.45
N UNK A 277 30.76 19.48 16.37
CA UNK A 277 30.30 18.20 15.83
C UNK A 277 31.38 17.58 14.93
N UNK A 278 31.48 16.27 15.04
CA UNK A 278 32.45 15.47 14.27
C UNK A 278 32.06 15.47 12.79
N UNK A 279 32.58 16.45 12.08
CA UNK A 279 32.35 16.59 10.64
C UNK A 279 31.86 15.25 10.09
N UNK A 280 32.46 14.18 10.56
CA UNK A 280 32.09 12.84 10.11
C UNK A 280 31.09 12.23 11.07
N UNK A 281 30.17 13.06 11.55
CA UNK A 281 29.15 12.60 12.50
C UNK A 281 27.83 12.34 11.76
N UNK A 282 27.83 11.31 10.94
CA UNK A 282 26.63 10.96 10.16
C UNK A 282 25.47 11.85 10.60
N UNK A 283 25.22 11.86 11.90
CA UNK A 283 24.12 12.67 12.43
C UNK A 283 24.58 14.08 12.99
N UNK A 284 25.14 14.92 12.14
CA UNK A 284 25.49 16.33 12.55
C UNK A 284 25.26 17.31 11.40
N UNK A 285 24.47 18.33 11.71
CA UNK A 285 23.95 19.28 10.72
C UNK A 285 24.47 20.68 10.99
N UNK A 286 25.57 20.97 10.33
CA UNK A 286 26.13 22.30 10.28
C UNK A 286 25.07 23.26 10.04
N UNK A 287 25.03 24.13 10.90
CA UNK A 287 24.14 25.18 10.83
C UNK A 287 24.76 26.27 10.03
N UNK A 288 24.04 26.66 9.04
CA UNK A 288 24.51 27.62 8.08
C UNK A 288 25.34 28.72 8.76
N UNK A 289 26.41 28.29 9.38
CA UNK A 289 27.55 29.15 9.70
C UNK A 289 28.58 29.02 8.57
N UNK A 290 28.83 27.74 8.25
CA UNK A 290 29.55 27.34 7.02
C UNK A 290 28.57 27.33 5.84
N UNK A 291 28.65 28.39 5.06
CA UNK A 291 27.54 28.82 4.15
C UNK A 291 27.48 27.94 2.85
N UNK A 292 26.20 27.68 2.42
CA UNK A 292 25.88 27.08 1.07
C UNK A 292 26.58 27.90 -0.03
N UNK A 293 26.53 27.37 -1.25
CA UNK A 293 26.94 28.13 -2.46
C UNK A 293 26.36 27.45 -3.74
N UNK A 294 25.39 28.17 -4.35
CA UNK A 294 24.57 27.66 -5.48
C UNK A 294 25.44 27.42 -6.72
N UNK A 295 25.78 26.16 -6.88
CA UNK A 295 26.61 25.67 -7.97
C UNK A 295 25.77 25.47 -9.25
N UNK A 296 24.54 24.96 -9.08
CA UNK A 296 23.71 24.56 -10.26
C UNK A 296 22.22 24.51 -9.91
N UNK A 297 21.44 24.10 -10.92
CA UNK A 297 19.98 24.05 -10.85
C UNK A 297 19.47 22.60 -11.01
N UNK A 298 18.18 22.52 -11.33
CA UNK A 298 17.46 21.23 -11.58
C UNK A 298 16.33 21.44 -12.60
N UNK A 299 15.91 20.33 -13.24
CA UNK A 299 15.08 20.39 -14.49
C UNK A 299 14.02 19.25 -14.56
N UNK A 300 13.42 18.96 -13.44
CA UNK A 300 12.40 17.87 -13.35
C UNK A 300 11.25 18.12 -14.38
N UNK A 301 11.61 17.95 -15.66
CA UNK A 301 10.65 18.14 -16.80
C UNK A 301 9.97 16.79 -17.16
N UNK A 302 10.45 16.24 -18.27
CA UNK A 302 9.93 14.99 -18.93
C UNK A 302 9.34 13.96 -17.88
N UNK A 303 8.49 13.03 -18.45
CA UNK A 303 7.89 11.82 -17.72
C UNK A 303 8.12 10.54 -18.54
N UNK A 304 8.75 9.46 -17.98
CA UNK A 304 9.07 8.27 -18.77
C UNK A 304 7.79 7.70 -19.21
N UNK A 305 7.83 6.77 -20.07
CA UNK A 305 6.58 6.20 -20.58
C UNK A 305 6.21 4.97 -19.80
N UNK A 306 6.92 3.93 -20.06
CA UNK A 306 6.91 2.76 -19.22
C UNK A 306 7.37 3.16 -17.83
N UNK A 307 7.04 2.37 -16.89
CA UNK A 307 7.77 2.37 -15.67
C UNK A 307 8.94 1.50 -15.83
N UNK A 308 8.68 0.25 -15.77
CA UNK A 308 9.67 -0.70 -15.43
C UNK A 308 11.01 -0.39 -16.13
N UNK A 309 10.93 0.26 -17.25
CA UNK A 309 12.13 0.72 -17.97
C UNK A 309 12.81 1.86 -17.20
N UNK A 310 12.00 2.58 -16.45
CA UNK A 310 12.41 3.84 -15.79
C UNK A 310 12.75 3.62 -14.28
N UNK A 311 11.74 3.22 -13.57
CA UNK A 311 11.57 3.54 -12.17
C UNK A 311 12.09 2.41 -11.29
N UNK A 312 11.44 1.28 -11.38
CA UNK A 312 11.80 0.13 -10.54
C UNK A 312 13.12 -0.46 -10.99
N UNK A 313 13.35 -0.38 -12.25
CA UNK A 313 14.55 -0.92 -12.84
C UNK A 313 15.71 0.01 -12.65
N UNK A 314 15.39 1.21 -12.32
CA UNK A 314 16.38 2.18 -11.95
C UNK A 314 17.20 1.65 -10.80
N UNK A 315 18.42 1.94 -10.85
CA UNK A 315 19.36 1.43 -9.92
C UNK A 315 20.27 2.50 -9.56
N UNK A 316 20.78 2.37 -8.43
CA UNK A 316 21.42 3.43 -7.82
C UNK A 316 22.39 2.87 -6.78
N UNK A 317 23.65 2.92 -7.14
CA UNK A 317 24.73 2.71 -6.21
C UNK A 317 25.26 4.03 -5.78
N UNK A 318 26.27 3.96 -5.00
CA UNK A 318 26.92 5.11 -4.50
C UNK A 318 28.25 5.15 -5.08
N UNK A 319 28.34 4.39 -6.13
CA UNK A 319 29.53 4.22 -6.88
C UNK A 319 29.36 4.78 -8.28
N UNK A 320 28.81 5.96 -8.32
CA UNK A 320 28.89 6.81 -9.50
C UNK A 320 29.79 7.99 -9.20
N UNK A 321 30.82 7.67 -8.45
CA UNK A 321 31.86 8.62 -8.08
C UNK A 321 32.80 8.85 -9.27
N UNK A 322 32.52 9.96 -9.98
CA UNK A 322 33.32 10.42 -11.16
C UNK A 322 34.76 10.84 -10.69
N UNK A 323 35.18 12.10 -11.06
CA UNK A 323 36.53 12.68 -10.63
C UNK A 323 36.42 13.33 -9.15
N UNK A 324 35.86 14.55 -9.05
CA UNK A 324 35.71 15.27 -7.73
C UNK A 324 34.62 14.62 -6.90
N UNK A 325 34.92 13.44 -6.44
CA UNK A 325 34.02 12.68 -5.62
C UNK A 325 34.78 11.52 -4.92
N UNK A 326 35.56 11.84 -3.89
CA UNK A 326 36.02 10.78 -2.95
C UNK A 326 35.62 11.08 -1.58
N UNK A 327 35.72 10.06 -0.87
CA UNK A 327 34.87 9.76 0.20
C UNK A 327 35.47 10.14 1.60
N UNK A 328 34.53 10.12 2.61
CA UNK A 328 34.77 10.55 4.05
C UNK A 328 34.50 9.25 4.89
N UNK A 329 34.83 9.24 6.14
CA UNK A 329 34.79 7.97 6.93
C UNK A 329 33.48 7.86 7.63
N UNK A 330 32.48 8.21 6.88
CA UNK A 330 31.15 7.83 7.16
C UNK A 330 31.10 6.31 7.09
N UNK A 331 31.15 5.75 8.21
CA UNK A 331 30.80 4.40 8.36
C UNK A 331 29.53 4.16 7.49
N UNK A 332 28.82 5.32 7.27
CA UNK A 332 27.59 5.39 6.41
C UNK A 332 27.92 5.24 4.87
N UNK A 333 28.70 6.21 4.25
CA UNK A 333 29.10 6.07 2.77
C UNK A 333 29.81 4.78 2.55
N UNK A 334 30.42 4.34 3.61
CA UNK A 334 30.92 2.99 3.70
C UNK A 334 29.78 2.05 3.39
N UNK A 335 28.93 2.58 2.55
CA UNK A 335 27.74 1.89 2.08
C UNK A 335 28.05 1.10 0.85
N UNK A 336 29.05 1.58 0.19
CA UNK A 336 29.42 1.09 -1.11
C UNK A 336 29.09 -0.39 -1.21
N UNK A 337 28.99 -1.05 -0.04
CA UNK A 337 28.72 -2.49 -0.01
C UNK A 337 27.21 -2.82 0.17
N UNK A 338 26.37 -1.85 -0.04
CA UNK A 338 24.91 -2.08 0.04
C UNK A 338 24.29 -2.07 -1.35
N UNK A 339 24.99 -1.39 -2.25
CA UNK A 339 24.43 -0.97 -3.52
C UNK A 339 24.73 -2.00 -4.65
N UNK A 340 25.91 -2.62 -4.58
CA UNK A 340 26.31 -3.65 -5.58
C UNK A 340 25.80 -5.04 -5.16
N UNK A 341 25.62 -5.23 -3.88
CA UNK A 341 24.92 -6.40 -3.34
C UNK A 341 23.45 -6.37 -3.76
N UNK A 342 22.87 -5.21 -3.56
CA UNK A 342 21.44 -4.99 -3.76
C UNK A 342 21.00 -5.46 -5.16
N UNK A 343 21.63 -4.89 -6.14
CA UNK A 343 21.14 -4.90 -7.53
C UNK A 343 21.02 -6.40 -8.10
N UNK A 344 21.71 -7.37 -7.42
CA UNK A 344 21.64 -8.88 -7.78
C UNK A 344 20.30 -9.46 -7.33
N UNK A 345 19.56 -8.60 -6.63
CA UNK A 345 18.19 -8.88 -6.20
C UNK A 345 17.20 -8.59 -7.35
N UNK A 346 17.24 -7.35 -7.83
CA UNK A 346 16.46 -6.93 -9.02
C UNK A 346 16.88 -7.76 -10.25
N UNK A 347 17.78 -7.21 -11.06
CA UNK A 347 18.50 -8.01 -12.09
C UNK A 347 19.20 -9.19 -11.40
N UNK A 348 19.86 -9.99 -12.21
CA UNK A 348 20.71 -11.09 -11.71
C UNK A 348 22.16 -10.61 -11.56
N UNK A 349 22.79 -10.34 -12.71
CA UNK A 349 24.24 -9.98 -12.77
C UNK A 349 24.45 -8.59 -13.44
N UNK A 350 24.23 -8.52 -14.75
CA UNK A 350 24.67 -7.34 -15.59
C UNK A 350 23.50 -6.32 -15.80
N UNK A 351 23.65 -5.08 -15.19
CA UNK A 351 22.56 -4.02 -15.24
C UNK A 351 23.01 -2.68 -16.02
N UNK A 352 23.97 -2.82 -16.98
CA UNK A 352 24.01 -1.92 -18.22
C UNK A 352 22.71 -2.15 -18.92
N UNK A 353 21.72 -1.54 -18.35
CA UNK A 353 20.36 -1.64 -18.78
C UNK A 353 19.80 -0.26 -19.11
N UNK A 354 18.89 -0.18 -20.05
CA UNK A 354 18.60 1.01 -20.85
C UNK A 354 18.95 2.28 -20.11
N UNK A 355 18.77 2.23 -18.82
CA UNK A 355 19.13 3.35 -17.95
C UNK A 355 20.47 3.07 -17.13
N UNK A 356 21.51 2.85 -17.95
CA UNK A 356 22.94 2.71 -17.56
C UNK A 356 23.76 4.03 -18.00
N UNK A 357 25.05 3.80 -18.50
CA UNK A 357 26.10 4.91 -18.80
C UNK A 357 25.66 5.72 -20.05
N UNK A 358 25.64 7.04 -19.87
CA UNK A 358 25.13 7.98 -20.90
C UNK A 358 26.13 8.09 -22.09
N UNK A 359 27.44 8.04 -21.73
CA UNK A 359 28.57 8.12 -22.72
C UNK A 359 29.51 6.85 -22.53
N UNK A 360 30.67 6.93 -23.18
CA UNK A 360 31.63 5.80 -23.46
C UNK A 360 31.60 4.67 -22.35
N UNK A 361 32.07 3.46 -22.79
CA UNK A 361 32.44 2.32 -21.89
C UNK A 361 33.30 1.31 -22.68
N UNK A 362 34.53 1.18 -22.23
CA UNK A 362 35.53 0.31 -22.87
C UNK A 362 36.38 -0.40 -21.80
N UNK A 363 35.68 -1.28 -21.05
CA UNK A 363 36.25 -2.01 -19.86
C UNK A 363 37.03 -3.36 -20.30
N UNK A 364 36.86 -4.47 -19.43
CA UNK A 364 37.56 -5.89 -19.59
C UNK A 364 36.95 -6.89 -18.58
N UNK A 365 35.67 -7.09 -18.78
CA UNK A 365 34.79 -7.84 -17.85
C UNK A 365 33.62 -8.44 -18.67
N UNK A 366 33.62 -9.75 -18.77
CA UNK A 366 32.96 -10.47 -19.90
C UNK A 366 31.50 -10.96 -19.51
N UNK A 367 31.40 -12.29 -19.23
CA UNK A 367 30.12 -13.11 -19.43
C UNK A 367 29.22 -13.18 -18.11
N UNK A 368 27.91 -12.81 -18.30
CA UNK A 368 26.91 -12.68 -17.16
C UNK A 368 25.51 -13.23 -17.59
N UNK A 369 24.68 -12.28 -18.02
CA UNK A 369 23.43 -12.52 -18.76
C UNK A 369 23.13 -11.29 -19.65
N UNK A 370 24.19 -10.46 -19.83
CA UNK A 370 24.07 -9.15 -20.50
C UNK A 370 23.82 -9.32 -22.00
N UNK A 371 23.85 -8.16 -22.65
CA UNK A 371 23.37 -7.98 -24.02
C UNK A 371 24.34 -7.10 -24.81
N UNK A 372 25.61 -7.45 -24.71
CA UNK A 372 26.68 -6.77 -25.43
C UNK A 372 27.57 -7.80 -26.12
N UNK A 373 28.06 -7.39 -27.25
CA UNK A 373 28.99 -8.19 -28.05
C UNK A 373 30.42 -7.77 -27.74
N UNK A 374 31.17 -8.72 -27.25
CA UNK A 374 32.56 -8.51 -26.87
C UNK A 374 33.47 -8.89 -28.02
N UNK A 375 33.98 -7.87 -28.65
CA UNK A 375 34.92 -8.01 -29.74
C UNK A 375 36.34 -7.91 -29.26
N UNK A 376 36.59 -8.64 -28.25
CA UNK A 376 37.92 -8.95 -27.83
C UNK A 376 37.92 -10.25 -27.18
N UNK A 377 38.94 -10.95 -27.42
CA UNK A 377 39.18 -12.17 -26.76
C UNK A 377 39.75 -11.88 -25.36
N UNK A 378 40.99 -11.44 -25.37
CA UNK A 378 41.89 -11.49 -24.20
C UNK A 378 41.67 -10.25 -23.26
N UNK A 379 40.92 -10.53 -22.18
CA UNK A 379 40.58 -9.51 -21.13
C UNK A 379 41.65 -9.51 -20.04
N UNK A 380 42.81 -9.99 -20.44
CA UNK A 380 44.00 -10.00 -19.59
C UNK A 380 44.65 -8.60 -19.61
N UNK A 381 44.51 -7.93 -18.47
CA UNK A 381 44.70 -6.47 -18.37
C UNK A 381 46.18 -6.11 -18.45
N UNK A 382 47.11 -6.94 -17.98
CA UNK A 382 48.50 -6.76 -18.33
C UNK A 382 48.79 -7.42 -19.67
N UNK A 383 48.31 -6.80 -20.74
CA UNK A 383 48.20 -7.49 -22.08
C UNK A 383 49.51 -7.44 -22.89
N UNK A 384 49.33 -7.83 -24.16
CA UNK A 384 50.38 -7.77 -25.21
C UNK A 384 49.74 -7.95 -26.59
N UNK A 385 48.70 -8.77 -26.62
CA UNK A 385 47.92 -9.02 -27.84
C UNK A 385 47.38 -7.69 -28.35
N UNK A 386 46.45 -7.15 -27.59
CA UNK A 386 46.05 -5.75 -27.66
C UNK A 386 46.60 -5.01 -26.43
N UNK A 387 47.67 -4.26 -26.65
CA UNK A 387 48.26 -3.40 -25.60
C UNK A 387 47.20 -2.40 -25.11
N UNK A 388 46.06 -2.97 -24.70
CA UNK A 388 44.72 -2.32 -24.84
C UNK A 388 44.17 -1.85 -23.47
N UNK A 389 42.87 -2.15 -23.29
CA UNK A 389 42.09 -1.66 -22.14
C UNK A 389 43.08 -0.91 -21.14
N UNK A 390 43.46 0.31 -21.51
CA UNK A 390 44.59 1.07 -20.88
C UNK A 390 44.26 1.41 -19.44
N UNK A 391 45.10 2.03 -18.86
CA UNK A 391 45.01 2.30 -17.47
C UNK A 391 44.91 3.78 -17.26
N UNK A 392 44.46 4.12 -16.11
CA UNK A 392 44.24 5.51 -15.76
C UNK A 392 45.08 5.86 -14.53
N UNK A 393 45.48 7.10 -14.49
CA UNK A 393 46.29 7.64 -13.39
C UNK A 393 46.22 9.15 -13.39
N UNK A 394 46.00 9.68 -12.22
CA UNK A 394 45.97 11.13 -12.03
C UNK A 394 46.73 11.80 -13.19
N UNK A 395 47.99 11.36 -13.46
CA UNK A 395 48.82 11.93 -14.57
C UNK A 395 48.24 11.55 -16.00
N UNK A 396 47.64 10.34 -16.07
CA UNK A 396 47.07 9.76 -17.35
C UNK A 396 45.62 10.28 -17.59
N UNK A 397 44.79 9.34 -18.10
CA UNK A 397 43.40 9.64 -18.55
C UNK A 397 42.75 10.46 -17.61
N UNK A 398 41.54 10.29 -17.62
CA UNK A 398 40.74 10.62 -16.57
C UNK A 398 40.60 9.42 -15.70
N UNK A 399 41.20 9.53 -14.56
CA UNK A 399 41.12 8.52 -13.54
C UNK A 399 40.36 9.01 -12.35
N UNK A 400 39.75 8.04 -11.68
CA UNK A 400 39.24 8.24 -10.34
C UNK A 400 40.38 8.41 -9.39
N UNK A 401 40.60 9.65 -9.14
CA UNK A 401 41.63 10.14 -8.26
C UNK A 401 41.17 10.05 -6.81
N UNK A 402 41.59 9.00 -6.15
CA UNK A 402 41.47 8.92 -4.68
C UNK A 402 42.00 10.22 -4.09
N UNK A 403 41.73 10.39 -2.79
CA UNK A 403 42.23 11.56 -2.03
C UNK A 403 43.67 11.30 -1.58
N UNK A 404 44.56 12.03 -2.17
CA UNK A 404 45.99 11.72 -2.17
C UNK A 404 46.70 12.15 -0.84
N UNK A 405 45.95 12.16 0.28
CA UNK A 405 46.51 12.64 1.60
C UNK A 405 45.97 11.80 2.78
N UNK A 406 44.96 11.02 2.48
CA UNK A 406 44.06 10.42 3.48
C UNK A 406 44.78 9.30 4.27
N UNK A 407 45.01 9.61 5.55
CA UNK A 407 45.79 8.76 6.46
C UNK A 407 44.88 7.76 7.19
N UNK A 408 45.52 6.66 7.57
CA UNK A 408 44.98 5.72 8.57
C UNK A 408 45.73 5.96 9.90
N UNK A 409 44.98 5.86 10.99
CA UNK A 409 45.53 5.54 12.34
C UNK A 409 45.84 4.02 12.38
N UNK A 410 45.91 3.49 13.58
CA UNK A 410 46.40 2.11 13.80
C UNK A 410 45.23 1.14 14.06
N UNK A 411 45.10 0.79 15.32
CA UNK A 411 44.11 -0.21 15.80
C UNK A 411 43.04 -0.46 14.72
N UNK A 412 42.71 -1.74 14.56
CA UNK A 412 41.57 -2.19 13.74
C UNK A 412 40.35 -2.42 14.66
N UNK A 413 39.43 -1.43 14.64
CA UNK A 413 38.59 -1.12 15.84
C UNK A 413 37.10 -1.12 15.51
N UNK A 414 36.43 -2.09 16.13
CA UNK A 414 34.97 -2.11 16.23
C UNK A 414 34.50 -1.35 17.51
N UNK A 415 34.88 -0.05 17.55
CA UNK A 415 34.46 0.91 18.62
C UNK A 415 33.53 2.01 18.01
N UNK A 416 33.14 3.01 18.88
CA UNK A 416 32.04 4.03 18.54
C UNK A 416 32.48 5.54 18.86
N UNK A 417 33.32 6.05 17.96
CA UNK A 417 34.07 7.37 18.05
C UNK A 417 33.64 8.27 19.21
N UNK A 418 34.54 8.35 20.15
CA UNK A 418 34.55 9.41 21.16
C UNK A 418 33.84 10.68 20.58
N UNK A 419 34.31 11.07 19.29
CA UNK A 419 33.65 12.16 18.34
C UNK A 419 32.03 11.93 18.33
N UNK A 420 31.55 10.84 17.84
CA UNK A 420 30.06 10.61 17.71
C UNK A 420 29.24 10.50 19.16
N UNK A 421 29.54 11.28 20.20
CA UNK A 421 28.65 11.25 21.45
C UNK A 421 27.41 12.10 21.27
N UNK A 422 27.48 13.21 20.99
CA UNK A 422 26.29 14.04 21.20
C UNK A 422 25.03 13.43 20.54
N UNK A 423 23.89 13.65 21.19
CA UNK A 423 22.63 13.36 20.55
C UNK A 423 21.59 14.13 21.05
N UNK A 424 21.85 14.71 22.09
CA UNK A 424 20.91 15.47 22.74
C UNK A 424 21.30 16.97 22.72
N UNK A 425 22.33 17.34 21.94
CA UNK A 425 22.62 18.80 21.63
C UNK A 425 21.74 19.30 20.44
N UNK A 426 22.04 18.76 19.27
CA UNK A 426 21.30 19.05 18.04
C UNK A 426 19.84 18.75 18.27
N UNK A 427 19.65 17.67 18.97
CA UNK A 427 18.65 17.07 18.56
C UNK A 427 17.56 18.20 18.99
N UNK A 428 18.15 19.18 19.87
CA UNK A 428 17.50 20.48 20.37
C UNK A 428 17.37 21.56 19.24
N UNK A 429 18.46 21.68 18.43
CA UNK A 429 18.63 22.82 17.48
C UNK A 429 17.38 22.96 16.62
N UNK A 430 16.83 21.81 16.32
CA UNK A 430 15.56 21.69 15.65
C UNK A 430 14.43 22.18 16.58
N UNK A 431 14.71 22.03 17.85
CA UNK A 431 13.73 22.20 18.91
C UNK A 431 13.48 23.70 19.17
N UNK A 432 14.28 24.52 18.50
CA UNK A 432 14.20 25.98 18.63
C UNK A 432 13.43 26.58 17.46
N UNK A 433 14.16 26.72 16.37
CA UNK A 433 13.66 27.38 15.15
C UNK A 433 12.16 27.16 15.01
N UNK A 434 11.78 25.94 15.30
CA UNK A 434 10.41 25.47 15.14
C UNK A 434 9.47 26.32 15.97
N UNK A 435 8.50 26.77 15.33
CA UNK A 435 7.55 27.68 15.92
C UNK A 435 6.71 26.92 16.78
N UNK A 436 5.62 27.43 16.98
CA UNK A 436 4.73 26.91 17.90
C UNK A 436 3.92 25.82 17.27
N UNK A 437 3.64 25.94 16.00
CA UNK A 437 3.03 24.81 15.25
C UNK A 437 4.00 23.64 15.18
N UNK A 438 5.18 23.96 14.69
CA UNK A 438 6.23 22.97 14.52
C UNK A 438 6.41 22.17 15.80
N UNK A 439 6.41 22.93 16.88
CA UNK A 439 6.49 22.39 18.24
C UNK A 439 5.28 21.51 18.53
N UNK A 440 4.11 22.06 18.28
CA UNK A 440 2.86 21.37 18.54
C UNK A 440 2.83 20.03 17.77
N UNK A 441 3.13 20.12 16.51
CA UNK A 441 3.19 18.93 15.63
C UNK A 441 4.13 17.88 16.26
N UNK A 442 5.27 18.38 16.72
CA UNK A 442 6.31 17.57 17.38
C UNK A 442 5.75 16.94 18.68
N UNK A 443 5.12 17.79 19.46
CA UNK A 443 4.54 17.40 20.76
C UNK A 443 3.54 16.27 20.57
N UNK A 444 2.68 16.47 19.58
CA UNK A 444 1.60 15.52 19.25
C UNK A 444 2.17 14.22 18.68
N UNK A 445 2.86 14.36 17.58
CA UNK A 445 3.16 13.23 16.71
C UNK A 445 3.50 12.01 17.56
N UNK A 446 4.49 12.22 18.41
CA UNK A 446 4.92 11.22 19.38
C UNK A 446 3.69 10.68 20.12
N UNK A 447 2.72 11.57 20.28
CA UNK A 447 1.47 11.27 20.97
C UNK A 447 0.84 9.99 20.41
N UNK A 448 0.71 9.97 19.09
CA UNK A 448 0.14 8.81 18.36
C UNK A 448 1.11 7.67 18.35
N UNK A 449 2.30 8.03 17.93
CA UNK A 449 3.38 7.09 17.82
C UNK A 449 3.48 6.33 19.11
N UNK A 450 3.71 7.14 20.12
CA UNK A 450 3.91 6.74 21.48
C UNK A 450 2.69 5.99 22.02
N UNK A 451 1.56 6.32 21.43
CA UNK A 451 0.26 5.86 21.88
C UNK A 451 0.30 4.39 22.19
N UNK A 452 0.73 3.67 21.20
CA UNK A 452 0.68 2.24 21.15
C UNK A 452 1.97 1.65 21.59
N UNK A 453 2.69 2.45 22.31
CA UNK A 453 3.69 1.95 23.21
C UNK A 453 3.00 1.12 24.26
N UNK A 454 2.75 -0.11 23.90
CA UNK A 454 2.00 -1.03 24.71
C UNK A 454 2.67 -1.19 26.07
N UNK A 455 3.96 -1.05 26.03
CA UNK A 455 4.83 -1.40 27.15
C UNK A 455 5.20 -0.17 27.95
N UNK A 456 5.54 -0.43 29.19
CA UNK A 456 6.27 0.51 30.01
C UNK A 456 7.52 0.90 29.30
N UNK A 457 8.46 -0.04 29.41
CA UNK A 457 9.86 0.14 29.00
C UNK A 457 9.98 1.26 27.94
N UNK A 458 9.08 1.21 26.97
CA UNK A 458 9.07 2.18 25.85
C UNK A 458 8.52 3.53 26.33
N UNK A 459 7.30 3.47 26.82
CA UNK A 459 6.58 4.65 27.32
C UNK A 459 7.41 5.35 28.40
N UNK A 460 8.38 4.63 28.90
CA UNK A 460 9.27 5.13 29.96
C UNK A 460 10.57 5.65 29.34
N UNK A 461 11.13 4.87 28.44
CA UNK A 461 12.38 5.25 27.78
C UNK A 461 12.09 6.31 26.73
N UNK A 462 11.36 5.91 25.70
CA UNK A 462 10.86 6.83 24.71
C UNK A 462 10.89 8.24 25.27
N UNK A 463 9.95 8.53 26.13
CA UNK A 463 9.95 9.80 26.93
C UNK A 463 11.47 10.30 27.57
N UNK A 464 12.39 9.40 28.04
CA UNK A 464 13.78 9.89 28.68
C UNK A 464 14.71 10.53 27.59
N UNK A 465 15.30 9.65 26.80
CA UNK A 465 16.03 10.05 25.60
C UNK A 465 15.46 11.36 25.10
N UNK A 466 14.24 11.62 25.55
CA UNK A 466 13.49 12.82 25.22
C UNK A 466 13.96 13.98 26.11
N UNK A 467 13.50 13.93 27.35
CA UNK A 467 13.84 14.94 28.36
C UNK A 467 15.19 15.56 28.04
N UNK A 468 16.15 14.67 27.81
CA UNK A 468 17.52 15.05 27.47
C UNK A 468 17.51 16.13 26.40
N UNK A 469 16.59 15.97 25.46
CA UNK A 469 16.42 16.90 24.35
C UNK A 469 15.69 18.19 24.84
N UNK A 470 14.50 18.01 25.44
CA UNK A 470 13.67 19.17 25.91
C UNK A 470 12.61 18.74 26.95
N UNK A 471 12.61 19.49 28.06
CA UNK A 471 11.63 19.34 29.16
C UNK A 471 10.21 19.57 28.62
N UNK A 472 10.13 20.52 27.72
CA UNK A 472 8.87 20.83 27.01
C UNK A 472 8.42 19.60 26.23
N UNK A 473 9.30 19.16 25.35
CA UNK A 473 9.07 17.96 24.53
C UNK A 473 8.44 16.85 25.40
N UNK A 474 9.02 16.71 26.61
CA UNK A 474 8.67 15.61 27.58
C UNK A 474 7.45 16.01 28.50
N UNK A 475 7.70 16.90 29.52
CA UNK A 475 6.60 17.41 30.40
C UNK A 475 5.39 17.72 29.53
N UNK A 476 5.54 17.36 28.27
CA UNK A 476 4.50 17.55 27.25
C UNK A 476 3.93 16.21 26.83
N UNK A 477 4.76 15.44 26.14
CA UNK A 477 4.38 14.12 25.64
C UNK A 477 4.19 13.15 26.80
N UNK A 478 4.54 13.62 27.98
CA UNK A 478 4.42 12.84 29.21
C UNK A 478 2.95 12.48 29.55
N UNK A 479 2.03 13.31 29.03
CA UNK A 479 0.59 13.27 29.42
C UNK A 479 -0.14 12.18 28.63
N UNK A 480 -0.18 12.37 27.33
CA UNK A 480 -0.75 11.37 26.40
C UNK A 480 -0.45 9.97 26.93
N UNK A 481 0.84 9.61 26.85
CA UNK A 481 1.40 8.46 27.58
C UNK A 481 1.04 8.61 29.09
N UNK A 482 2.00 8.27 29.96
CA UNK A 482 1.74 8.25 31.44
C UNK A 482 2.81 9.07 32.21
N UNK A 483 4.04 8.55 32.17
CA UNK A 483 5.17 8.94 33.10
C UNK A 483 5.46 10.48 33.06
N UNK A 484 6.07 10.95 34.21
CA UNK A 484 6.43 12.41 34.49
C UNK A 484 7.93 12.65 34.22
N UNK A 485 8.22 13.93 33.86
CA UNK A 485 9.55 14.34 33.32
C UNK A 485 10.31 15.27 34.31
N UNK A 486 11.16 14.63 35.13
CA UNK A 486 12.20 15.36 35.92
C UNK A 486 13.07 16.21 34.95
N UNK A 487 14.14 16.81 35.50
CA UNK A 487 14.95 17.87 34.77
C UNK A 487 16.47 17.40 34.58
N UNK A 488 16.90 17.31 33.29
CA UNK A 488 18.29 16.80 32.93
C UNK A 488 19.09 17.87 32.10
N UNK A 489 19.78 18.74 32.83
CA UNK A 489 20.46 19.95 32.27
C UNK A 489 21.29 19.60 30.95
N UNK A 490 22.48 19.09 31.23
CA UNK A 490 23.67 18.88 30.28
C UNK A 490 23.32 18.86 28.75
N UNK A 491 22.29 19.55 28.36
CA UNK A 491 21.97 19.73 26.91
C UNK A 491 21.42 21.20 26.61
N UNK A 492 20.83 21.78 27.66
CA UNK A 492 19.84 22.89 27.60
C UNK A 492 20.43 24.21 26.98
N UNK A 493 20.82 24.14 25.72
CA UNK A 493 21.31 25.35 24.97
C UNK A 493 20.16 25.99 24.14
N UNK A 494 19.45 26.94 24.77
CA UNK A 494 18.27 27.67 24.15
C UNK A 494 18.68 28.27 22.81
N UNK A 495 19.03 27.39 21.89
CA UNK A 495 19.70 27.77 20.63
C UNK A 495 18.70 27.84 19.48
N UNK A 496 19.18 28.38 18.37
CA UNK A 496 18.36 28.63 17.16
C UNK A 496 19.20 28.52 15.91
N UNK A 497 18.63 27.83 14.96
CA UNK A 497 18.96 28.03 13.55
C UNK A 497 17.70 28.41 12.80
N UNK A 498 17.96 28.91 11.63
CA UNK A 498 16.98 29.58 10.80
C UNK A 498 15.98 28.58 10.24
N UNK A 499 15.27 29.07 9.24
CA UNK A 499 14.30 28.28 8.49
C UNK A 499 14.78 26.84 8.36
N UNK A 500 14.56 26.09 9.42
CA UNK A 500 14.87 24.65 9.49
C UNK A 500 13.68 23.91 9.91
N UNK A 501 12.74 23.88 9.04
CA UNK A 501 11.42 23.49 9.40
C UNK A 501 10.63 23.11 8.21
N UNK A 502 9.37 23.09 8.45
CA UNK A 502 8.38 23.11 7.43
C UNK A 502 7.74 24.50 7.39
N UNK A 503 7.03 24.81 8.47
CA UNK A 503 6.04 25.91 8.51
C UNK A 503 6.74 27.31 8.49
N UNK A 504 6.93 27.75 7.20
CA UNK A 504 7.31 29.15 6.75
C UNK A 504 6.99 29.28 5.16
N UNK A 505 6.83 30.56 4.66
CA UNK A 505 6.02 30.89 3.33
C UNK A 505 6.67 30.22 2.01
N UNK A 506 5.85 30.33 0.85
CA UNK A 506 6.09 29.57 -0.50
C UNK A 506 7.07 30.36 -1.46
N UNK A 507 6.86 30.18 -2.82
CA UNK A 507 7.80 30.76 -3.88
C UNK A 507 7.28 30.58 -5.30
N UNK A 508 6.56 29.54 -5.46
CA UNK A 508 5.88 29.21 -6.70
C UNK A 508 4.50 28.56 -6.38
N UNK A 509 3.47 29.42 -6.36
CA UNK A 509 2.08 29.00 -6.06
C UNK A 509 1.48 28.26 -7.27
N UNK A 510 1.55 26.94 -7.19
CA UNK A 510 1.31 26.04 -8.35
C UNK A 510 -0.21 25.83 -8.60
N UNK A 511 -0.72 24.70 -8.06
CA UNK A 511 -1.90 23.99 -8.65
C UNK A 511 -3.26 24.33 -7.94
N UNK A 512 -3.89 23.25 -7.41
CA UNK A 512 -5.39 23.08 -7.34
C UNK A 512 -6.07 24.09 -6.38
N UNK A 513 -7.27 24.55 -6.85
CA UNK A 513 -8.22 25.38 -6.06
C UNK A 513 -9.67 24.83 -6.24
N UNK A 514 -10.17 24.22 -5.16
CA UNK A 514 -11.40 23.39 -5.22
C UNK A 514 -12.63 24.23 -4.88
N UNK A 515 -13.58 24.10 -5.82
CA UNK A 515 -14.82 24.86 -5.87
C UNK A 515 -16.01 23.91 -5.85
N UNK A 516 -17.13 24.48 -5.57
CA UNK A 516 -18.34 23.73 -5.36
C UNK A 516 -19.52 24.47 -5.97
N UNK A 517 -20.07 23.83 -6.98
CA UNK A 517 -21.17 24.37 -7.77
C UNK A 517 -22.38 23.49 -7.60
N UNK A 518 -23.35 23.69 -8.44
CA UNK A 518 -24.44 22.76 -8.55
C UNK A 518 -25.19 22.95 -9.86
N UNK A 519 -25.06 21.87 -10.64
CA UNK A 519 -25.85 21.57 -11.86
C UNK A 519 -27.18 22.28 -11.83
N UNK A 520 -27.85 22.18 -10.71
CA UNK A 520 -28.90 23.11 -10.42
C UNK A 520 -28.41 24.48 -10.88
N UNK A 521 -28.77 25.48 -10.15
CA UNK A 521 -28.38 26.88 -10.45
C UNK A 521 -27.02 26.94 -11.22
N UNK A 522 -27.13 26.75 -12.54
CA UNK A 522 -26.00 26.95 -13.49
C UNK A 522 -24.98 27.96 -12.95
N UNK A 523 -25.54 29.10 -12.56
CA UNK A 523 -24.77 30.30 -12.20
C UNK A 523 -23.29 29.96 -11.94
N UNK A 524 -23.11 29.00 -11.08
CA UNK A 524 -21.78 28.66 -10.52
C UNK A 524 -20.84 28.21 -11.62
N UNK A 525 -21.26 27.21 -12.34
CA UNK A 525 -20.44 26.58 -13.38
C UNK A 525 -19.58 27.66 -14.02
N UNK A 526 -20.08 28.87 -13.88
CA UNK A 526 -19.40 30.10 -14.32
C UNK A 526 -18.02 30.24 -13.64
N UNK A 527 -17.97 29.84 -12.39
CA UNK A 527 -16.81 30.11 -11.53
C UNK A 527 -15.51 29.75 -12.24
N UNK A 528 -15.46 28.54 -12.74
CA UNK A 528 -14.21 27.95 -13.21
C UNK A 528 -13.46 28.94 -14.09
N UNK A 529 -14.02 29.19 -15.24
CA UNK A 529 -13.48 30.16 -16.19
C UNK A 529 -13.29 31.48 -15.49
N UNK A 530 -14.25 31.75 -14.62
CA UNK A 530 -14.28 32.96 -13.80
C UNK A 530 -12.96 33.08 -12.93
N UNK A 531 -12.71 32.03 -12.05
CA UNK A 531 -11.41 31.93 -11.18
C UNK A 531 -10.22 31.06 -11.93
N UNK A 532 -10.39 31.05 -13.01
CA UNK A 532 -9.29 30.48 -13.80
C UNK A 532 -8.55 31.56 -14.57
N UNK A 533 -8.29 32.64 -13.85
CA UNK A 533 -7.61 34.08 -14.49
C UNK A 533 -6.32 33.83 -13.34
N UNK A 534 -6.51 32.89 -12.20
CA UNK A 534 -5.27 32.24 -11.23
C UNK A 534 -3.99 31.79 -12.28
N UNK A 535 -4.28 31.63 -13.76
CA UNK A 535 -3.12 31.29 -14.94
C UNK A 535 -1.73 31.86 -14.52
N UNK A 536 -1.75 33.09 -13.99
CA UNK A 536 -0.51 33.79 -13.50
C UNK A 536 0.22 32.91 -12.49
N UNK A 537 -0.54 32.07 -11.89
CA UNK A 537 -0.07 30.87 -11.24
C UNK A 537 -0.77 29.73 -11.89
N UNK A 538 -0.43 28.55 -11.45
CA UNK A 538 -0.93 27.32 -12.06
C UNK A 538 -2.12 26.80 -11.29
N UNK A 539 -2.98 27.71 -10.98
CA UNK A 539 -4.26 27.36 -10.44
C UNK A 539 -4.73 26.15 -11.11
N UNK A 540 -5.40 25.42 -10.40
CA UNK A 540 -6.21 24.42 -10.92
C UNK A 540 -7.52 24.54 -10.32
N UNK A 541 -8.41 24.97 -11.11
CA UNK A 541 -9.74 25.16 -10.71
C UNK A 541 -10.51 24.01 -11.12
N UNK A 542 -10.72 23.24 -10.16
CA UNK A 542 -11.44 22.07 -10.27
C UNK A 542 -12.85 22.29 -9.70
N UNK A 543 -13.85 22.06 -10.56
CA UNK A 543 -15.25 22.59 -10.38
C UNK A 543 -16.31 21.43 -10.05
N UNK A 544 -16.45 21.08 -8.73
CA UNK A 544 -17.25 19.84 -8.29
C UNK A 544 -18.82 20.05 -8.41
N UNK A 545 -19.50 18.92 -8.74
CA UNK A 545 -21.02 18.83 -8.81
C UNK A 545 -21.45 17.40 -9.05
N UNK A 546 -22.70 17.17 -8.75
CA UNK A 546 -23.32 15.86 -8.91
C UNK A 546 -22.81 15.17 -10.19
N UNK A 547 -22.85 15.93 -11.34
CA UNK A 547 -22.87 15.29 -12.73
C UNK A 547 -22.10 16.18 -13.87
N UNK A 548 -22.05 15.61 -15.17
CA UNK A 548 -21.00 16.01 -16.27
C UNK A 548 -21.54 17.08 -17.28
N UNK A 549 -21.04 18.30 -17.00
CA UNK A 549 -20.86 19.41 -17.95
C UNK A 549 -19.45 19.93 -17.81
N UNK A 550 -19.23 21.12 -18.31
CA UNK A 550 -17.98 21.85 -18.08
C UNK A 550 -17.60 21.75 -16.62
N UNK A 551 -17.01 20.61 -16.24
CA UNK A 551 -16.81 20.28 -14.81
C UNK A 551 -15.70 19.28 -14.60
N UNK A 552 -14.70 19.60 -13.80
CA UNK A 552 -13.83 18.60 -13.21
C UNK A 552 -14.65 17.28 -12.95
N UNK A 553 -15.11 17.07 -11.66
CA UNK A 553 -15.80 15.75 -11.24
C UNK A 553 -16.87 15.94 -10.04
N UNK A 554 -17.30 14.73 -9.45
CA UNK A 554 -18.54 14.62 -8.51
C UNK A 554 -18.09 14.12 -6.96
N UNK A 555 -19.06 14.27 -5.92
CA UNK A 555 -18.77 13.93 -4.36
C UNK A 555 -17.62 12.90 -4.26
N UNK A 556 -17.80 11.82 -5.04
CA UNK A 556 -16.70 11.04 -5.59
C UNK A 556 -15.39 11.97 -5.62
N UNK A 557 -15.56 13.30 -5.07
CA UNK A 557 -14.38 14.30 -4.72
C UNK A 557 -14.28 14.56 -3.18
N UNK A 558 -13.10 15.07 -2.71
CA UNK A 558 -12.79 15.12 -1.23
C UNK A 558 -12.21 16.50 -0.80
N UNK A 559 -11.49 16.46 0.26
CA UNK A 559 -10.84 17.62 0.78
C UNK A 559 -9.37 17.47 0.56
N UNK A 560 -8.93 16.26 0.88
CA UNK A 560 -7.61 15.78 0.51
C UNK A 560 -7.17 16.46 -0.78
N UNK A 561 -7.79 16.03 -1.87
CA UNK A 561 -7.41 16.45 -3.23
C UNK A 561 -7.06 17.98 -3.26
N UNK A 562 -8.04 18.75 -3.71
CA UNK A 562 -7.88 20.19 -4.17
C UNK A 562 -7.62 21.15 -2.95
N UNK A 563 -6.49 21.87 -3.04
CA UNK A 563 -5.82 22.55 -1.89
C UNK A 563 -6.76 23.63 -1.19
N UNK A 564 -7.80 24.12 -1.94
CA UNK A 564 -8.62 25.34 -1.48
C UNK A 564 -10.12 25.25 -1.92
N UNK A 565 -11.00 24.96 -0.95
CA UNK A 565 -12.48 24.78 -1.20
C UNK A 565 -13.25 26.13 -1.04
N UNK A 566 -13.92 26.53 -2.12
CA UNK A 566 -14.80 27.75 -2.14
C UNK A 566 -16.26 27.35 -2.50
N UNK A 567 -17.19 28.12 -1.93
CA UNK A 567 -18.65 28.00 -2.25
C UNK A 567 -18.91 28.56 -3.66
N UNK A 568 -20.15 28.88 -3.86
CA UNK A 568 -20.65 29.50 -5.08
C UNK A 568 -21.93 30.24 -4.73
N UNK A 569 -22.75 30.42 -5.71
CA UNK A 569 -24.17 30.64 -5.50
C UNK A 569 -24.84 29.31 -4.99
N UNK A 570 -25.97 28.95 -5.62
CA UNK A 570 -26.79 27.76 -5.18
C UNK A 570 -25.96 26.86 -4.22
N UNK A 571 -26.37 26.84 -2.93
CA UNK A 571 -25.48 26.39 -1.82
C UNK A 571 -26.25 25.72 -0.62
N UNK A 572 -27.49 25.28 -0.89
CA UNK A 572 -28.28 24.42 0.08
C UNK A 572 -27.60 23.15 0.21
N UNK A 573 -26.49 23.13 -0.43
CA UNK A 573 -25.57 22.04 -0.38
C UNK A 573 -24.64 22.22 0.80
N UNK A 574 -25.24 22.46 2.02
CA UNK A 574 -24.39 22.67 3.24
C UNK A 574 -25.18 23.25 4.47
N UNK A 575 -26.01 22.43 5.04
CA UNK A 575 -26.67 22.74 6.32
C UNK A 575 -26.27 21.66 7.35
N UNK A 576 -27.07 21.55 8.40
CA UNK A 576 -26.94 20.44 9.39
C UNK A 576 -27.96 19.34 9.05
N UNK A 577 -27.47 18.29 8.41
CA UNK A 577 -28.32 17.38 7.68
C UNK A 577 -27.74 15.93 7.60
N UNK A 578 -26.45 15.79 7.65
CA UNK A 578 -25.85 14.43 7.66
C UNK A 578 -26.68 13.50 8.58
N UNK A 579 -27.78 14.05 9.05
CA UNK A 579 -28.65 13.36 10.01
C UNK A 579 -30.12 13.54 9.62
N UNK A 580 -30.32 13.74 8.35
CA UNK A 580 -31.67 13.90 7.78
C UNK A 580 -32.37 12.55 7.68
N UNK A 581 -33.69 12.59 7.61
CA UNK A 581 -34.49 11.37 7.52
C UNK A 581 -34.49 10.87 6.07
N UNK A 582 -33.32 10.49 5.59
CA UNK A 582 -33.19 10.00 4.22
C UNK A 582 -34.57 9.61 3.67
N UNK A 583 -35.35 10.65 3.42
CA UNK A 583 -36.66 10.55 2.76
C UNK A 583 -36.85 11.81 1.76
N UNK A 584 -38.10 12.34 1.69
CA UNK A 584 -38.67 13.06 0.46
C UNK A 584 -37.82 14.34 -0.02
N UNK A 585 -37.09 14.98 0.90
CA UNK A 585 -36.04 16.00 0.50
C UNK A 585 -34.71 15.27 0.19
N UNK A 586 -34.31 15.33 -1.08
CA UNK A 586 -33.54 14.21 -1.74
C UNK A 586 -31.99 14.33 -1.54
N UNK A 587 -31.32 13.22 -1.99
CA UNK A 587 -29.83 13.09 -2.07
C UNK A 587 -29.44 11.77 -2.83
N UNK A 588 -28.74 11.94 -3.98
CA UNK A 588 -28.58 10.83 -4.97
C UNK A 588 -27.19 10.73 -5.51
N UNK A 589 -27.02 11.21 -6.73
CA UNK A 589 -25.70 11.45 -7.26
C UNK A 589 -24.76 11.79 -6.08
N UNK A 590 -24.03 10.75 -5.70
CA UNK A 590 -23.15 10.70 -4.47
C UNK A 590 -22.81 12.06 -4.02
N UNK A 591 -23.42 12.37 -2.95
CA UNK A 591 -23.09 13.48 -2.17
C UNK A 591 -23.46 13.19 -0.75
N UNK A 592 -23.03 12.03 -0.31
CA UNK A 592 -23.43 11.51 1.00
C UNK A 592 -23.95 12.66 1.87
N UNK A 593 -23.07 13.07 2.77
CA UNK A 593 -23.22 14.24 3.64
C UNK A 593 -22.01 15.09 3.45
N UNK A 594 -21.61 15.08 2.21
CA UNK A 594 -20.29 15.45 1.77
C UNK A 594 -20.10 16.95 1.85
N UNK A 595 -20.85 17.63 1.04
CA UNK A 595 -20.75 19.09 0.88
C UNK A 595 -20.06 19.72 2.09
N UNK A 596 -20.89 20.07 3.06
CA UNK A 596 -20.44 20.68 4.32
C UNK A 596 -19.09 20.09 4.74
N UNK A 597 -19.04 18.78 4.65
CA UNK A 597 -17.86 18.01 5.05
C UNK A 597 -16.60 18.63 4.46
N UNK A 598 -16.66 18.86 3.17
CA UNK A 598 -15.55 19.43 2.43
C UNK A 598 -15.08 20.73 3.11
N UNK A 599 -16.06 21.57 3.38
CA UNK A 599 -15.82 22.87 4.02
C UNK A 599 -15.19 22.67 5.40
N UNK A 600 -15.91 21.94 6.22
CA UNK A 600 -15.49 21.64 7.59
C UNK A 600 -14.08 21.08 7.56
N UNK A 601 -13.86 20.28 6.55
CA UNK A 601 -12.57 19.65 6.31
C UNK A 601 -11.46 20.69 6.27
N UNK A 602 -11.38 21.38 5.14
CA UNK A 602 -10.35 22.42 4.96
C UNK A 602 -10.05 23.07 6.31
N UNK A 603 -11.04 23.73 6.86
CA UNK A 603 -10.87 24.41 8.15
C UNK A 603 -10.43 23.42 9.22
N UNK A 604 -11.31 22.48 9.42
CA UNK A 604 -11.11 21.35 10.32
C UNK A 604 -9.80 20.70 9.93
N UNK A 605 -9.09 21.47 9.14
CA UNK A 605 -7.69 21.27 8.85
C UNK A 605 -6.95 22.56 9.08
N UNK A 606 -6.34 22.97 8.05
CA UNK A 606 -5.73 24.25 7.95
C UNK A 606 -5.54 24.58 6.53
N UNK A 607 -6.38 25.42 6.08
CA UNK A 607 -6.40 25.80 4.70
C UNK A 607 -7.01 27.15 4.55
N UNK A 608 -7.53 27.38 3.35
CA UNK A 608 -8.04 28.70 2.95
C UNK A 608 -9.42 28.59 2.21
N UNK A 609 -10.53 28.90 2.96
CA UNK A 609 -11.96 28.74 2.43
C UNK A 609 -12.64 30.14 2.10
N UNK A 610 -13.78 30.10 1.26
CA UNK A 610 -14.51 31.39 0.84
C UNK A 610 -15.81 31.17 0.11
N UNK A 611 -16.33 32.31 -0.26
CA UNK A 611 -17.63 32.44 -0.82
C UNK A 611 -17.61 33.59 -1.76
N UNK A 612 -17.76 33.31 -3.01
CA UNK A 612 -18.08 34.35 -3.94
C UNK A 612 -19.18 35.22 -3.32
N UNK A 613 -20.42 34.72 -3.42
CA UNK A 613 -21.59 35.33 -2.73
C UNK A 613 -22.38 34.25 -1.91
N UNK A 614 -23.66 34.16 -2.24
CA UNK A 614 -24.68 33.36 -1.47
C UNK A 614 -24.02 32.27 -0.57
N UNK A 615 -23.02 31.59 -1.14
CA UNK A 615 -22.26 30.53 -0.41
C UNK A 615 -21.81 31.07 0.92
N UNK A 616 -21.83 32.36 0.97
CA UNK A 616 -21.61 33.09 2.17
C UNK A 616 -22.40 32.43 3.32
N UNK A 617 -23.34 31.55 2.92
CA UNK A 617 -24.15 30.70 3.86
C UNK A 617 -23.34 29.38 4.28
N UNK A 618 -22.71 28.69 3.29
CA UNK A 618 -21.80 27.52 3.59
C UNK A 618 -20.98 27.86 4.81
N UNK A 619 -20.40 29.02 4.69
CA UNK A 619 -19.58 29.63 5.71
C UNK A 619 -20.34 29.81 7.00
N UNK A 620 -21.62 29.72 6.90
CA UNK A 620 -22.49 29.94 8.03
C UNK A 620 -22.99 28.65 8.55
N UNK A 621 -22.32 27.62 8.14
CA UNK A 621 -22.27 26.41 8.91
C UNK A 621 -21.77 26.75 10.30
N UNK A 622 -20.54 27.25 10.33
CA UNK A 622 -19.94 27.79 11.55
C UNK A 622 -18.56 28.42 11.29
N UNK A 623 -18.43 29.09 10.15
CA UNK A 623 -17.19 29.86 9.79
C UNK A 623 -17.30 31.34 10.32
N UNK A 624 -16.14 32.05 10.24
CA UNK A 624 -16.04 33.53 10.61
C UNK A 624 -15.12 34.25 9.60
N UNK A 625 -15.72 34.46 8.44
CA UNK A 625 -15.17 35.35 7.38
C UNK A 625 -14.41 36.52 7.99
N UNK A 626 -14.46 36.58 9.29
CA UNK A 626 -13.79 37.61 10.08
C UNK A 626 -12.59 37.00 10.74
N UNK A 627 -11.89 36.28 9.93
CA UNK A 627 -10.95 35.31 10.37
C UNK A 627 -10.13 34.88 9.16
N UNK A 628 -9.25 33.97 9.41
CA UNK A 628 -8.28 33.53 8.41
C UNK A 628 -8.91 33.56 6.99
N UNK A 629 -10.23 33.29 6.97
CA UNK A 629 -10.96 32.89 5.72
C UNK A 629 -11.51 34.13 4.96
N UNK A 630 -11.33 34.06 3.62
CA UNK A 630 -11.66 35.18 2.69
C UNK A 630 -13.16 35.08 2.21
N UNK A 631 -13.73 36.29 1.86
CA UNK A 631 -15.17 36.43 1.41
C UNK A 631 -15.30 37.58 0.34
N UNK A 632 -15.88 37.22 -0.83
CA UNK A 632 -16.04 38.17 -1.99
C UNK A 632 -17.51 38.30 -2.38
N UNK A 633 -17.68 38.69 -3.63
CA UNK A 633 -18.97 38.63 -4.35
C UNK A 633 -18.79 37.83 -5.61
N UNK A 634 -17.90 38.33 -6.43
CA UNK A 634 -17.55 37.72 -7.69
C UNK A 634 -15.96 37.43 -7.76
N UNK A 635 -15.30 37.96 -8.85
CA UNK A 635 -14.02 37.33 -9.43
C UNK A 635 -12.64 37.97 -8.84
N UNK A 636 -12.54 39.33 -8.87
CA UNK A 636 -11.18 40.08 -8.88
C UNK A 636 -10.40 39.92 -7.52
N UNK A 637 -10.85 40.67 -6.52
CA UNK A 637 -10.21 40.69 -5.18
C UNK A 637 -9.95 39.25 -4.74
N UNK A 638 -10.53 38.36 -5.52
CA UNK A 638 -10.54 36.92 -5.28
C UNK A 638 -9.11 36.36 -5.29
N UNK A 639 -8.48 36.40 -6.45
CA UNK A 639 -7.09 35.99 -6.57
C UNK A 639 -6.32 36.74 -5.60
N UNK A 640 -6.62 38.01 -5.59
CA UNK A 640 -6.04 38.95 -4.71
C UNK A 640 -6.05 38.38 -3.32
N UNK A 641 -7.24 38.01 -2.91
CA UNK A 641 -7.49 37.40 -1.58
C UNK A 641 -6.78 35.92 -1.45
N UNK A 642 -7.13 34.98 -2.48
CA UNK A 642 -6.72 33.44 -2.50
C UNK A 642 -5.16 33.19 -2.34
N UNK A 643 -4.36 33.84 -3.21
CA UNK A 643 -2.85 33.75 -3.17
C UNK A 643 -2.34 34.14 -1.79
N UNK A 644 -3.00 35.11 -1.23
CA UNK A 644 -2.81 35.46 0.17
C UNK A 644 -2.73 34.18 0.99
N UNK A 645 -3.43 33.17 0.45
CA UNK A 645 -3.62 31.84 1.07
C UNK A 645 -2.45 30.91 0.72
N UNK A 646 -2.34 30.59 -0.56
CA UNK A 646 -1.29 29.70 -1.07
C UNK A 646 -0.01 29.89 -0.26
N UNK A 647 0.14 31.14 0.08
CA UNK A 647 1.29 31.63 0.82
C UNK A 647 1.20 31.33 2.29
N UNK A 648 0.36 30.44 2.63
CA UNK A 648 0.16 30.11 4.03
C UNK A 648 -0.71 28.93 4.19
N UNK A 649 -0.66 28.14 3.21
CA UNK A 649 -1.52 27.02 3.12
C UNK A 649 -1.31 26.10 4.33
N UNK A 650 -1.61 26.64 5.50
CA UNK A 650 -1.53 25.90 6.77
C UNK A 650 -2.08 26.72 7.90
N UNK A 651 -2.55 27.88 7.53
CA UNK A 651 -3.15 28.79 8.47
C UNK A 651 -3.15 28.13 9.84
N UNK A 652 -2.22 28.59 10.63
CA UNK A 652 -1.86 27.94 11.88
C UNK A 652 -2.82 28.33 12.98
N UNK A 653 -3.56 29.37 12.72
CA UNK A 653 -4.46 29.96 13.71
C UNK A 653 -5.26 28.83 14.44
N UNK A 654 -5.49 27.75 13.70
CA UNK A 654 -6.32 26.60 14.20
C UNK A 654 -5.51 25.77 15.23
N UNK A 655 -4.75 24.82 14.71
CA UNK A 655 -3.95 23.86 15.55
C UNK A 655 -3.71 24.45 16.97
N UNK A 656 -4.04 23.58 17.97
CA UNK A 656 -4.19 23.97 19.41
C UNK A 656 -2.84 23.91 20.13
N UNK A 657 -2.45 25.05 20.71
CA UNK A 657 -1.07 25.27 21.22
C UNK A 657 -0.92 24.75 22.67
N UNK A 658 -0.36 25.61 23.50
CA UNK A 658 0.14 25.24 24.85
C UNK A 658 -0.46 23.87 25.31
N UNK A 659 0.22 22.76 24.90
CA UNK A 659 -0.33 21.38 25.10
C UNK A 659 0.75 20.28 25.11
N UNK B 1 5.87 -30.40 7.50
CA UNK B 1 5.72 -31.92 8.32
C UNK B 1 5.31 -31.62 9.79
N UNK B 2 6.27 -31.09 10.52
CA UNK B 2 6.03 -30.33 11.76
C UNK B 2 6.51 -28.87 11.60
N UNK B 3 7.14 -28.35 12.68
CA UNK B 3 7.73 -26.97 12.69
C UNK B 3 9.17 -26.94 13.21
N UNK B 4 9.88 -27.95 12.91
CA UNK B 4 11.25 -28.08 13.33
C UNK B 4 12.18 -27.25 12.40
N UNK B 5 11.82 -25.99 12.26
CA UNK B 5 12.66 -24.97 11.60
C UNK B 5 12.74 -23.76 12.50
N UNK B 6 12.57 -24.06 13.78
CA UNK B 6 12.18 -23.09 14.78
C UNK B 6 13.38 -22.59 15.55
N UNK B 7 13.67 -21.34 15.30
CA UNK B 7 14.71 -20.61 16.01
C UNK B 7 14.08 -19.86 17.17
N UNK B 8 14.11 -20.50 18.28
CA UNK B 8 13.94 -19.83 19.55
C UNK B 8 15.22 -19.16 19.88
N UNK B 9 15.23 -17.93 19.92
CA UNK B 9 16.45 -17.21 20.04
C UNK B 9 16.57 -16.77 21.45
N UNK B 10 15.76 -17.42 22.26
CA UNK B 10 15.73 -17.20 23.68
C UNK B 10 17.16 -17.27 24.23
N UNK B 11 17.37 -16.58 25.34
CA UNK B 11 18.74 -16.41 25.93
C UNK B 11 19.77 -17.16 25.08
N UNK B 12 20.24 -16.47 24.04
CA UNK B 12 21.12 -17.07 23.03
C UNK B 12 22.01 -16.02 22.37
N UNK B 13 23.30 -16.32 22.38
CA UNK B 13 24.32 -15.42 21.81
C UNK B 13 24.09 -15.24 20.29
N UNK B 14 24.96 -14.44 19.71
CA UNK B 14 24.88 -14.06 18.31
C UNK B 14 25.84 -14.85 17.51
N UNK B 15 25.27 -15.73 16.77
CA UNK B 15 26.00 -16.53 15.85
C UNK B 15 26.07 -15.83 14.50
N UNK B 16 26.70 -16.53 13.61
CA UNK B 16 26.56 -16.33 12.18
C UNK B 16 26.31 -17.68 11.55
N UNK B 17 25.68 -17.65 10.40
CA UNK B 17 25.22 -18.89 9.74
C UNK B 17 26.33 -19.79 9.36
N UNK B 18 27.43 -19.43 9.80
CA UNK B 18 28.45 -20.33 10.15
C UNK B 18 28.63 -20.27 11.64
N UNK B 19 27.80 -21.04 12.31
CA UNK B 19 27.67 -20.97 13.76
C UNK B 19 28.95 -20.40 14.36
N UNK B 20 29.02 -19.08 14.33
CA UNK B 20 30.24 -18.35 14.66
C UNK B 20 29.99 -17.28 15.70
N UNK B 21 30.47 -17.56 16.90
CA UNK B 21 30.35 -16.61 18.03
C UNK B 21 30.77 -15.11 17.60
N UNK B 22 29.75 -14.24 17.13
CA UNK B 22 30.07 -12.89 16.38
C UNK B 22 29.23 -11.63 16.94
N UNK B 23 29.84 -10.41 16.70
CA UNK B 23 29.24 -9.07 17.14
C UNK B 23 28.27 -8.53 16.07
N UNK B 24 27.42 -7.61 16.50
CA UNK B 24 26.37 -7.07 15.65
C UNK B 24 26.58 -5.55 15.36
N UNK B 25 27.34 -4.89 16.21
CA UNK B 25 27.36 -3.39 16.25
C UNK B 25 28.68 -2.86 15.52
N UNK B 26 29.16 -1.69 16.00
CA UNK B 26 30.32 -0.92 15.37
C UNK B 26 31.28 -1.84 14.57
N UNK B 27 31.48 -1.46 13.29
CA UNK B 27 32.33 -2.25 12.30
C UNK B 27 33.83 -2.30 12.74
N UNK B 28 34.72 -2.51 11.71
CA UNK B 28 36.20 -2.78 11.91
C UNK B 28 37.07 -1.78 11.09
N UNK B 29 37.41 -0.65 11.73
CA UNK B 29 37.93 0.55 11.01
C UNK B 29 39.38 0.79 11.44
N UNK B 30 40.06 1.63 10.68
CA UNK B 30 41.44 2.04 10.99
C UNK B 30 41.60 2.16 12.52
N UNK B 31 40.92 3.19 13.03
CA UNK B 31 40.78 3.46 14.48
C UNK B 31 39.53 4.34 14.69
N UNK B 32 39.48 4.99 15.83
CA UNK B 32 38.37 5.92 16.17
C UNK B 32 37.79 6.59 14.84
N UNK B 33 38.61 7.48 14.24
CA UNK B 33 38.24 8.21 12.96
C UNK B 33 38.35 7.25 11.76
N UNK B 34 37.37 6.36 11.70
CA UNK B 34 37.50 5.02 11.06
C UNK B 34 37.58 5.10 9.52
N UNK B 35 38.46 4.24 9.01
CA UNK B 35 38.34 3.64 7.66
C UNK B 35 37.67 2.24 7.81
N UNK B 36 37.06 1.78 6.74
CA UNK B 36 36.24 0.52 6.77
C UNK B 36 36.97 -0.64 6.01
N UNK B 37 37.23 -1.73 6.77
CA UNK B 37 38.07 -2.89 6.28
C UNK B 37 37.18 -4.06 5.82
N UNK B 38 37.77 -4.90 4.98
CA UNK B 38 37.02 -5.85 4.13
C UNK B 38 36.94 -7.25 4.77
N UNK B 39 37.71 -7.45 5.80
CA UNK B 39 37.63 -8.70 6.59
C UNK B 39 36.56 -8.59 7.65
N UNK B 40 35.76 -7.53 7.50
CA UNK B 40 34.56 -7.31 8.30
C UNK B 40 33.46 -8.23 7.84
N UNK B 41 33.85 -9.48 7.81
CA UNK B 41 32.96 -10.60 7.54
C UNK B 41 31.59 -10.34 8.16
N UNK B 42 31.57 -9.32 9.00
CA UNK B 42 30.40 -8.96 9.80
C UNK B 42 29.54 -7.92 9.05
N UNK B 43 30.22 -7.10 8.26
CA UNK B 43 29.56 -6.08 7.42
C UNK B 43 28.82 -6.76 6.27
N UNK B 44 29.44 -7.83 5.79
CA UNK B 44 28.91 -8.65 4.70
C UNK B 44 27.78 -9.52 5.21
N UNK B 45 28.14 -10.38 6.14
CA UNK B 45 27.23 -11.36 6.73
C UNK B 45 25.89 -10.69 7.04
N UNK B 46 26.00 -9.44 7.48
CA UNK B 46 24.85 -8.62 7.89
C UNK B 46 24.25 -7.86 6.67
N UNK B 47 25.12 -7.10 5.99
CA UNK B 47 24.71 -6.18 4.89
C UNK B 47 24.13 -6.99 3.73
N UNK B 48 24.80 -8.08 3.48
CA UNK B 48 24.42 -9.11 2.51
C UNK B 48 22.94 -9.53 2.74
N UNK B 49 22.69 -9.91 3.99
CA UNK B 49 21.40 -10.50 4.41
C UNK B 49 20.25 -9.49 4.18
N UNK B 50 20.39 -8.34 4.82
CA UNK B 50 19.39 -7.26 4.71
C UNK B 50 19.29 -6.79 3.27
N UNK B 51 20.43 -6.69 2.65
CA UNK B 51 20.54 -6.42 1.22
C UNK B 51 19.93 -7.69 0.41
N UNK B 52 19.23 -8.70 1.22
CA UNK B 52 18.83 -10.20 0.68
C UNK B 52 17.50 -10.87 1.47
N UNK B 53 16.87 -9.99 2.15
CA UNK B 53 15.63 -10.21 2.83
C UNK B 53 14.51 -10.59 1.80
N UNK B 54 14.19 -9.63 0.90
CA UNK B 54 12.86 -9.58 0.17
C UNK B 54 12.86 -10.46 -1.13
N UNK B 55 11.75 -11.25 -1.25
CA UNK B 55 11.46 -12.10 -2.44
C UNK B 55 10.16 -11.61 -3.16
N UNK B 56 10.08 -11.95 -4.45
CA UNK B 56 9.18 -11.29 -5.45
C UNK B 56 7.70 -11.22 -4.98
N UNK B 57 7.03 -10.12 -5.43
CA UNK B 57 5.56 -9.93 -5.29
C UNK B 57 4.81 -11.17 -5.82
N UNK B 58 3.56 -11.15 -5.55
CA UNK B 58 2.59 -12.04 -6.13
C UNK B 58 2.44 -11.56 -7.63
N UNK B 59 1.87 -12.34 -8.42
CA UNK B 59 1.77 -12.03 -9.83
C UNK B 59 0.47 -11.29 -10.07
N UNK B 60 -0.41 -11.46 -9.11
CA UNK B 60 -1.79 -11.08 -9.27
C UNK B 60 -2.39 -10.65 -7.92
N UNK B 61 -2.02 -11.39 -6.88
CA UNK B 61 -2.41 -11.06 -5.47
C UNK B 61 -1.22 -11.21 -4.56
N UNK B 62 -0.77 -10.11 -4.05
CA UNK B 62 0.27 -10.08 -3.03
C UNK B 62 -0.37 -9.91 -1.66
N UNK B 63 -1.05 -8.82 -1.55
CA UNK B 63 -1.84 -8.50 -0.39
C UNK B 63 -2.17 -9.78 0.34
N UNK B 64 -1.54 -9.91 1.48
CA UNK B 64 -1.27 -11.21 2.09
C UNK B 64 -1.85 -11.29 3.53
N UNK B 65 -2.44 -12.47 3.83
CA UNK B 65 -2.97 -12.82 5.19
C UNK B 65 -2.83 -14.36 5.46
N UNK B 66 -2.67 -14.71 6.78
CA UNK B 66 -2.26 -16.11 7.23
C UNK B 66 -3.21 -16.66 8.35
N UNK B 67 -3.51 -17.95 8.20
CA UNK B 67 -4.42 -18.70 9.11
C UNK B 67 -4.04 -20.20 9.14
N UNK B 68 -4.04 -20.79 10.34
CA UNK B 68 -3.47 -22.16 10.55
C UNK B 68 -4.46 -23.07 11.30
N UNK B 69 -5.38 -23.67 10.53
CA UNK B 69 -6.50 -24.46 11.10
C UNK B 69 -6.37 -25.98 10.78
N UNK B 70 -7.56 -26.57 10.59
CA UNK B 70 -7.72 -28.03 10.35
C UNK B 70 -9.13 -28.30 9.79
N UNK B 71 -9.21 -29.35 8.99
CA UNK B 71 -10.49 -29.93 8.55
C UNK B 71 -10.79 -31.16 9.39
N UNK B 72 -12.01 -31.56 9.31
CA UNK B 72 -12.50 -32.74 10.01
C UNK B 72 -13.77 -33.21 9.36
N UNK B 73 -13.62 -34.23 8.58
CA UNK B 73 -14.72 -34.88 7.90
C UNK B 73 -15.64 -35.55 8.91
N UNK B 74 -16.90 -35.32 8.71
CA UNK B 74 -17.99 -36.08 9.33
C UNK B 74 -18.51 -37.08 8.30
N UNK B 75 -17.54 -37.58 7.54
CA UNK B 75 -17.79 -38.13 6.20
C UNK B 75 -17.17 -39.53 6.06
N UNK B 76 -17.89 -40.34 5.32
CA UNK B 76 -17.35 -41.53 4.66
C UNK B 76 -17.59 -41.41 3.15
N UNK B 77 -17.07 -40.30 2.63
CA UNK B 77 -17.35 -39.86 1.24
C UNK B 77 -17.05 -40.97 0.24
N UNK B 78 -17.07 -42.18 0.76
CA UNK B 78 -16.82 -43.39 -0.04
C UNK B 78 -17.32 -43.19 -1.48
N UNK B 79 -18.64 -43.13 -1.59
CA UNK B 79 -19.33 -42.95 -2.87
C UNK B 79 -19.54 -41.46 -3.14
N UNK B 80 -18.43 -40.78 -3.34
CA UNK B 80 -18.43 -39.33 -3.61
C UNK B 80 -17.04 -38.88 -4.05
N UNK B 81 -16.08 -39.16 -3.18
CA UNK B 81 -14.68 -38.80 -3.40
C UNK B 81 -13.76 -39.90 -2.86
N UNK B 82 -12.98 -40.45 -3.77
CA UNK B 82 -12.03 -41.50 -3.46
C UNK B 82 -10.77 -40.91 -2.85
N UNK B 83 -10.98 -40.22 -1.76
CA UNK B 83 -9.90 -39.50 -1.09
C UNK B 83 -9.75 -39.93 0.33
N UNK B 84 -8.70 -39.43 0.88
CA UNK B 84 -8.33 -39.69 2.23
C UNK B 84 -9.03 -38.74 3.16
N UNK B 85 -9.03 -37.51 2.75
CA UNK B 85 -9.46 -36.42 3.57
C UNK B 85 -10.96 -36.51 3.80
N UNK B 86 -11.50 -37.69 3.50
CA UNK B 86 -12.95 -37.92 3.58
C UNK B 86 -13.28 -39.41 3.63
N UNK B 87 -12.45 -40.12 4.33
CA UNK B 87 -12.70 -41.53 4.65
C UNK B 87 -13.90 -41.63 5.60
N UNK B 88 -13.65 -41.23 6.83
CA UNK B 88 -14.65 -41.25 7.91
C UNK B 88 -14.51 -39.98 8.77
N UNK B 89 -15.32 -39.89 9.79
CA UNK B 89 -15.30 -38.73 10.70
C UNK B 89 -13.81 -38.52 11.30
N UNK B 90 -12.90 -37.78 10.51
CA UNK B 90 -11.36 -37.73 10.85
C UNK B 90 -10.64 -36.37 10.40
N UNK B 91 -9.54 -36.03 11.17
CA UNK B 91 -8.82 -34.69 11.07
C UNK B 91 -7.56 -34.74 10.11
N UNK B 92 -7.46 -33.66 9.27
CA UNK B 92 -6.23 -33.33 8.47
C UNK B 92 -5.70 -31.91 8.91
N UNK B 93 -4.58 -31.51 8.30
CA UNK B 93 -3.91 -30.18 8.59
C UNK B 93 -4.36 -29.12 7.56
N UNK B 94 -4.35 -27.85 8.01
CA UNK B 94 -4.91 -26.74 7.20
C UNK B 94 -4.06 -25.47 7.30
N UNK B 95 -3.82 -24.92 6.11
CA UNK B 95 -3.33 -23.54 5.89
C UNK B 95 -4.08 -22.94 4.64
N UNK B 96 -4.54 -21.66 4.78
CA UNK B 96 -5.37 -20.95 3.71
C UNK B 96 -5.23 -19.38 3.84
N UNK B 97 -5.17 -18.70 2.65
CA UNK B 97 -4.82 -17.21 2.56
C UNK B 97 -6.00 -16.37 1.93
N UNK B 98 -6.41 -15.30 2.68
CA UNK B 98 -7.67 -14.50 2.37
C UNK B 98 -7.35 -13.02 2.01
N UNK B 99 -7.09 -12.79 0.70
CA UNK B 99 -6.46 -11.51 0.23
C UNK B 99 -7.26 -10.88 -0.96
N UNK B 100 -6.53 -10.02 -1.71
CA UNK B 100 -7.04 -9.33 -2.94
C UNK B 100 -6.05 -9.53 -4.11
N UNK B 101 -6.31 -8.80 -5.20
CA UNK B 101 -5.46 -8.85 -6.42
C UNK B 101 -5.18 -7.43 -6.92
N UNK B 102 -4.15 -6.85 -6.36
CA UNK B 102 -3.73 -5.48 -6.69
C UNK B 102 -2.22 -5.33 -6.51
N UNK B 103 -1.85 -4.91 -5.31
CA UNK B 103 -0.44 -4.60 -4.96
C UNK B 103 -0.05 -5.22 -3.62
N UNK B 104 1.22 -5.01 -3.31
CA UNK B 104 1.82 -5.47 -2.04
C UNK B 104 1.18 -4.73 -0.85
N UNK B 105 1.93 -3.76 -0.33
CA UNK B 105 1.54 -2.98 0.88
C UNK B 105 0.20 -2.25 0.62
N UNK B 106 -0.80 -3.06 0.22
CA UNK B 106 -2.13 -2.56 -0.25
C UNK B 106 -3.06 -2.33 0.94
N UNK B 107 -4.32 -2.82 0.79
CA UNK B 107 -5.42 -2.33 1.65
C UNK B 107 -6.70 -3.15 1.54
N UNK B 108 -7.56 -2.90 2.54
CA UNK B 108 -8.99 -3.21 2.48
C UNK B 108 -9.66 -2.34 1.41
N UNK B 109 -9.55 -2.82 0.19
CA UNK B 109 -10.14 -2.15 -1.00
C UNK B 109 -10.98 -3.19 -1.81
N UNK B 110 -11.56 -2.69 -2.89
CA UNK B 110 -12.68 -3.37 -3.64
C UNK B 110 -12.25 -4.83 -4.11
N UNK B 111 -11.33 -4.85 -5.08
CA UNK B 111 -10.88 -6.11 -5.84
C UNK B 111 -11.53 -7.41 -5.27
N UNK B 112 -11.68 -8.40 -6.20
CA UNK B 112 -12.07 -9.79 -5.86
C UNK B 112 -11.21 -10.31 -4.69
N UNK B 113 -11.88 -10.52 -3.56
CA UNK B 113 -11.25 -11.06 -2.32
C UNK B 113 -11.14 -12.60 -2.41
N UNK B 114 -10.15 -13.18 -1.67
CA UNK B 114 -9.69 -14.59 -1.94
C UNK B 114 -9.66 -15.46 -0.63
N UNK B 115 -10.38 -16.61 -0.71
CA UNK B 115 -10.31 -17.74 0.28
C UNK B 115 -9.58 -18.98 -0.38
N UNK B 116 -8.28 -19.15 0.01
CA UNK B 116 -7.44 -20.32 -0.44
C UNK B 116 -7.57 -21.48 0.59
N UNK B 117 -7.23 -22.70 0.13
CA UNK B 117 -7.45 -23.94 0.91
C UNK B 117 -6.15 -24.75 1.04
N UNK B 118 -6.04 -25.43 2.17
CA UNK B 118 -4.88 -26.26 2.50
C UNK B 118 -5.31 -27.61 3.07
N UNK B 119 -5.70 -28.47 2.15
CA UNK B 119 -5.93 -29.89 2.44
C UNK B 119 -4.65 -30.72 2.04
N UNK B 120 -3.92 -31.20 3.07
CA UNK B 120 -2.51 -31.72 2.90
C UNK B 120 -2.28 -33.02 3.70
N UNK B 121 -2.95 -34.06 3.28
CA UNK B 121 -2.86 -35.39 3.92
C UNK B 121 -1.96 -36.32 3.10
N UNK B 122 -2.26 -37.60 3.19
CA UNK B 122 -1.53 -38.65 2.44
C UNK B 122 -0.98 -38.06 1.13
N UNK B 123 -1.90 -37.46 0.36
CA UNK B 123 -1.57 -36.54 -0.78
C UNK B 123 -2.04 -35.11 -0.40
N UNK B 124 -1.53 -34.12 -1.14
CA UNK B 124 -1.71 -32.67 -0.77
C UNK B 124 -2.64 -31.94 -1.79
N UNK B 125 -3.63 -31.19 -1.24
CA UNK B 125 -4.59 -30.37 -2.08
C UNK B 125 -4.82 -28.98 -1.46
N UNK B 126 -5.61 -28.15 -2.19
CA UNK B 126 -5.64 -26.70 -1.92
C UNK B 126 -6.70 -25.97 -2.78
N UNK B 127 -7.94 -26.30 -2.58
CA UNK B 127 -9.03 -25.53 -3.19
C UNK B 127 -8.70 -24.01 -3.13
N UNK B 128 -7.79 -23.58 -4.04
CA UNK B 128 -7.35 -22.13 -4.11
C UNK B 128 -8.42 -21.28 -4.82
N UNK B 129 -9.36 -20.75 -4.03
CA UNK B 129 -10.60 -20.16 -4.60
C UNK B 129 -11.01 -18.86 -3.86
N UNK B 130 -11.99 -18.20 -4.51
CA UNK B 130 -12.36 -16.79 -4.24
C UNK B 130 -13.77 -16.71 -3.61
N UNK B 131 -14.24 -15.46 -3.47
CA UNK B 131 -15.56 -15.14 -2.81
C UNK B 131 -16.58 -14.71 -3.82
N UNK B 132 -16.11 -14.04 -4.81
CA UNK B 132 -16.87 -13.79 -6.01
C UNK B 132 -16.96 -15.07 -6.79
N UNK B 133 -18.10 -15.70 -6.67
CA UNK B 133 -18.37 -16.97 -7.33
C UNK B 133 -17.65 -16.99 -8.67
N UNK B 134 -18.17 -16.19 -9.58
CA UNK B 134 -17.64 -16.07 -10.94
C UNK B 134 -16.44 -15.07 -10.96
N UNK B 135 -15.71 -15.15 -12.08
CA UNK B 135 -14.51 -14.30 -12.39
C UNK B 135 -14.60 -13.78 -13.84
N UNK B 136 -14.59 -12.46 -13.99
CA UNK B 136 -14.91 -11.83 -15.30
C UNK B 136 -14.39 -12.73 -16.50
N UNK B 137 -13.10 -13.13 -16.43
CA UNK B 137 -12.36 -13.70 -17.62
C UNK B 137 -12.62 -15.20 -17.76
N UNK B 138 -13.13 -15.55 -18.93
CA UNK B 138 -13.33 -16.96 -19.31
C UNK B 138 -11.97 -17.67 -19.41
N UNK B 139 -11.10 -17.13 -20.29
CA UNK B 139 -9.83 -17.81 -20.68
C UNK B 139 -8.59 -16.85 -20.58
N UNK B 140 -7.51 -17.32 -21.24
CA UNK B 140 -6.08 -16.93 -20.95
C UNK B 140 -5.89 -15.39 -20.78
N UNK B 141 -6.98 -14.68 -20.80
CA UNK B 141 -6.97 -13.20 -20.81
C UNK B 141 -6.30 -12.62 -19.58
N UNK B 142 -6.07 -13.46 -18.65
CA UNK B 142 -5.61 -13.05 -17.37
C UNK B 142 -4.50 -12.02 -17.49
N UNK B 143 -3.75 -12.19 -18.55
CA UNK B 143 -2.67 -11.27 -18.89
C UNK B 143 -3.27 -9.91 -19.28
N UNK B 144 -4.60 -9.86 -19.28
CA UNK B 144 -5.35 -8.71 -19.83
C UNK B 144 -6.17 -8.00 -18.74
N UNK B 145 -7.01 -8.77 -18.06
CA UNK B 145 -7.82 -8.25 -16.94
C UNK B 145 -6.92 -7.45 -15.98
N UNK B 146 -5.67 -7.87 -15.97
CA UNK B 146 -4.65 -7.32 -15.07
C UNK B 146 -4.24 -5.91 -15.52
N UNK B 147 -3.74 -5.87 -16.74
CA UNK B 147 -3.17 -4.64 -17.33
C UNK B 147 -4.17 -3.47 -17.22
N UNK B 148 -5.44 -3.85 -17.23
CA UNK B 148 -6.54 -2.89 -17.06
C UNK B 148 -6.83 -2.70 -15.56
N UNK B 149 -6.77 -3.82 -14.86
CA UNK B 149 -7.01 -3.88 -13.41
C UNK B 149 -5.81 -3.26 -12.64
N UNK B 150 -4.62 -3.54 -13.15
CA UNK B 150 -3.34 -3.09 -12.52
C UNK B 150 -3.24 -1.56 -12.55
N UNK B 151 -1.99 -1.10 -12.51
CA UNK B 151 -1.67 0.34 -12.57
C UNK B 151 -1.25 0.72 -13.99
N UNK B 152 -1.24 2.01 -14.21
CA UNK B 152 -1.08 2.58 -15.53
C UNK B 152 0.37 2.81 -15.85
N UNK B 153 0.53 2.94 -17.12
CA UNK B 153 1.79 3.06 -17.81
C UNK B 153 2.69 4.08 -17.14
N UNK B 154 3.20 4.94 -18.01
CA UNK B 154 4.13 6.02 -17.66
C UNK B 154 4.18 6.22 -16.16
N UNK B 155 3.03 6.10 -15.57
CA UNK B 155 2.85 6.36 -14.15
C UNK B 155 2.43 5.09 -13.42
N UNK B 156 2.23 5.28 -12.13
CA UNK B 156 1.55 4.32 -11.27
C UNK B 156 0.07 4.72 -11.12
N UNK B 157 -0.64 4.48 -12.21
CA UNK B 157 -2.04 4.92 -12.37
C UNK B 157 -2.75 4.96 -11.01
N UNK B 158 -3.71 4.09 -10.88
CA UNK B 158 -4.50 3.95 -9.66
C UNK B 158 -4.31 2.56 -9.10
N UNK B 159 -3.93 2.51 -7.84
CA UNK B 159 -3.70 1.24 -7.18
C UNK B 159 -4.92 0.36 -7.33
N UNK B 160 -5.48 0.01 -6.20
CA UNK B 160 -6.76 -0.70 -6.16
C UNK B 160 -7.75 0.01 -7.08
N UNK B 161 -7.48 -0.12 -8.36
CA UNK B 161 -8.12 0.73 -9.38
C UNK B 161 -9.04 -0.10 -10.26
N UNK B 162 -10.24 -0.27 -9.77
CA UNK B 162 -11.39 -0.60 -10.60
C UNK B 162 -11.94 0.72 -11.21
N UNK B 163 -11.31 1.84 -10.75
CA UNK B 163 -11.84 3.22 -11.02
C UNK B 163 -10.83 4.06 -11.79
N UNK B 164 -10.35 3.53 -12.84
CA UNK B 164 -9.40 4.24 -13.65
C UNK B 164 -10.05 4.76 -14.88
N UNK B 165 -9.46 4.34 -15.93
CA UNK B 165 -9.94 4.55 -17.25
C UNK B 165 -9.75 3.26 -18.06
N UNK B 166 -8.79 2.45 -17.61
CA UNK B 166 -8.48 1.15 -18.25
C UNK B 166 -9.57 0.13 -17.94
N UNK B 167 -9.68 -0.20 -16.67
CA UNK B 167 -10.68 -1.15 -16.15
C UNK B 167 -11.87 -1.20 -17.11
N UNK B 168 -12.31 -0.03 -17.48
CA UNK B 168 -13.45 0.14 -18.39
C UNK B 168 -13.18 -0.58 -19.72
N UNK B 169 -12.19 -0.06 -20.40
CA UNK B 169 -11.78 -0.55 -21.72
C UNK B 169 -12.02 -2.06 -21.82
N UNK B 170 -11.96 -2.70 -20.67
CA UNK B 170 -12.19 -4.15 -20.55
C UNK B 170 -13.65 -4.44 -20.24
N UNK B 171 -14.01 -4.16 -19.01
CA UNK B 171 -15.36 -4.40 -18.51
C UNK B 171 -16.37 -4.05 -19.54
N UNK B 172 -15.97 -3.18 -20.38
CA UNK B 172 -16.68 -2.90 -21.60
C UNK B 172 -16.30 -3.96 -22.67
N UNK B 173 -15.07 -3.82 -23.16
CA UNK B 173 -14.55 -4.61 -24.32
C UNK B 173 -15.00 -6.09 -24.22
N UNK B 174 -14.37 -6.80 -23.30
CA UNK B 174 -14.84 -8.14 -22.90
C UNK B 174 -16.04 -7.98 -21.94
N UNK B 175 -17.11 -8.67 -22.26
CA UNK B 175 -18.35 -8.62 -21.46
C UNK B 175 -18.15 -9.38 -20.11
N UNK B 176 -17.50 -8.67 -19.16
CA UNK B 176 -16.99 -9.28 -17.88
C UNK B 176 -17.86 -8.84 -16.67
N UNK B 177 -19.15 -8.99 -16.84
CA UNK B 177 -20.17 -8.28 -16.05
C UNK B 177 -20.39 -8.92 -14.67
N UNK B 178 -20.46 -10.22 -14.66
CA UNK B 178 -20.89 -10.97 -13.46
C UNK B 178 -19.95 -10.68 -12.30
N UNK B 179 -18.68 -10.77 -12.59
CA UNK B 179 -17.62 -10.49 -11.61
C UNK B 179 -17.88 -9.15 -10.90
N UNK B 180 -18.30 -8.18 -11.72
CA UNK B 180 -18.43 -6.76 -11.30
C UNK B 180 -19.53 -6.62 -10.23
N UNK B 181 -20.75 -6.87 -10.67
CA UNK B 181 -21.94 -6.75 -9.82
C UNK B 181 -21.64 -7.27 -8.41
N UNK B 182 -20.99 -8.43 -8.42
CA UNK B 182 -20.62 -9.14 -7.19
C UNK B 182 -19.66 -8.27 -6.35
N UNK B 183 -18.85 -7.52 -7.06
CA UNK B 183 -17.82 -6.65 -6.45
C UNK B 183 -18.38 -5.25 -6.19
N UNK B 184 -18.61 -4.56 -7.29
CA UNK B 184 -19.03 -3.15 -7.28
C UNK B 184 -20.32 -3.00 -6.50
N UNK B 185 -20.80 -4.13 -6.06
CA UNK B 185 -22.04 -4.22 -5.29
C UNK B 185 -21.73 -4.30 -3.80
N UNK B 186 -21.85 -5.50 -3.27
CA UNK B 186 -21.89 -5.75 -1.82
C UNK B 186 -20.52 -6.21 -1.29
N UNK B 187 -20.02 -7.25 -1.93
CA UNK B 187 -18.92 -8.09 -1.39
C UNK B 187 -17.64 -7.25 -1.15
N UNK B 188 -17.10 -6.75 -2.22
CA UNK B 188 -15.81 -6.01 -2.22
C UNK B 188 -15.54 -5.40 -0.81
N UNK B 189 -16.39 -4.41 -0.49
CA UNK B 189 -16.25 -3.57 0.74
C UNK B 189 -16.06 -4.47 1.98
N UNK B 190 -16.17 -5.75 1.71
CA UNK B 190 -16.11 -6.80 2.74
C UNK B 190 -15.55 -6.26 4.05
N UNK B 191 -16.31 -6.51 5.09
CA UNK B 191 -15.80 -6.52 6.45
C UNK B 191 -14.95 -7.78 6.65
N UNK B 192 -14.17 -7.77 7.71
CA UNK B 192 -13.24 -8.87 8.01
C UNK B 192 -13.61 -10.12 7.21
N UNK B 193 -12.59 -10.88 6.92
CA UNK B 193 -12.70 -12.10 6.12
C UNK B 193 -13.77 -13.04 6.72
N UNK B 194 -13.76 -13.11 8.05
CA UNK B 194 -14.72 -13.94 8.83
C UNK B 194 -16.11 -13.88 8.20
N UNK B 195 -16.22 -12.92 7.33
CA UNK B 195 -17.43 -12.59 6.66
C UNK B 195 -17.19 -12.78 5.11
N UNK B 196 -16.59 -13.96 4.79
CA UNK B 196 -16.14 -14.33 3.39
C UNK B 196 -16.56 -15.83 3.09
N UNK B 197 -17.16 -16.07 1.88
CA UNK B 197 -18.00 -17.31 1.63
C UNK B 197 -17.74 -17.94 0.21
N UNK B 198 -18.36 -17.31 -0.79
CA UNK B 198 -18.42 -17.85 -2.18
C UNK B 198 -17.15 -18.66 -2.48
N UNK B 199 -17.39 -19.81 -3.09
CA UNK B 199 -16.35 -20.84 -3.25
C UNK B 199 -15.64 -20.70 -4.58
N UNK B 200 -15.01 -21.81 -4.94
CA UNK B 200 -14.16 -21.91 -6.10
C UNK B 200 -14.98 -21.71 -7.37
N UNK B 201 -14.32 -21.10 -8.32
CA UNK B 201 -14.94 -20.66 -9.55
C UNK B 201 -15.52 -21.84 -10.33
N UNK B 202 -14.79 -22.97 -10.33
CA UNK B 202 -14.99 -23.98 -11.38
C UNK B 202 -15.63 -25.26 -10.93
N UNK B 203 -15.71 -26.14 -11.96
CA UNK B 203 -16.43 -27.42 -11.92
C UNK B 203 -15.44 -28.57 -11.90
N UNK B 204 -15.78 -29.58 -11.13
CA UNK B 204 -14.83 -30.62 -10.75
C UNK B 204 -15.50 -32.02 -10.82
N UNK B 205 -14.65 -33.00 -11.22
CA UNK B 205 -15.07 -34.38 -11.60
C UNK B 205 -14.67 -35.39 -10.53
N UNK B 206 -15.59 -35.55 -9.62
CA UNK B 206 -15.49 -36.51 -8.53
C UNK B 206 -15.09 -37.89 -9.06
N UNK B 207 -13.91 -38.30 -8.70
CA UNK B 207 -13.38 -39.63 -9.04
C UNK B 207 -13.73 -40.61 -7.95
N UNK B 208 -14.10 -41.75 -8.38
CA UNK B 208 -14.39 -42.85 -7.51
C UNK B 208 -13.71 -44.04 -8.11
N UNK B 209 -12.95 -44.69 -7.28
CA UNK B 209 -12.04 -45.74 -7.70
C UNK B 209 -12.57 -46.53 -8.79
N UNK B 210 -13.79 -46.86 -8.66
CA UNK B 210 -14.52 -47.43 -9.73
C UNK B 210 -14.26 -46.60 -10.97
N UNK B 211 -15.15 -45.64 -11.18
CA UNK B 211 -15.00 -44.63 -12.25
C UNK B 211 -15.94 -43.43 -12.01
N UNK B 212 -17.17 -43.78 -11.69
CA UNK B 212 -18.29 -42.82 -11.45
C UNK B 212 -17.74 -41.40 -11.13
N UNK B 213 -18.08 -40.45 -12.03
CA UNK B 213 -17.41 -39.10 -12.08
C UNK B 213 -18.45 -37.94 -12.07
N UNK B 214 -18.74 -37.46 -10.85
CA UNK B 214 -19.78 -36.41 -10.62
C UNK B 214 -19.13 -35.01 -10.54
N UNK B 215 -19.72 -34.08 -11.32
CA UNK B 215 -19.27 -32.67 -11.36
C UNK B 215 -19.76 -31.91 -10.10
N UNK B 216 -18.78 -31.62 -9.23
CA UNK B 216 -19.02 -30.90 -7.94
C UNK B 216 -19.00 -29.36 -8.17
N UNK B 217 -19.35 -28.65 -7.08
CA UNK B 217 -19.36 -27.16 -7.04
C UNK B 217 -18.80 -26.71 -5.68
N UNK B 218 -17.48 -26.95 -5.58
CA UNK B 218 -16.74 -26.90 -4.30
C UNK B 218 -16.84 -25.54 -3.69
N UNK B 219 -16.86 -25.53 -2.40
CA UNK B 219 -17.55 -24.51 -1.68
C UNK B 219 -17.01 -24.31 -0.29
N UNK B 220 -17.54 -23.27 0.29
CA UNK B 220 -17.28 -22.89 1.66
C UNK B 220 -18.41 -21.99 2.17
N UNK B 221 -19.17 -22.55 3.07
CA UNK B 221 -20.14 -21.80 3.89
C UNK B 221 -19.56 -21.64 5.32
N UNK B 222 -19.70 -20.41 5.84
CA UNK B 222 -18.99 -20.00 7.08
C UNK B 222 -19.94 -19.26 8.05
N UNK B 223 -19.87 -19.69 9.31
CA UNK B 223 -20.76 -19.22 10.40
C UNK B 223 -20.14 -18.04 11.13
N UNK B 224 -19.35 -17.32 10.37
CA UNK B 224 -18.92 -15.97 10.72
C UNK B 224 -19.75 -14.98 9.94
N UNK B 225 -20.96 -14.83 10.39
CA UNK B 225 -22.03 -14.15 9.67
C UNK B 225 -21.48 -13.16 8.64
N UNK B 226 -22.27 -12.76 7.67
CA UNK B 226 -21.71 -12.04 6.43
C UNK B 226 -21.54 -10.46 6.69
N UNK B 227 -20.32 -9.89 6.43
CA UNK B 227 -20.04 -8.35 6.58
C UNK B 227 -19.56 -7.75 5.18
N UNK B 228 -20.30 -6.69 4.72
CA UNK B 228 -19.93 -5.86 3.50
C UNK B 228 -19.97 -4.32 3.87
N UNK B 229 -18.89 -3.59 3.43
CA UNK B 229 -18.48 -2.26 4.06
C UNK B 229 -18.54 -1.07 3.05
N UNK B 230 -19.40 -0.11 3.39
CA UNK B 230 -19.66 1.13 2.58
C UNK B 230 -18.32 1.88 2.23
N UNK B 231 -18.07 1.94 0.89
CA UNK B 231 -17.04 2.85 0.24
C UNK B 231 -16.43 3.82 1.27
N UNK B 232 -17.28 4.73 1.73
CA UNK B 232 -16.89 5.81 2.67
C UNK B 232 -16.82 5.26 4.10
N UNK B 233 -16.57 3.99 4.14
CA UNK B 233 -16.38 3.25 5.39
C UNK B 233 -15.29 2.22 5.16
N UNK B 234 -15.02 2.03 3.89
CA UNK B 234 -13.98 1.12 3.40
C UNK B 234 -12.79 1.93 3.04
N UNK B 235 -13.11 3.12 2.63
CA UNK B 235 -12.15 4.15 2.40
C UNK B 235 -11.81 4.83 3.70
N UNK B 236 -12.06 4.14 4.79
CA UNK B 236 -11.74 4.67 6.11
C UNK B 236 -11.17 3.61 7.00
N UNK B 237 -11.57 2.42 6.75
CA UNK B 237 -10.80 1.27 7.15
C UNK B 237 -9.46 1.28 6.34
N UNK B 238 -9.24 2.46 5.64
CA UNK B 238 -8.04 2.71 4.70
C UNK B 238 -6.87 3.32 5.49
N UNK B 239 -7.16 4.49 6.05
CA UNK B 239 -6.15 5.28 6.78
C UNK B 239 -5.54 4.47 7.90
N UNK B 240 -6.35 4.32 8.93
CA UNK B 240 -5.95 3.70 10.18
C UNK B 240 -5.37 2.35 9.94
N UNK B 241 -6.21 1.37 10.16
CA UNK B 241 -5.86 0.01 9.92
C UNK B 241 -5.97 -0.35 8.47
N UNK B 242 -4.86 -0.20 7.80
CA UNK B 242 -4.63 -0.86 6.51
C UNK B 242 -4.46 -2.37 6.75
N UNK B 243 -3.29 -2.71 7.31
CA UNK B 243 -3.09 -4.00 8.02
C UNK B 243 -4.35 -4.25 8.89
N UNK B 244 -5.52 -4.34 8.19
CA UNK B 244 -6.83 -4.22 8.86
C UNK B 244 -7.62 -5.41 8.93
N UNK B 245 -7.90 -5.87 7.95
CA UNK B 245 -8.44 -7.08 7.94
C UNK B 245 -7.56 -8.02 8.94
N UNK B 246 -6.18 -7.73 8.97
CA UNK B 246 -5.12 -8.56 9.77
C UNK B 246 -5.45 -8.61 11.21
N UNK B 247 -5.17 -7.55 11.72
CA UNK B 247 -5.38 -7.15 13.02
C UNK B 247 -6.78 -7.78 13.58
N UNK B 248 -7.68 -8.23 12.63
CA UNK B 248 -8.92 -9.09 12.98
C UNK B 248 -8.57 -10.60 13.03
N UNK B 249 -7.96 -11.05 11.94
CA UNK B 249 -7.66 -12.48 11.74
C UNK B 249 -6.77 -13.00 12.88
N UNK B 250 -5.58 -12.41 12.96
CA UNK B 250 -4.64 -12.68 14.06
C UNK B 250 -5.32 -12.39 15.36
N UNK B 251 -6.02 -11.28 15.33
CA UNK B 251 -6.86 -10.87 16.42
C UNK B 251 -8.03 -11.82 16.56
N UNK B 252 -8.13 -12.67 15.55
CA UNK B 252 -9.04 -13.82 15.56
C UNK B 252 -8.51 -14.96 16.57
N UNK B 253 -7.21 -15.32 16.46
CA UNK B 253 -6.61 -16.53 17.17
C UNK B 253 -6.84 -16.47 18.73
N UNK B 254 -6.00 -15.64 19.38
CA UNK B 254 -5.92 -15.52 20.88
C UNK B 254 -7.24 -15.96 21.54
N UNK B 255 -8.13 -15.06 21.66
CA UNK B 255 -9.45 -15.37 22.19
C UNK B 255 -10.08 -16.46 21.35
N UNK B 256 -10.56 -17.47 22.03
CA UNK B 256 -11.03 -18.71 21.40
C UNK B 256 -11.37 -18.49 19.90
N UNK B 257 -12.19 -17.48 19.65
CA UNK B 257 -12.81 -17.27 18.33
C UNK B 257 -11.92 -17.78 17.25
N UNK B 258 -12.32 -18.88 16.76
CA UNK B 258 -11.70 -19.53 15.68
C UNK B 258 -12.67 -19.64 14.55
N UNK B 259 -12.43 -18.98 13.44
CA UNK B 259 -13.34 -18.99 12.36
C UNK B 259 -13.48 -20.37 11.85
N UNK B 260 -14.71 -20.78 11.71
CA UNK B 260 -15.04 -22.08 11.17
C UNK B 260 -16.03 -21.93 9.97
N UNK B 261 -15.48 -22.08 8.74
CA UNK B 261 -16.29 -22.11 7.45
C UNK B 261 -16.25 -23.59 6.81
N UNK B 262 -17.46 -24.03 6.21
CA UNK B 262 -17.68 -25.50 5.63
C UNK B 262 -18.16 -25.45 4.06
N UNK B 263 -18.26 -26.70 3.39
CA UNK B 263 -17.94 -26.90 1.84
C UNK B 263 -19.26 -27.08 0.89
N UNK B 264 -19.14 -28.01 -0.20
CA UNK B 264 -19.79 -27.78 -1.62
C UNK B 264 -21.06 -28.72 -1.98
N UNK B 265 -21.12 -28.95 -3.35
CA UNK B 265 -22.37 -29.25 -4.14
C UNK B 265 -22.13 -30.49 -5.12
N UNK B 266 -23.24 -30.96 -5.76
CA UNK B 266 -23.23 -32.17 -6.71
C UNK B 266 -23.80 -31.77 -8.07
N UNK B 267 -23.90 -32.78 -8.93
CA UNK B 267 -24.39 -32.67 -10.36
C UNK B 267 -24.50 -34.14 -10.90
N UNK B 268 -24.96 -34.27 -12.13
CA UNK B 268 -24.88 -35.55 -12.85
C UNK B 268 -24.44 -35.28 -14.27
N UNK B 269 -23.50 -36.07 -14.64
CA UNK B 269 -22.57 -35.74 -15.69
C UNK B 269 -23.22 -34.90 -16.78
N UNK B 270 -24.17 -35.48 -17.43
CA UNK B 270 -24.85 -34.85 -18.56
C UNK B 270 -25.46 -33.51 -18.13
N UNK B 271 -25.28 -33.23 -16.85
CA UNK B 271 -25.83 -32.01 -16.22
C UNK B 271 -24.94 -30.81 -16.54
N UNK B 272 -24.37 -30.86 -17.72
CA UNK B 272 -23.59 -29.75 -18.26
C UNK B 272 -24.53 -28.66 -18.73
N UNK B 273 -25.29 -29.01 -19.74
CA UNK B 273 -26.08 -28.08 -20.51
C UNK B 273 -27.47 -27.87 -19.89
N UNK B 274 -28.08 -29.03 -19.49
CA UNK B 274 -29.57 -29.12 -19.14
C UNK B 274 -29.94 -28.01 -18.21
N UNK B 275 -29.29 -28.03 -17.07
CA UNK B 275 -29.06 -26.84 -16.32
C UNK B 275 -28.47 -25.80 -17.26
N UNK B 276 -29.38 -25.03 -17.83
CA UNK B 276 -29.05 -24.09 -18.92
C UNK B 276 -27.54 -23.88 -19.00
N UNK B 277 -27.12 -22.76 -18.44
CA UNK B 277 -25.72 -22.34 -18.42
C UNK B 277 -24.80 -23.53 -18.66
N UNK B 278 -23.75 -23.25 -19.42
CA UNK B 278 -22.73 -24.25 -19.77
C UNK B 278 -21.91 -24.64 -18.55
N UNK B 279 -22.41 -25.65 -17.85
CA UNK B 279 -21.75 -26.17 -16.65
C UNK B 279 -20.29 -25.71 -16.64
N UNK B 280 -19.67 -25.74 -17.81
CA UNK B 280 -18.27 -25.32 -17.93
C UNK B 280 -18.21 -23.87 -18.38
N UNK B 281 -19.10 -23.06 -17.82
CA UNK B 281 -19.15 -21.63 -18.17
C UNK B 281 -18.46 -20.81 -17.07
N UNK B 282 -17.15 -20.96 -17.00
CA UNK B 282 -16.36 -20.23 -15.99
C UNK B 282 -17.27 -19.26 -15.24
N UNK B 283 -17.95 -18.42 -16.01
CA UNK B 283 -18.86 -17.43 -15.41
C UNK B 283 -20.37 -17.89 -15.37
N UNK B 284 -20.66 -18.96 -14.67
CA UNK B 284 -22.10 -19.39 -14.47
C UNK B 284 -22.30 -19.99 -13.08
N UNK B 285 -23.28 -19.41 -12.38
CA UNK B 285 -23.51 -19.68 -10.96
C UNK B 285 -24.88 -20.32 -10.75
N UNK B 286 -24.84 -21.62 -10.75
CA UNK B 286 -25.98 -22.44 -10.37
C UNK B 286 -26.59 -21.88 -9.18
N UNK B 287 -27.78 -21.64 -9.34
CA UNK B 287 -28.59 -21.18 -8.31
C UNK B 287 -29.12 -22.34 -7.56
N UNK B 288 -28.88 -22.28 -6.30
CA UNK B 288 -29.21 -23.38 -5.42
C UNK B 288 -30.55 -24.01 -5.80
N UNK B 289 -30.57 -24.52 -7.02
CA UNK B 289 -31.55 -25.54 -7.43
C UNK B 289 -30.92 -26.91 -7.25
N UNK B 290 -29.67 -26.98 -7.77
CA UNK B 290 -28.72 -28.07 -7.49
C UNK B 290 -28.03 -27.81 -6.14
N UNK B 291 -28.53 -28.50 -5.13
CA UNK B 291 -28.32 -28.10 -3.71
C UNK B 291 -26.90 -28.46 -3.18
N UNK B 292 -26.36 -27.53 -2.34
CA UNK B 292 -25.13 -27.77 -1.50
C UNK B 292 -25.28 -29.08 -0.71
N UNK B 293 -24.18 -29.49 -0.09
CA UNK B 293 -24.20 -30.60 0.91
C UNK B 293 -22.92 -30.56 1.78
N UNK B 294 -23.13 -30.21 3.06
CA UNK B 294 -22.05 -29.93 4.05
C UNK B 294 -21.25 -31.20 4.34
N UNK B 295 -20.12 -31.27 3.68
CA UNK B 295 -19.19 -32.38 3.76
C UNK B 295 -18.28 -32.24 5.01
N UNK B 296 -17.86 -31.00 5.29
CA UNK B 296 -16.85 -30.76 6.37
C UNK B 296 -16.89 -29.32 6.88
N UNK B 297 -15.96 -29.06 7.82
CA UNK B 297 -15.86 -27.78 8.52
C UNK B 297 -14.52 -27.08 8.20
N UNK B 298 -14.18 -26.12 9.08
CA UNK B 298 -12.92 -25.33 9.00
C UNK B 298 -12.49 -24.91 10.43
N UNK B 299 -11.18 -24.60 10.57
CA UNK B 299 -10.52 -24.51 11.90
C UNK B 299 -9.45 -23.38 11.97
N UNK B 300 -9.76 -22.26 11.36
CA UNK B 300 -8.82 -21.10 11.33
C UNK B 300 -8.41 -20.69 12.77
N UNK B 301 -7.62 -21.56 13.40
CA UNK B 301 -7.12 -21.34 14.80
C UNK B 301 -5.73 -20.62 14.76
N UNK B 302 -4.72 -21.43 15.01
CA UNK B 302 -3.28 -21.01 15.15
C UNK B 302 -2.92 -19.76 14.25
N UNK B 303 -1.77 -19.10 14.65
CA UNK B 303 -1.10 -17.95 13.87
C UNK B 303 0.41 -18.24 13.71
N UNK B 304 0.97 -18.24 12.48
CA UNK B 304 2.37 -18.61 12.28
C UNK B 304 3.18 -17.61 12.99
N UNK B 305 4.43 -17.83 13.14
CA UNK B 305 5.25 -16.88 13.88
C UNK B 305 5.90 -15.91 12.93
N UNK B 306 6.87 -16.39 12.24
CA UNK B 306 7.42 -15.70 11.10
C UNK B 306 6.32 -15.53 10.08
N UNK B 307 6.50 -14.61 9.22
CA UNK B 307 5.81 -14.64 7.97
C UNK B 307 6.55 -15.50 7.05
N UNK B 308 7.60 -14.95 6.54
CA UNK B 308 8.15 -15.41 5.32
C UNK B 308 8.19 -16.94 5.25
N UNK B 309 8.23 -17.57 6.39
CA UNK B 309 8.14 -19.04 6.49
C UNK B 309 6.73 -19.51 6.13
N UNK B 310 5.78 -18.63 6.38
CA UNK B 310 4.34 -18.96 6.30
C UNK B 310 3.70 -18.47 4.96
N UNK B 311 3.71 -17.20 4.81
CA UNK B 311 2.71 -16.45 4.07
C UNK B 311 3.16 -16.20 2.64
N UNK B 312 4.22 -15.43 2.49
CA UNK B 312 4.73 -15.06 1.17
C UNK B 312 5.37 -16.25 0.50
N UNK B 313 5.96 -17.06 1.31
CA UNK B 313 6.66 -18.22 0.83
C UNK B 313 5.69 -19.34 0.52
N UNK B 314 4.52 -19.19 1.03
CA UNK B 314 3.44 -20.09 0.71
C UNK B 314 3.23 -20.10 -0.77
N UNK B 315 2.93 -21.22 -1.24
CA UNK B 315 2.81 -21.46 -2.64
C UNK B 315 1.66 -22.31 -2.87
N UNK B 316 1.15 -22.16 -3.99
CA UNK B 316 -0.12 -22.67 -4.25
C UNK B 316 -0.27 -22.85 -5.76
N UNK B 317 -0.20 -24.10 -6.15
CA UNK B 317 -0.58 -24.52 -7.48
C UNK B 317 -1.96 -25.08 -7.43
N UNK B 318 -2.38 -25.54 -8.54
CA UNK B 318 -3.66 -26.13 -8.68
C UNK B 318 -3.47 -27.53 -8.97
N UNK B 319 -2.28 -27.93 -8.64
CA UNK B 319 -1.81 -29.26 -8.83
C UNK B 319 -1.53 -29.91 -7.49
N UNK B 320 -2.47 -29.75 -6.61
CA UNK B 320 -2.57 -30.58 -5.42
C UNK B 320 -3.78 -31.48 -5.54
N UNK B 321 -3.99 -31.91 -6.77
CA UNK B 321 -5.05 -32.84 -7.12
C UNK B 321 -4.67 -34.26 -6.66
N UNK B 322 -5.22 -34.63 -5.49
CA UNK B 322 -5.03 -35.98 -4.87
C UNK B 322 -5.72 -37.07 -5.77
N UNK B 323 -6.62 -37.90 -5.13
CA UNK B 323 -7.43 -38.97 -5.88
C UNK B 323 -8.75 -38.32 -6.53
N UNK B 324 -9.80 -38.09 -5.72
CA UNK B 324 -11.10 -37.50 -6.22
C UNK B 324 -10.93 -36.02 -6.54
N UNK B 325 -10.19 -35.79 -7.58
CA UNK B 325 -9.92 -34.45 -8.05
C UNK B 325 -9.36 -34.47 -9.48
N UNK B 326 -10.22 -34.73 -10.47
CA UNK B 326 -9.87 -34.41 -11.88
C UNK B 326 -10.82 -33.48 -12.47
N UNK B 327 -10.33 -32.98 -13.52
CA UNK B 327 -10.59 -31.68 -13.96
C UNK B 327 -11.69 -31.61 -15.08
N UNK B 328 -12.15 -30.32 -15.30
CA UNK B 328 -13.31 -29.95 -16.22
C UNK B 328 -12.63 -29.01 -17.30
N UNK B 329 -13.30 -28.68 -18.35
CA UNK B 329 -12.64 -27.98 -19.48
C UNK B 329 -12.84 -26.50 -19.33
N UNK B 330 -12.68 -26.10 -18.10
CA UNK B 330 -12.41 -24.76 -17.78
C UNK B 330 -11.09 -24.39 -18.43
N UNK B 331 -11.21 -23.75 -19.51
CA UNK B 331 -10.13 -23.06 -20.08
C UNK B 331 -9.39 -22.35 -18.91
N UNK B 332 -10.20 -22.13 -17.83
CA UNK B 332 -9.73 -21.52 -16.54
C UNK B 332 -8.79 -22.51 -15.71
N UNK B 333 -9.35 -23.70 -15.22
CA UNK B 333 -8.47 -24.70 -14.46
C UNK B 333 -7.31 -25.10 -15.31
N UNK B 334 -7.54 -25.02 -16.58
CA UNK B 334 -6.48 -25.07 -17.57
C UNK B 334 -5.43 -24.04 -17.18
N UNK B 335 -5.39 -23.84 -15.89
CA UNK B 335 -4.49 -22.90 -15.25
C UNK B 335 -3.18 -23.57 -14.95
N UNK B 336 -3.30 -24.84 -14.78
CA UNK B 336 -2.23 -25.66 -14.31
C UNK B 336 -0.89 -25.09 -14.78
N UNK B 337 -0.94 -24.28 -15.84
CA UNK B 337 0.27 -23.70 -16.42
C UNK B 337 0.55 -22.26 -15.91
N UNK B 338 -0.10 -21.88 -14.85
CA UNK B 338 0.13 -20.55 -14.23
C UNK B 338 0.91 -20.70 -12.92
N UNK B 339 0.77 -21.87 -12.34
CA UNK B 339 1.13 -22.11 -10.94
C UNK B 339 2.56 -22.66 -10.83
N UNK B 340 2.97 -23.47 -11.80
CA UNK B 340 4.36 -24.04 -11.79
C UNK B 340 5.35 -23.09 -12.49
N UNK B 341 4.82 -22.28 -13.38
CA UNK B 341 5.59 -21.15 -13.95
C UNK B 341 5.87 -20.12 -12.86
N UNK B 342 4.83 -19.81 -12.13
CA UNK B 342 4.84 -18.74 -11.13
C UNK B 342 6.01 -18.93 -10.14
N UNK B 343 6.01 -20.08 -9.52
CA UNK B 343 6.78 -20.32 -8.29
C UNK B 343 8.35 -20.13 -8.55
N UNK B 344 8.77 -20.16 -9.86
CA UNK B 344 10.25 -19.92 -10.30
C UNK B 344 10.58 -18.44 -10.17
N UNK B 345 9.53 -17.68 -9.85
CA UNK B 345 9.63 -16.24 -9.57
C UNK B 345 10.06 -16.03 -8.10
N UNK B 346 9.26 -16.58 -7.18
CA UNK B 346 9.59 -16.60 -5.73
C UNK B 346 10.92 -17.35 -5.51
N UNK B 347 10.81 -18.63 -5.15
CA UNK B 347 12.00 -19.54 -5.19
C UNK B 347 12.58 -19.52 -6.61
N UNK B 348 13.64 -20.28 -6.79
CA UNK B 348 14.26 -20.49 -8.11
C UNK B 348 13.67 -21.76 -8.75
N UNK B 349 14.02 -22.91 -8.15
CA UNK B 349 13.66 -24.24 -8.70
C UNK B 349 12.81 -25.07 -7.69
N UNK B 350 13.47 -25.54 -6.62
CA UNK B 350 12.90 -26.59 -5.69
C UNK B 350 12.22 -25.93 -4.44
N UNK B 351 10.84 -26.07 -4.36
CA UNK B 351 10.03 -25.42 -3.24
C UNK B 351 9.29 -26.49 -2.28
N UNK B 352 9.85 -27.74 -2.18
CA UNK B 352 9.75 -28.56 -0.90
C UNK B 352 10.40 -27.75 0.16
N UNK B 353 9.64 -26.79 0.58
CA UNK B 353 10.04 -25.82 1.55
C UNK B 353 9.08 -25.82 2.74
N UNK B 354 9.58 -25.53 3.92
CA UNK B 354 9.00 -25.95 5.20
C UNK B 354 7.52 -26.18 5.11
N UNK B 355 6.89 -25.42 4.28
CA UNK B 355 5.45 -25.56 4.02
C UNK B 355 5.18 -26.23 2.59
N UNK B 356 5.73 -27.45 2.51
CA UNK B 356 5.56 -28.46 1.41
C UNK B 356 4.61 -29.66 1.92
N UNK B 357 4.99 -30.93 1.47
CA UNK B 357 4.15 -32.22 1.66
C UNK B 357 4.16 -32.66 3.15
N UNK B 358 2.95 -32.86 3.67
CA UNK B 358 2.73 -33.15 5.11
C UNK B 358 3.21 -34.59 5.46
N UNK B 359 2.97 -35.50 4.50
CA UNK B 359 3.36 -36.95 4.63
C UNK B 359 4.27 -37.35 3.39
N UNK B 360 4.46 -38.66 3.27
CA UNK B 360 5.51 -39.34 2.41
C UNK B 360 5.88 -38.52 1.11
N UNK B 361 7.10 -38.85 0.60
CA UNK B 361 7.57 -38.46 -0.78
C UNK B 361 8.78 -39.32 -1.18
N UNK B 362 8.57 -40.12 -2.20
CA UNK B 362 9.58 -41.07 -2.69
C UNK B 362 9.56 -41.10 -4.23
N UNK B 363 9.96 -39.95 -4.81
CA UNK B 363 9.90 -39.68 -6.30
C UNK B 363 11.23 -40.23 -7.05
N UNK B 364 11.72 -39.40 -8.10
CA UNK B 364 12.96 -39.75 -9.05
C UNK B 364 13.30 -38.51 -9.91
N UNK B 365 13.66 -37.48 -9.18
CA UNK B 365 13.86 -36.11 -9.72
C UNK B 365 14.87 -35.36 -8.82
N UNK B 366 16.05 -35.11 -9.38
CA UNK B 366 17.29 -34.92 -8.58
C UNK B 366 17.60 -33.39 -8.32
N UNK B 367 18.57 -32.85 -9.10
CA UNK B 367 19.45 -31.67 -8.67
C UNK B 367 18.87 -30.27 -9.15
N UNK B 368 18.75 -29.33 -8.15
CA UNK B 368 18.09 -27.97 -8.34
C UNK B 368 18.88 -26.86 -7.56
N UNK B 369 18.35 -26.59 -6.37
CA UNK B 369 19.03 -25.84 -5.30
C UNK B 369 18.48 -26.30 -3.93
N UNK B 370 17.81 -27.47 -3.97
CA UNK B 370 17.07 -28.00 -2.82
C UNK B 370 18.03 -28.47 -1.72
N UNK B 371 17.38 -29.08 -0.72
CA UNK B 371 17.99 -29.38 0.58
C UNK B 371 17.60 -30.79 1.04
N UNK B 372 17.76 -31.72 0.13
CA UNK B 372 17.49 -33.13 0.39
C UNK B 372 18.67 -33.97 -0.09
N UNK B 373 18.90 -35.03 0.64
CA UNK B 373 19.94 -36.01 0.32
C UNK B 373 19.32 -37.18 -0.46
N UNK B 374 19.83 -37.35 -1.64
CA UNK B 374 19.36 -38.38 -2.55
C UNK B 374 20.23 -39.61 -2.43
N UNK B 375 19.67 -40.59 -1.76
CA UNK B 375 20.31 -41.88 -1.56
C UNK B 375 19.88 -42.87 -2.61
N UNK B 376 19.93 -42.42 -3.79
CA UNK B 376 19.88 -43.27 -4.93
C UNK B 376 20.65 -42.65 -6.01
N UNK B 377 21.30 -43.46 -6.72
CA UNK B 377 21.97 -43.06 -7.90
C UNK B 377 20.95 -42.95 -9.04
N UNK B 378 20.49 -44.10 -9.47
CA UNK B 378 19.85 -44.29 -10.79
C UNK B 378 18.34 -43.95 -10.74
N UNK B 379 18.04 -42.72 -11.23
CA UNK B 379 16.65 -42.18 -11.30
C UNK B 379 16.00 -42.56 -12.64
N UNK B 380 16.54 -43.61 -13.20
CA UNK B 380 16.02 -44.22 -14.43
C UNK B 380 14.81 -45.10 -14.09
N UNK B 381 13.65 -44.59 -14.49
CA UNK B 381 12.35 -45.06 -13.97
C UNK B 381 12.00 -46.44 -14.52
N UNK B 382 12.38 -46.80 -15.73
CA UNK B 382 12.33 -48.18 -16.15
C UNK B 382 13.58 -48.91 -15.67
N UNK B 383 13.66 -49.17 -14.37
CA UNK B 383 14.95 -49.54 -13.71
C UNK B 383 15.25 -51.06 -13.83
N UNK B 384 16.27 -51.43 -13.01
CA UNK B 384 16.71 -52.83 -12.81
C UNK B 384 17.63 -52.91 -11.59
N UNK B 385 18.41 -51.84 -11.41
CA UNK B 385 19.31 -51.71 -10.27
C UNK B 385 18.50 -51.81 -8.98
N UNK B 386 17.71 -50.78 -8.77
CA UNK B 386 16.57 -50.83 -7.83
C UNK B 386 15.26 -50.87 -8.63
N UNK B 387 14.68 -52.06 -8.69
CA UNK B 387 13.36 -52.26 -9.32
C UNK B 387 12.32 -51.36 -8.62
N UNK B 388 12.67 -50.07 -8.58
CA UNK B 388 12.26 -49.15 -7.46
C UNK B 388 11.19 -48.14 -7.90
N UNK B 389 11.42 -46.89 -7.48
CA UNK B 389 10.45 -45.80 -7.63
C UNK B 389 9.22 -46.33 -8.51
N UNK B 390 8.37 -47.11 -7.86
CA UNK B 390 7.31 -47.94 -8.54
C UNK B 390 6.28 -47.06 -9.20
N UNK B 391 5.38 -47.64 -9.76
CA UNK B 391 4.44 -46.96 -10.55
C UNK B 391 3.08 -47.12 -9.93
N UNK B 392 2.21 -46.28 -10.35
CA UNK B 392 0.87 -46.25 -9.80
C UNK B 392 -0.13 -46.46 -10.94
N UNK B 393 -1.24 -47.07 -10.58
CA UNK B 393 -2.32 -47.35 -11.53
C UNK B 393 -3.60 -47.65 -10.77
N UNK B 394 -4.66 -47.01 -11.21
CA UNK B 394 -5.98 -47.25 -10.64
C UNK B 394 -5.98 -48.60 -9.91
N UNK B 395 -5.54 -49.70 -10.58
CA UNK B 395 -5.48 -51.06 -9.98
C UNK B 395 -4.38 -51.18 -8.86
N UNK B 396 -3.27 -50.41 -9.08
CA UNK B 396 -2.07 -50.41 -8.15
C UNK B 396 -2.28 -49.42 -6.97
N UNK B 397 -1.17 -48.74 -6.61
CA UNK B 397 -1.10 -47.85 -5.43
C UNK B 397 -2.24 -47.05 -5.34
N UNK B 398 -2.01 -45.99 -4.78
CA UNK B 398 -2.81 -44.89 -4.93
C UNK B 398 -2.24 -44.06 -6.04
N UNK B 399 -2.97 -44.05 -7.10
CA UNK B 399 -2.66 -43.26 -8.26
C UNK B 399 -3.65 -42.16 -8.45
N UNK B 400 -3.15 -41.09 -9.07
CA UNK B 400 -4.01 -40.07 -9.64
C UNK B 400 -4.72 -40.62 -10.82
N UNK B 401 -5.92 -40.98 -10.52
CA UNK B 401 -6.86 -41.55 -11.45
C UNK B 401 -7.52 -40.44 -12.25
N UNK B 402 -7.02 -40.23 -13.45
CA UNK B 402 -7.72 -39.41 -14.44
C UNK B 402 -9.17 -39.88 -14.51
N UNK B 403 -9.98 -39.08 -15.20
CA UNK B 403 -11.40 -39.40 -15.44
C UNK B 403 -11.52 -40.34 -16.65
N UNK B 404 -11.88 -41.56 -16.34
CA UNK B 404 -11.71 -42.68 -17.25
C UNK B 404 -12.82 -42.75 -18.36
N UNK B 405 -13.37 -41.59 -18.74
CA UNK B 405 -14.51 -41.54 -19.73
C UNK B 405 -14.40 -40.31 -20.67
N UNK B 406 -13.51 -39.43 -20.30
CA UNK B 406 -13.49 -38.04 -20.82
C UNK B 406 -13.01 -38.01 -22.29
N UNK B 407 -13.95 -37.66 -23.14
CA UNK B 407 -13.77 -37.68 -24.60
C UNK B 407 -13.25 -36.33 -25.12
N UNK B 408 -12.56 -36.42 -26.24
CA UNK B 408 -12.27 -35.27 -27.11
C UNK B 408 -13.22 -35.32 -28.33
N UNK B 409 -13.67 -34.14 -28.74
CA UNK B 409 -14.14 -33.89 -30.13
C UNK B 409 -12.90 -33.77 -31.04
N UNK B 410 -13.09 -33.13 -32.18
CA UNK B 410 -12.08 -33.11 -33.26
C UNK B 410 -11.32 -31.76 -33.28
N UNK B 411 -11.68 -30.96 -34.26
CA UNK B 411 -11.03 -29.68 -34.54
C UNK B 411 -10.17 -29.22 -33.34
N UNK B 412 -8.99 -28.72 -33.67
CA UNK B 412 -8.10 -28.04 -32.70
C UNK B 412 -8.31 -26.51 -32.81
N UNK B 413 -9.08 -25.99 -31.85
CA UNK B 413 -9.93 -24.77 -32.08
C UNK B 413 -9.67 -23.66 -31.06
N UNK B 414 -9.13 -22.58 -31.60
CA UNK B 414 -9.06 -21.29 -30.91
C UNK B 414 -10.36 -20.47 -31.19
N UNK B 415 -11.50 -21.07 -30.80
CA UNK B 415 -12.86 -20.43 -30.87
C UNK B 415 -13.40 -20.19 -29.41
N UNK B 416 -14.68 -19.69 -29.34
CA UNK B 416 -15.29 -19.15 -28.03
C UNK B 416 -16.77 -19.73 -27.76
N UNK B 417 -16.77 -20.99 -27.34
CA UNK B 417 -17.98 -21.90 -27.17
C UNK B 417 -19.33 -21.18 -27.32
N UNK B 418 -19.97 -21.51 -28.42
CA UNK B 418 -21.39 -21.30 -28.62
C UNK B 418 -22.12 -21.26 -27.23
N UNK B 419 -21.79 -22.39 -26.39
CA UNK B 419 -22.17 -22.53 -24.84
C UNK B 419 -21.86 -21.12 -24.09
N UNK B 420 -20.66 -20.68 -24.02
CA UNK B 420 -20.29 -19.44 -23.24
C UNK B 420 -20.91 -18.03 -23.88
N UNK B 421 -22.14 -17.95 -24.39
CA UNK B 421 -22.72 -16.61 -24.81
C UNK B 421 -23.27 -15.84 -23.61
N UNK B 422 -24.06 -16.29 -22.93
CA UNK B 422 -24.80 -15.39 -22.05
C UNK B 422 -23.85 -14.49 -21.22
N UNK B 423 -24.30 -13.27 -20.96
CA UNK B 423 -23.64 -12.44 -19.98
C UNK B 423 -24.50 -11.51 -19.40
N UNK B 424 -25.55 -11.36 -20.00
CA UNK B 424 -26.48 -10.44 -19.59
C UNK B 424 -27.76 -11.13 -19.05
N UNK B 425 -27.73 -12.47 -18.89
CA UNK B 425 -28.82 -13.20 -18.11
C UNK B 425 -28.55 -13.16 -16.58
N UNK B 426 -27.49 -13.84 -16.18
CA UNK B 426 -27.03 -13.86 -14.78
C UNK B 426 -26.80 -12.45 -14.32
N UNK B 427 -26.25 -11.70 -15.23
CA UNK B 427 -25.48 -10.90 -14.70
C UNK B 427 -26.58 -10.05 -13.87
N UNK B 428 -27.92 -10.36 -14.34
CA UNK B 428 -29.23 -9.88 -13.71
C UNK B 428 -29.54 -10.57 -12.34
N UNK B 429 -29.30 -11.90 -12.29
CA UNK B 429 -29.75 -12.77 -11.16
C UNK B 429 -29.34 -12.16 -9.84
N UNK B 430 -28.18 -11.57 -9.90
CA UNK B 430 -27.63 -10.77 -8.80
C UNK B 430 -28.47 -9.51 -8.62
N UNK B 431 -29.03 -9.10 -9.73
CA UNK B 431 -29.68 -7.81 -9.87
C UNK B 431 -31.07 -7.82 -9.21
N UNK B 432 -31.45 -9.00 -8.77
CA UNK B 432 -32.76 -9.21 -8.12
C UNK B 432 -32.59 -9.28 -6.60
N UNK B 433 -32.18 -10.45 -6.16
CA UNK B 433 -32.05 -10.76 -4.73
C UNK B 433 -31.70 -9.51 -3.94
N UNK B 434 -30.79 -8.77 -4.52
CA UNK B 434 -30.22 -7.57 -3.90
C UNK B 434 -31.32 -6.58 -3.57
N UNK B 435 -31.31 -6.17 -2.41
CA UNK B 435 -32.32 -5.30 -1.88
C UNK B 435 -32.08 -3.99 -2.39
N UNK B 436 -32.56 -3.11 -1.71
CA UNK B 436 -32.54 -1.77 -2.13
C UNK B 436 -31.23 -1.15 -1.79
N UNK B 437 -30.65 -1.55 -0.70
CA UNK B 437 -29.25 -1.12 -0.39
C UNK B 437 -28.30 -1.70 -1.41
N UNK B 438 -28.38 -3.00 -1.54
CA UNK B 438 -27.52 -3.74 -2.45
C UNK B 438 -27.54 -3.10 -3.82
N UNK B 439 -28.75 -2.76 -4.22
CA UNK B 439 -29.02 -2.04 -5.47
C UNK B 439 -28.36 -0.67 -5.46
N UNK B 440 -28.60 0.06 -4.40
CA UNK B 440 -28.07 1.42 -4.24
C UNK B 440 -26.54 1.40 -4.34
N UNK B 441 -25.96 0.50 -3.56
CA UNK B 441 -24.49 0.31 -3.56
C UNK B 441 -24.00 0.07 -5.00
N UNK B 442 -24.74 -0.79 -5.68
CA UNK B 442 -24.47 -1.15 -7.08
C UNK B 442 -24.60 0.08 -8.00
N UNK B 443 -25.69 0.79 -7.80
CA UNK B 443 -26.01 1.99 -8.60
C UNK B 443 -24.89 3.02 -8.47
N UNK B 444 -24.49 3.22 -7.23
CA UNK B 444 -23.44 4.20 -6.87
C UNK B 444 -22.08 3.75 -7.41
N UNK B 445 -21.65 2.60 -6.93
CA UNK B 445 -20.25 2.20 -7.02
C UNK B 445 -19.69 2.60 -8.38
N UNK B 446 -20.38 2.13 -9.40
CA UNK B 446 -20.08 2.48 -10.79
C UNK B 446 -19.94 4.00 -10.92
N UNK B 447 -20.71 4.68 -10.09
CA UNK B 447 -20.74 6.15 -10.04
C UNK B 447 -19.32 6.70 -9.94
N UNK B 448 -18.60 6.20 -8.95
CA UNK B 448 -17.20 6.59 -8.70
C UNK B 448 -16.29 6.04 -9.75
N UNK B 449 -16.43 4.74 -9.92
CA UNK B 449 -15.66 4.00 -10.87
C UNK B 449 -15.70 4.72 -12.18
N UNK B 450 -16.93 4.82 -12.61
CA UNK B 450 -17.34 5.39 -13.88
C UNK B 450 -16.90 6.86 -13.96
N UNK B 451 -16.81 7.45 -12.79
CA UNK B 451 -16.58 8.88 -12.64
C UNK B 451 -15.50 9.34 -13.58
N UNK B 452 -14.40 8.66 -13.45
CA UNK B 452 -13.15 9.03 -14.08
C UNK B 452 -12.97 8.29 -15.36
N UNK B 453 -14.07 7.83 -15.86
CA UNK B 453 -14.19 7.54 -17.25
C UNK B 453 -14.00 8.81 -18.03
N UNK B 454 -12.76 9.14 -18.21
CA UNK B 454 -12.37 10.40 -18.84
C UNK B 454 -12.99 10.51 -20.21
N UNK B 455 -13.17 9.37 -20.81
CA UNK B 455 -13.53 9.26 -22.22
C UNK B 455 -15.01 9.04 -22.39
N UNK B 456 -15.47 9.40 -23.57
CA UNK B 456 -16.75 8.96 -24.08
C UNK B 456 -16.78 7.47 -24.06
N UNK B 457 -16.11 6.94 -25.08
CA UNK B 457 -16.12 5.52 -25.45
C UNK B 457 -16.52 4.65 -24.24
N UNK B 458 -15.91 4.97 -23.10
CA UNK B 458 -16.13 4.20 -21.84
C UNK B 458 -17.49 4.58 -21.24
N UNK B 459 -17.62 5.86 -20.97
CA UNK B 459 -18.84 6.42 -20.37
C UNK B 459 -20.05 6.07 -21.23
N UNK B 460 -19.77 5.67 -22.44
CA UNK B 460 -20.82 5.30 -23.42
C UNK B 460 -21.02 3.79 -23.42
N UNK B 461 -19.91 3.07 -23.47
CA UNK B 461 -19.96 1.61 -23.48
C UNK B 461 -20.30 1.09 -22.09
N UNK B 462 -19.35 1.31 -21.18
CA UNK B 462 -19.58 1.04 -19.77
C UNK B 462 -21.07 0.95 -19.51
N UNK B 463 -21.70 2.09 -19.46
CA UNK B 463 -23.21 2.17 -19.41
C UNK B 463 -24.07 1.07 -20.43
N UNK B 464 -23.61 0.74 -21.68
CA UNK B 464 -24.45 -0.24 -22.62
C UNK B 464 -24.47 -1.70 -22.06
N UNK B 465 -23.36 -2.38 -22.24
CA UNK B 465 -23.09 -3.66 -21.59
C UNK B 465 -23.91 -3.74 -20.31
N UNK B 466 -24.28 -2.55 -19.86
CA UNK B 466 -25.08 -2.36 -18.65
C UNK B 466 -26.56 -2.60 -18.96
N UNK B 467 -27.15 -1.60 -19.61
CA UNK B 467 -28.55 -1.65 -20.01
C UNK B 467 -29.00 -3.09 -20.22
N UNK B 468 -28.18 -3.80 -20.99
CA UNK B 468 -28.40 -5.21 -21.29
C UNK B 468 -28.76 -5.97 -20.02
N UNK B 469 -28.07 -5.60 -18.96
CA UNK B 469 -28.25 -6.22 -17.64
C UNK B 469 -29.56 -5.66 -16.98
N UNK B 470 -29.65 -4.32 -16.86
CA UNK B 470 -30.83 -3.68 -16.19
C UNK B 470 -30.95 -2.19 -16.56
N UNK B 471 -32.17 -1.83 -16.97
CA UNK B 471 -32.56 -0.44 -17.30
C UNK B 471 -32.38 0.45 -16.06
N UNK B 472 -32.70 -0.13 -14.93
CA UNK B 472 -32.50 0.51 -13.62
C UNK B 472 -31.02 0.81 -13.41
N UNK B 473 -30.24 -0.25 -13.49
CA UNK B 473 -28.78 -0.17 -13.37
C UNK B 473 -28.26 1.04 -14.17
N UNK B 474 -28.81 1.17 -15.39
CA UNK B 474 -28.37 2.20 -16.41
C UNK B 474 -29.12 3.57 -16.21
N UNK B 475 -30.43 3.63 -16.63
CA UNK B 475 -31.27 4.86 -16.41
C UNK B 475 -30.98 5.40 -15.02
N UNK B 476 -30.02 4.76 -14.39
CA UNK B 476 -29.58 5.10 -13.04
C UNK B 476 -28.17 5.70 -13.08
N UNK B 477 -27.23 4.85 -13.41
CA UNK B 477 -25.82 5.24 -13.49
C UNK B 477 -25.60 6.20 -14.67
N UNK B 478 -26.65 6.34 -15.44
CA UNK B 478 -26.63 7.22 -16.63
C UNK B 478 -26.41 8.71 -16.25
N UNK B 479 -26.77 9.04 -15.01
CA UNK B 479 -26.86 10.45 -14.52
C UNK B 479 -25.47 10.95 -14.13
N UNK B 480 -24.93 10.32 -13.09
CA UNK B 480 -23.58 10.60 -12.62
C UNK B 480 -22.68 10.92 -13.82
N UNK B 481 -22.42 9.88 -14.62
CA UNK B 481 -21.87 10.03 -15.98
C UNK B 481 -22.78 11.01 -16.77
N UNK B 482 -23.01 10.72 -18.05
CA UNK B 482 -23.76 11.64 -18.96
C UNK B 482 -24.93 10.90 -19.68
N UNK B 483 -24.54 9.98 -20.55
CA UNK B 483 -25.44 9.37 -21.60
C UNK B 483 -26.74 8.74 -21.00
N UNK B 484 -27.79 8.68 -21.90
CA UNK B 484 -29.20 8.15 -21.59
C UNK B 484 -29.35 6.70 -22.08
N UNK B 485 -30.27 5.97 -21.37
CA UNK B 485 -30.41 4.50 -21.49
C UNK B 485 -31.76 4.11 -22.16
N UNK B 486 -31.72 3.93 -23.48
CA UNK B 486 -32.81 3.26 -24.24
C UNK B 486 -33.08 1.86 -23.61
N UNK B 487 -33.95 1.08 -24.27
CA UNK B 487 -34.50 -0.20 -23.68
C UNK B 487 -34.11 -1.47 -24.57
N UNK B 488 -33.38 -2.43 -23.95
CA UNK B 488 -32.84 -3.66 -24.69
C UNK B 488 -33.35 -4.98 -24.01
N UNK B 489 -34.52 -5.41 -24.48
CA UNK B 489 -35.29 -6.56 -23.87
C UNK B 489 -34.35 -7.80 -23.55
N UNK B 490 -34.14 -8.55 -24.62
CA UNK B 490 -33.54 -9.96 -24.70
C UNK B 490 -32.69 -10.40 -23.44
N UNK B 491 -33.01 -9.87 -22.29
CA UNK B 491 -32.36 -10.34 -21.02
C UNK B 491 -33.41 -10.37 -19.81
N UNK B 492 -34.42 -9.51 -19.97
CA UNK B 492 -35.26 -8.97 -18.86
C UNK B 492 -36.08 -10.07 -18.11
N UNK B 493 -35.38 -10.99 -17.47
CA UNK B 493 -36.04 -12.04 -16.63
C UNK B 493 -36.07 -11.62 -15.12
N UNK B 494 -37.16 -10.95 -14.73
CA UNK B 494 -37.36 -10.42 -13.32
C UNK B 494 -37.19 -11.54 -12.31
N UNK B 495 -35.99 -12.08 -12.28
CA UNK B 495 -35.69 -13.33 -11.58
C UNK B 495 -35.07 -13.05 -10.20
N UNK B 496 -34.97 -14.13 -9.42
CA UNK B 496 -34.48 -14.07 -8.03
C UNK B 496 -33.77 -15.35 -7.65
N UNK B 497 -32.65 -15.17 -7.01
CA UNK B 497 -32.10 -16.16 -6.10
C UNK B 497 -31.94 -15.54 -4.73
N UNK B 498 -31.76 -16.45 -3.80
CA UNK B 498 -31.82 -16.17 -2.38
C UNK B 498 -30.62 -15.36 -1.94
N UNK B 499 -30.45 -15.36 -0.63
CA UNK B 499 -29.34 -14.71 0.03
C UNK B 499 -28.07 -14.84 -0.83
N UNK B 500 -27.99 -13.96 -1.82
CA UNK B 500 -26.82 -13.86 -2.71
C UNK B 500 -26.34 -12.47 -2.74
N UNK B 501 -25.80 -12.08 -1.64
CA UNK B 501 -25.58 -10.71 -1.38
C UNK B 501 -24.57 -10.52 -0.31
N UNK B 502 -24.60 -9.34 0.18
CA UNK B 502 -24.01 -8.98 1.44
C UNK B 502 -25.12 -8.80 2.47
N UNK B 503 -25.91 -7.75 2.24
CA UNK B 503 -26.81 -7.15 3.26
C UNK B 503 -28.03 -8.09 3.58
N UNK B 504 -27.72 -8.96 4.59
CA UNK B 504 -28.69 -9.84 5.37
C UNK B 504 -27.95 -10.36 6.70
N UNK B 505 -28.74 -10.76 7.77
CA UNK B 505 -28.27 -10.80 9.27
C UNK B 505 -27.04 -11.82 9.54
N UNK B 506 -26.47 -11.71 10.83
CA UNK B 506 -25.12 -12.38 11.29
C UNK B 506 -25.35 -13.85 11.81
N UNK B 507 -24.46 -14.28 12.80
CA UNK B 507 -24.45 -15.73 13.31
C UNK B 507 -23.51 -15.93 14.49
N UNK B 508 -22.50 -15.14 14.49
CA UNK B 508 -21.52 -15.08 15.56
C UNK B 508 -21.04 -13.61 15.76
N UNK B 509 -21.72 -12.94 16.69
CA UNK B 509 -21.43 -11.51 17.03
C UNK B 509 -20.13 -11.41 17.85
N UNK B 510 -19.05 -11.12 17.12
CA UNK B 510 -17.66 -11.27 17.62
C UNK B 510 -17.26 -10.05 18.50
N UNK B 511 -16.56 -9.10 17.85
CA UNK B 511 -15.57 -8.21 18.55
C UNK B 511 -16.16 -6.80 18.93
N UNK B 512 -15.48 -5.76 18.38
CA UNK B 512 -15.28 -4.41 19.06
C UNK B 512 -16.59 -3.61 19.23
N UNK B 513 -16.66 -2.94 20.40
CA UNK B 513 -17.71 -1.94 20.76
C UNK B 513 -17.07 -0.68 21.39
N UNK B 514 -17.07 0.39 20.60
CA UNK B 514 -16.28 1.61 20.90
C UNK B 514 -17.08 2.61 21.72
N UNK B 515 -16.41 2.99 22.82
CA UNK B 515 -16.95 3.84 23.88
C UNK B 515 -16.09 5.08 24.04
N UNK B 516 -16.64 6.03 24.72
CA UNK B 516 -16.04 7.33 24.85
C UNK B 516 -16.26 7.85 26.25
N UNK B 517 -15.16 7.99 26.95
CA UNK B 517 -15.13 8.41 28.34
C UNK B 517 -14.39 9.73 28.44
N UNK B 518 -14.05 10.09 29.63
CA UNK B 518 -13.15 11.18 29.85
C UNK B 518 -12.55 11.15 31.26
N UNK B 519 -11.23 10.91 31.21
CA UNK B 519 -10.30 11.06 32.33
C UNK B 519 -10.82 12.05 33.36
N UNK B 520 -11.28 13.17 32.90
CA UNK B 520 -12.16 13.97 33.69
C UNK B 520 -13.10 13.02 34.42
N UNK B 521 -14.32 13.44 34.56
CA UNK B 521 -15.36 12.63 35.24
C UNK B 521 -15.08 11.10 35.09
N UNK B 522 -14.23 10.61 35.97
CA UNK B 522 -13.95 9.15 36.13
C UNK B 522 -15.16 8.31 35.70
N UNK B 523 -16.30 8.69 36.27
CA UNK B 523 -17.56 7.92 36.19
C UNK B 523 -17.50 6.89 35.07
N UNK B 524 -17.15 7.37 33.89
CA UNK B 524 -17.25 6.60 32.65
C UNK B 524 -16.35 5.37 32.70
N UNK B 525 -15.09 5.63 32.95
CA UNK B 525 -14.06 4.59 32.93
C UNK B 525 -14.69 3.29 33.44
N UNK B 526 -15.76 3.50 34.19
CA UNK B 526 -16.61 2.42 34.73
C UNK B 526 -17.17 1.55 33.59
N UNK B 527 -17.50 2.19 32.49
CA UNK B 527 -18.26 1.58 31.40
C UNK B 527 -17.66 0.21 31.04
N UNK B 528 -16.38 0.22 30.78
CA UNK B 528 -15.71 -0.92 30.16
C UNK B 528 -16.14 -2.21 30.86
N UNK B 529 -15.69 -2.34 32.09
CA UNK B 529 -16.03 -3.49 32.92
C UNK B 529 -17.55 -3.63 32.96
N UNK B 530 -18.17 -2.47 32.99
CA UNK B 530 -19.63 -2.34 33.01
C UNK B 530 -20.28 -3.05 31.76
N UNK B 531 -19.87 -2.60 30.51
CA UNK B 531 -20.32 -3.25 29.17
C UNK B 531 -19.27 -4.42 28.64
N UNK B 532 -18.67 -4.79 29.49
CA UNK B 532 -17.84 -5.96 29.18
C UNK B 532 -18.41 -7.22 29.85
N UNK B 533 -19.71 -7.34 29.73
CA UNK B 533 -20.63 -8.57 30.51
C UNK B 533 -21.11 -9.05 28.88
N UNK B 534 -20.92 -8.12 27.74
CA UNK B 534 -20.97 -8.55 26.10
C UNK B 534 -20.11 -10.03 25.93
N UNK B 535 -19.17 -10.46 27.04
CA UNK B 535 -18.33 -11.92 27.10
C UNK B 535 -19.12 -13.02 26.33
N UNK B 536 -20.44 -13.05 26.57
CA UNK B 536 -21.37 -14.02 25.90
C UNK B 536 -21.21 -13.95 24.38
N UNK B 537 -20.77 -12.82 23.97
CA UNK B 537 -20.12 -12.63 22.69
C UNK B 537 -18.78 -12.07 22.97
N UNK B 538 -18.04 -11.87 21.92
CA UNK B 538 -16.63 -11.45 22.01
C UNK B 538 -16.52 -9.96 21.87
N UNK B 539 -17.41 -9.28 22.54
CA UNK B 539 -17.33 -7.86 22.67
C UNK B 539 -15.91 -7.50 22.81
N UNK B 540 -15.63 -6.42 22.32
CA UNK B 540 -14.45 -5.76 22.63
C UNK B 540 -14.79 -4.38 22.96
N UNK B 541 -14.68 -4.12 24.19
CA UNK B 541 -14.96 -2.84 24.72
C UNK B 541 -13.73 -2.12 24.86
N UNK B 542 -13.57 -1.30 23.93
CA UNK B 542 -12.47 -0.47 23.83
C UNK B 542 -12.88 0.95 24.27
N UNK B 543 -12.16 1.43 25.31
CA UNK B 543 -12.62 2.58 26.18
C UNK B 543 -11.74 3.91 25.94
N UNK B 544 -12.13 4.74 24.94
CA UNK B 544 -11.27 5.93 24.45
C UNK B 544 -11.28 7.14 25.47
N UNK B 545 -10.11 7.83 25.53
CA UNK B 545 -9.90 9.09 26.33
C UNK B 545 -8.53 9.68 26.05
N UNK B 546 -8.41 10.94 26.38
CA UNK B 546 -7.19 11.70 26.20
C UNK B 546 -5.96 10.82 26.49
N UNK B 547 -5.99 10.11 27.68
CA UNK B 547 -4.71 9.61 28.37
C UNK B 547 -4.91 8.20 29.17
N UNK B 548 -3.72 7.69 29.78
CA UNK B 548 -3.55 6.18 30.19
C UNK B 548 -3.89 5.89 31.70
N UNK B 549 -5.10 5.33 31.81
CA UNK B 549 -5.55 4.45 32.93
C UNK B 549 -6.15 3.19 32.33
N UNK B 550 -6.92 2.50 33.13
CA UNK B 550 -7.72 1.37 32.65
C UNK B 550 -8.45 1.77 31.37
N UNK B 551 -7.71 1.72 30.26
CA UNK B 551 -8.22 2.32 29.00
C UNK B 551 -7.55 1.72 27.78
N UNK B 552 -8.32 1.18 26.85
CA UNK B 552 -7.83 0.97 25.50
C UNK B 552 -6.81 2.09 25.11
N UNK B 553 -7.28 3.16 24.35
CA UNK B 553 -6.33 4.25 23.79
C UNK B 553 -7.07 5.68 23.61
N UNK B 554 -6.33 6.62 22.85
CA UNK B 554 -6.65 8.14 22.79
C UNK B 554 -7.08 8.62 21.23
N UNK B 555 -7.70 9.91 21.09
CA UNK B 555 -8.26 10.48 19.68
C UNK B 555 -7.52 9.80 18.51
N UNK B 556 -6.18 9.85 18.62
CA UNK B 556 -5.29 8.83 18.05
C UNK B 556 -6.15 7.49 17.84
N UNK B 557 -7.55 7.59 18.17
CA UNK B 557 -8.65 6.51 17.79
C UNK B 557 -9.70 7.12 16.77
N UNK B 558 -10.45 6.22 16.06
CA UNK B 558 -11.31 6.65 14.89
C UNK B 558 -12.74 6.04 14.94
N UNK B 559 -13.31 5.95 13.80
CA UNK B 559 -14.61 5.37 13.64
C UNK B 559 -14.46 4.06 12.95
N UNK B 560 -13.64 4.13 11.92
CA UNK B 560 -13.12 2.95 11.25
C UNK B 560 -13.05 1.79 12.24
N UNK B 561 -12.06 1.89 13.12
CA UNK B 561 -11.73 0.82 14.08
C UNK B 561 -13.02 0.16 14.63
N UNK B 562 -13.37 0.59 15.84
CA UNK B 562 -14.35 -0.11 16.76
C UNK B 562 -15.82 0.03 16.24
N UNK B 563 -16.46 -1.14 16.06
CA UNK B 563 -17.68 -1.31 15.21
C UNK B 563 -18.91 -0.45 15.74
N UNK B 564 -18.86 -0.04 17.05
CA UNK B 564 -20.09 0.59 17.75
C UNK B 564 -19.68 1.66 18.81
N UNK B 565 -19.89 2.95 18.45
CA UNK B 565 -19.51 4.12 19.33
C UNK B 565 -20.69 4.51 20.27
N UNK B 566 -20.41 4.47 21.58
CA UNK B 566 -21.37 4.92 22.65
C UNK B 566 -20.75 6.08 23.48
N UNK B 567 -21.64 6.97 23.94
CA UNK B 567 -21.28 8.07 24.88
C UNK B 567 -20.98 7.48 26.27
N UNK B 568 -21.07 8.36 27.22
CA UNK B 568 -20.92 8.05 28.64
C UNK B 568 -21.65 9.13 29.43
N UNK B 569 -21.22 9.31 30.63
CA UNK B 569 -21.43 10.56 31.35
C UNK B 569 -20.54 11.68 30.72
N UNK B 570 -19.83 12.42 31.58
CA UNK B 570 -19.00 13.60 31.13
C UNK B 570 -18.81 13.57 29.59
N UNK B 571 -19.44 14.54 28.90
CA UNK B 571 -19.71 14.42 27.43
C UNK B 571 -19.73 15.81 26.68
N UNK B 572 -19.14 16.84 27.33
CA UNK B 572 -18.86 18.17 26.65
C UNK B 572 -17.91 17.96 25.57
N UNK B 573 -17.63 16.71 25.43
CA UNK B 573 -16.78 16.22 24.39
C UNK B 573 -17.63 15.96 23.16
N UNK B 574 -18.43 16.99 22.74
CA UNK B 574 -19.32 16.82 21.54
C UNK B 574 -20.42 17.93 21.37
N UNK B 575 -19.97 19.09 21.02
CA UNK B 575 -20.87 20.20 20.62
C UNK B 575 -20.52 20.60 19.18
N UNK B 576 -20.94 21.81 18.81
CA UNK B 576 -20.52 22.45 17.52
C UNK B 576 -19.36 23.40 17.76
N UNK B 577 -18.16 22.92 17.44
CA UNK B 577 -16.94 23.51 17.97
C UNK B 577 -15.72 23.32 17.03
N UNK B 578 -15.71 22.30 16.24
CA UNK B 578 -14.60 22.10 15.27
C UNK B 578 -14.25 23.46 14.62
N UNK B 579 -14.89 24.50 15.13
CA UNK B 579 -14.77 25.85 14.60
C UNK B 579 -14.61 26.87 15.73
N UNK B 580 -14.09 26.38 16.83
CA UNK B 580 -13.85 27.21 18.01
C UNK B 580 -12.61 28.08 17.82
N UNK B 581 -12.52 29.15 18.57
CA UNK B 581 -11.38 30.06 18.48
C UNK B 581 -10.19 29.50 19.26
N UNK B 582 -9.69 28.37 18.79
CA UNK B 582 -8.56 27.71 19.45
C UNK B 582 -7.85 28.70 20.38
N UNK B 583 -8.55 29.01 21.46
CA UNK B 583 -8.03 29.81 22.57
C UNK B 583 -8.55 29.20 23.98
N UNK B 584 -8.88 30.10 24.93
CA UNK B 584 -8.79 29.81 26.44
C UNK B 584 -9.69 28.58 26.95
N UNK B 585 -10.76 28.24 26.21
CA UNK B 585 -11.48 26.92 26.44
C UNK B 585 -10.78 25.83 25.59
N UNK B 586 -10.19 24.86 26.30
CA UNK B 586 -8.94 24.16 25.82
C UNK B 586 -9.24 22.92 24.90
N UNK B 587 -8.11 22.40 24.34
CA UNK B 587 -8.05 21.13 23.54
C UNK B 587 -6.56 20.75 23.24
N UNK B 588 -6.14 19.57 23.74
CA UNK B 588 -4.68 19.22 23.82
C UNK B 588 -4.40 17.80 23.41
N UNK B 589 -4.17 16.97 24.40
CA UNK B 589 -4.19 15.54 24.19
C UNK B 589 -5.15 15.23 23.04
N UNK B 590 -4.52 15.03 21.87
CA UNK B 590 -5.19 14.90 20.53
C UNK B 590 -6.60 14.51 20.68
N UNK B 591 -7.39 15.46 20.41
CA UNK B 591 -8.77 15.30 20.22
C UNK B 591 -9.25 16.35 19.29
N UNK B 592 -8.53 16.48 18.20
CA UNK B 592 -8.76 17.57 17.25
C UNK B 592 -10.15 18.16 17.47
N UNK B 593 -11.04 17.73 16.56
CA UNK B 593 -12.48 18.01 16.60
C UNK B 593 -13.17 16.70 16.49
N UNK B 594 -12.53 15.76 17.14
CA UNK B 594 -12.69 14.34 16.92
C UNK B 594 -14.02 13.87 17.49
N UNK B 595 -14.13 13.96 18.79
CA UNK B 595 -15.27 13.45 19.55
C UNK B 595 -16.49 13.30 18.62
N UNK B 596 -17.24 14.38 18.56
CA UNK B 596 -18.46 14.46 17.74
C UNK B 596 -18.27 13.66 16.44
N UNK B 597 -17.12 13.88 15.84
CA UNK B 597 -16.75 13.26 14.56
C UNK B 597 -17.05 11.76 14.61
N UNK B 598 -16.56 11.14 15.66
CA UNK B 598 -16.73 9.71 15.86
C UNK B 598 -18.20 9.34 15.76
N UNK B 599 -19.00 10.09 16.48
CA UNK B 599 -20.45 9.89 16.53
C UNK B 599 -21.06 10.07 15.14
N UNK B 600 -20.83 11.24 14.60
CA UNK B 600 -21.33 11.61 13.27
C UNK B 600 -20.93 10.54 12.28
N UNK B 601 -19.74 10.05 12.49
CA UNK B 601 -19.15 9.01 11.67
C UNK B 601 -20.09 7.80 11.61
N UNK B 602 -20.07 7.03 12.69
CA UNK B 602 -20.91 5.83 12.77
C UNK B 602 -22.20 6.06 11.97
N UNK B 603 -22.99 7.01 12.43
CA UNK B 603 -24.27 7.32 11.76
C UNK B 603 -24.01 7.70 10.30
N UNK B 604 -23.28 8.76 10.17
CA UNK B 604 -22.81 9.28 8.91
C UNK B 604 -22.13 8.15 8.17
N UNK B 605 -22.42 6.98 8.72
CA UNK B 605 -22.18 5.71 8.08
C UNK B 605 -23.44 4.89 8.15
N UNK B 606 -23.27 3.78 8.74
CA UNK B 606 -24.35 2.92 9.10
C UNK B 606 -23.89 2.00 10.15
N UNK B 607 -24.31 2.30 11.31
CA UNK B 607 -23.90 1.57 12.47
C UNK B 607 -24.92 1.70 13.54
N UNK B 608 -24.45 1.50 14.77
CA UNK B 608 -25.30 1.43 15.95
C UNK B 608 -24.74 2.27 17.15
N UNK B 609 -25.33 3.48 17.36
CA UNK B 609 -24.82 4.48 18.41
C UNK B 609 -25.78 4.56 19.67
N UNK B 610 -25.23 5.15 20.85
CA UNK B 610 -26.05 5.26 22.15
C UNK B 610 -25.40 6.04 23.24
N UNK B 611 -26.13 6.04 24.32
CA UNK B 611 -25.86 6.83 25.47
C UNK B 611 -26.33 6.09 26.66
N UNK B 612 -25.43 5.70 27.48
CA UNK B 612 -25.78 5.27 28.80
C UNK B 612 -26.79 6.29 29.38
N UNK B 613 -26.24 7.41 29.85
CA UNK B 613 -27.03 8.59 30.30
C UNK B 613 -26.50 9.90 29.62
N UNK B 614 -26.17 10.85 30.49
CA UNK B 614 -25.83 12.28 30.11
C UNK B 614 -25.44 12.40 28.60
N UNK B 615 -24.64 11.44 28.14
CA UNK B 615 -24.16 11.40 26.72
C UNK B 615 -25.35 11.52 25.81
N UNK B 616 -26.47 11.27 26.41
CA UNK B 616 -27.73 11.49 25.79
C UNK B 616 -27.73 12.86 25.10
N UNK B 617 -26.72 13.67 25.46
CA UNK B 617 -26.45 15.00 24.82
C UNK B 617 -25.62 14.83 23.47
N UNK B 618 -24.54 13.99 23.50
CA UNK B 618 -23.77 13.65 22.23
C UNK B 618 -24.76 13.45 21.11
N UNK B 619 -25.70 12.63 21.43
CA UNK B 619 -26.82 12.28 20.60
C UNK B 619 -27.61 13.51 20.17
N UNK B 620 -27.40 14.55 20.87
CA UNK B 620 -28.13 15.78 20.65
C UNK B 620 -27.28 16.76 19.95
N UNK B 621 -26.24 16.24 19.37
CA UNK B 621 -25.63 16.85 18.24
C UNK B 621 -26.67 17.02 17.16
N UNK B 622 -27.20 15.87 16.73
CA UNK B 622 -28.33 15.82 15.80
C UNK B 622 -28.83 14.37 15.57
N UNK B 623 -28.79 13.56 16.61
CA UNK B 623 -29.33 12.17 16.57
C UNK B 623 -30.85 12.16 16.98
N UNK B 624 -31.48 10.97 16.76
CA UNK B 624 -32.94 10.72 17.15
C UNK B 624 -33.07 9.29 17.71
N UNK B 625 -32.60 9.18 18.95
CA UNK B 625 -32.81 8.00 19.83
C UNK B 625 -34.18 7.37 19.55
N UNK B 626 -34.92 8.04 18.70
CA UNK B 626 -36.25 7.59 18.28
C UNK B 626 -36.16 7.04 16.90
N UNK B 627 -35.17 6.24 16.75
CA UNK B 627 -34.64 5.88 15.48
C UNK B 627 -33.70 4.71 15.67
N UNK B 628 -33.12 4.29 14.60
CA UNK B 628 -32.27 3.10 14.58
C UNK B 628 -31.51 2.95 15.91
N UNK B 629 -31.19 4.11 16.50
CA UNK B 629 -30.14 4.23 17.57
C UNK B 629 -30.74 4.04 18.98
N UNK B 630 -29.99 3.26 19.79
CA UNK B 630 -30.41 2.82 21.15
C UNK B 630 -29.98 3.88 22.24
N UNK B 631 -30.78 3.92 23.36
CA UNK B 631 -30.57 4.88 24.52
C UNK B 631 -30.97 4.21 25.88
N UNK B 632 -30.01 4.23 26.83
CA UNK B 632 -30.17 3.58 28.19
C UNK B 632 -30.00 4.60 29.30
N UNK B 633 -29.64 4.06 30.45
CA UNK B 633 -29.14 4.82 31.62
C UNK B 633 -27.80 4.25 32.01
N UNK B 634 -27.85 2.99 32.35
CA UNK B 634 -26.68 2.23 32.75
C UNK B 634 -26.51 0.93 31.83
N UNK B 635 -26.41 -0.28 32.48
CA UNK B 635 -25.66 -1.50 31.92
C UNK B 635 -26.60 -2.52 31.07
N UNK B 636 -27.73 -2.94 31.70
CA UNK B 636 -28.46 -4.27 31.34
C UNK B 636 -29.09 -4.25 29.91
N UNK B 637 -30.23 -3.56 29.80
CA UNK B 637 -30.99 -3.46 28.52
C UNK B 637 -30.03 -3.13 27.39
N UNK B 638 -28.82 -2.82 27.84
CA UNK B 638 -27.73 -2.34 26.97
C UNK B 638 -27.35 -3.43 25.94
N UNK B 639 -26.81 -4.53 26.45
CA UNK B 639 -26.48 -5.66 25.60
C UNK B 639 -27.69 -6.03 24.87
N UNK B 640 -28.74 -6.07 25.64
CA UNK B 640 -30.04 -6.36 25.15
C UNK B 640 -30.30 -5.54 23.92
N UNK B 641 -30.13 -4.26 24.09
CA UNK B 641 -30.30 -3.27 23.00
C UNK B 641 -29.16 -3.46 21.82
N UNK B 642 -27.80 -3.43 22.27
CA UNK B 642 -26.52 -3.42 21.33
C UNK B 642 -26.48 -4.61 20.27
N UNK B 643 -26.62 -5.86 20.77
CA UNK B 643 -26.66 -7.08 19.90
C UNK B 643 -27.76 -6.94 18.86
N UNK B 644 -28.83 -6.34 19.27
CA UNK B 644 -29.89 -5.93 18.36
C UNK B 644 -29.24 -5.30 17.14
N UNK B 645 -28.06 -4.73 17.40
CA UNK B 645 -27.26 -3.96 16.43
C UNK B 645 -26.35 -4.90 15.60
N UNK B 646 -25.42 -5.52 16.29
CA UNK B 646 -24.45 -6.44 15.66
C UNK B 646 -25.12 -7.18 14.52
N UNK B 647 -26.38 -7.44 14.79
CA UNK B 647 -27.26 -8.17 13.90
C UNK B 647 -27.78 -7.33 12.77
N UNK B 648 -27.15 -6.24 12.55
CA UNK B 648 -27.61 -5.32 11.52
C UNK B 648 -26.63 -4.24 11.31
N UNK B 649 -25.46 -4.56 11.59
CA UNK B 649 -24.40 -3.61 11.58
C UNK B 649 -24.28 -2.99 10.17
N UNK B 650 -25.34 -2.30 9.77
CA UNK B 650 -25.39 -1.59 8.48
C UNK B 650 -26.65 -0.78 8.39
N UNK B 651 -27.41 -0.83 9.45
CA UNK B 651 -28.63 -0.08 9.53
C UNK B 651 -28.79 0.72 8.27
N UNK B 652 -29.66 0.21 7.44
CA UNK B 652 -29.79 0.65 6.06
C UNK B 652 -30.65 1.89 5.99
N UNK B 653 -31.34 2.16 7.07
CA UNK B 653 -32.30 3.25 7.13
C UNK B 653 -31.70 4.54 6.50
N UNK B 654 -30.37 4.66 6.62
CA UNK B 654 -29.62 5.85 6.17
C UNK B 654 -29.51 5.86 4.61
N UNK B 655 -28.47 5.19 4.12
CA UNK B 655 -28.16 5.15 2.66
C UNK B 655 -29.43 5.49 1.81
N UNK B 656 -29.21 6.45 0.87
CA UNK B 656 -30.29 7.17 0.14
C UNK B 656 -30.71 6.39 -1.12
N UNK B 657 -32.00 6.07 -1.19
CA UNK B 657 -32.55 5.10 -2.16
C UNK B 657 -32.88 5.79 -3.52
N UNK B 658 -34.09 5.50 -3.98
CA UNK B 658 -34.53 5.81 -5.36
C UNK B 658 -33.58 6.86 -6.01
N UNK B 659 -32.46 6.36 -6.63
CA UNK B 659 -31.36 7.26 -7.14
C UNK B 659 -30.51 6.60 -8.23
#